data_6N8D
#
_entry.id   6N8D
#
_cell.length_a   147.369
_cell.length_b   157.356
_cell.length_c   110.362
_cell.angle_alpha   90.00
_cell.angle_beta   112.93
_cell.angle_gamma   90.00
#
_symmetry.space_group_name_H-M   'C 1 2 1'
#
loop_
_entity.id
_entity.type
_entity.pdbx_description
1 polymer 'Major capsid protein'
2 polymer 'A1431 Fab light chain'
3 polymer 'A1431 Fab heavy chain'
#
loop_
_entity_poly.entity_id
_entity_poly.type
_entity_poly.pdbx_seq_one_letter_code
_entity_poly.pdbx_strand_id
1 'polypeptide(L)'
;GPSKPFTVPILTVEEMTNSRFPIPLEKLFTGPSGAFVVQPQNGRCTTDGVLLGTTQLSPVNICTFRGDVTHIAGTHNYTM
NLASQNWNNYDPTEEIPAPLGTPDFVGRIQGMLTQTTRGDGSTRGHKATVSTGDVHFTPKLGSIQFNTDTNNDFETGQNT
KFTPVGVVQDGNGAHQNEPQQWVLPSYSGRTGHNVHLAPAVAPTFPGEQLLFFRSTMPGCSGYPNMNLDCLLPQEWVQHF
YQEAAPAQSDVALLRFVNPDTGRVLFECKLHKSGYVTVAHTGQHDLVIPPNGYFRFDSWVNQFYTLAPM
;
C,A
2 'polypeptide(L)'
;EIVLTQSPASLSLSPGERATLSCKASRSISIYLAWYQQKPGQAPRLLIYDASYRAIGIPARFSGSGSGTDFTLTISNLEP
EDFAVYYCQHRSSWPALTFGGGTKVEIKRTVAAPSVFIFPPSDEQLKSGTASVVCLLNNFYPREAKVQWKVDNALQSGNS
QESVTEQDSKDSTYSLSSTLTLSKADYEKHKVYACEVTHQGLSSPVTKSFNRGEC
;
E,B
3 'polypeptide(L)'
;QVQLVQSGGGLVQPGGSLRLSCAASGFAFSNHGMHWVRQAPGKGLEWLSYISGSTGAIHYANSVKGRFTISRDNARNSLD
LQMNSLGDEDTAVYYCARDGPRPDGTGYAGPSNDYWGQGTLVSVSSASTKGPSVFPLAPSSKSTSGGTAALGCLVKDYFP
EPVTVSWNSGALTSGVHTFPAVLQSSGLYSLSSVVTVPSSSLGTQTYICNVNHKPSNTKVDKKVEPKSCDKGLEVLFQ
;
F,D
#
# COMPACT_ATOMS: atom_id res chain seq x y z
N LYS A 4 -22.41 31.72 -28.39
CA LYS A 4 -23.57 31.36 -27.58
C LYS A 4 -23.21 30.60 -26.30
N PRO A 5 -23.70 31.09 -25.16
CA PRO A 5 -23.33 30.48 -23.88
C PRO A 5 -23.85 29.06 -23.74
N PHE A 6 -22.99 28.20 -23.20
CA PHE A 6 -23.32 26.81 -22.98
C PHE A 6 -24.14 26.64 -21.71
N THR A 7 -25.10 25.71 -21.74
CA THR A 7 -25.93 25.42 -20.59
C THR A 7 -26.28 23.93 -20.58
N VAL A 8 -26.64 23.42 -19.40
CA VAL A 8 -27.21 22.08 -19.28
C VAL A 8 -28.62 22.16 -18.72
N PRO A 9 -29.52 21.26 -19.11
CA PRO A 9 -30.90 21.36 -18.63
C PRO A 9 -30.98 21.27 -17.11
N ILE A 10 -32.00 21.92 -16.55
CA ILE A 10 -32.21 21.93 -15.11
C ILE A 10 -33.23 20.88 -14.71
N LEU A 11 -33.08 19.68 -15.24
CA LEU A 11 -33.93 18.58 -14.85
C LEU A 11 -33.17 17.71 -13.88
N THR A 12 -33.90 17.04 -13.01
CA THR A 12 -33.27 16.17 -12.03
C THR A 12 -33.11 14.77 -12.62
N VAL A 13 -32.43 13.90 -11.87
CA VAL A 13 -32.12 12.58 -12.41
C VAL A 13 -33.38 11.75 -12.60
N GLU A 14 -34.38 11.89 -11.71
CA GLU A 14 -35.61 11.13 -11.85
C GLU A 14 -36.44 11.63 -13.02
N GLU A 15 -36.35 12.93 -13.33
CA GLU A 15 -37.08 13.53 -14.44
C GLU A 15 -36.49 13.15 -15.80
N MET A 16 -35.28 12.59 -15.84
CA MET A 16 -34.62 12.35 -17.11
C MET A 16 -34.75 10.88 -17.53
N THR A 17 -34.24 10.59 -18.73
CA THR A 17 -34.47 9.32 -19.41
C THR A 17 -33.14 8.73 -19.87
N ASN A 18 -33.08 7.40 -19.84
CA ASN A 18 -31.91 6.70 -20.35
C ASN A 18 -31.82 6.83 -21.86
N SER A 19 -30.60 6.86 -22.37
CA SER A 19 -30.37 7.04 -23.79
C SER A 19 -30.04 5.74 -24.48
N ARG A 20 -29.99 4.64 -23.73
CA ARG A 20 -29.68 3.34 -24.29
C ARG A 20 -30.84 2.35 -24.25
N PHE A 21 -31.95 2.71 -23.61
CA PHE A 21 -33.15 1.90 -23.51
C PHE A 21 -34.28 2.83 -23.06
N PRO A 22 -35.50 2.65 -23.58
CA PRO A 22 -36.59 3.57 -23.24
C PRO A 22 -37.12 3.40 -21.82
N ILE A 23 -36.32 3.75 -20.82
CA ILE A 23 -36.73 3.66 -19.42
C ILE A 23 -36.18 4.86 -18.66
N PRO A 24 -36.83 5.24 -17.58
CA PRO A 24 -36.36 6.39 -16.82
C PRO A 24 -35.02 6.13 -16.14
N LEU A 25 -34.30 7.22 -15.85
CA LEU A 25 -33.10 7.13 -15.05
C LEU A 25 -33.48 6.94 -13.59
N GLU A 26 -32.48 6.57 -12.79
CA GLU A 26 -32.74 6.18 -11.41
C GLU A 26 -31.71 6.79 -10.47
N LYS A 27 -30.43 6.64 -10.79
CA LYS A 27 -29.40 7.08 -9.88
C LYS A 27 -28.14 7.43 -10.65
N LEU A 28 -27.26 8.17 -9.99
CA LEU A 28 -25.94 8.40 -10.57
C LEU A 28 -24.99 7.37 -10.00
N PHE A 29 -24.00 7.01 -10.80
CA PHE A 29 -23.11 5.91 -10.42
C PHE A 29 -21.75 6.17 -11.05
N THR A 30 -20.69 6.08 -10.24
CA THR A 30 -19.34 6.12 -10.78
C THR A 30 -18.64 4.81 -10.45
N GLY A 31 -17.84 4.34 -11.38
CA GLY A 31 -17.15 3.09 -11.21
C GLY A 31 -15.85 3.07 -11.97
N PRO A 32 -14.94 2.19 -11.56
CA PRO A 32 -13.62 2.15 -12.20
C PRO A 32 -13.71 1.48 -13.56
N SER A 33 -13.28 2.20 -14.59
CA SER A 33 -13.16 1.61 -15.90
C SER A 33 -11.91 0.73 -15.94
N GLY A 34 -12.01 -0.39 -16.67
CA GLY A 34 -10.97 -1.40 -16.70
C GLY A 34 -11.65 -2.75 -16.69
N ALA A 35 -11.15 -3.67 -17.50
CA ALA A 35 -11.70 -5.00 -17.79
C ALA A 35 -12.88 -4.88 -18.75
N PHE A 36 -13.21 -3.68 -19.21
CA PHE A 36 -14.24 -3.54 -20.24
C PHE A 36 -14.00 -2.21 -20.92
N VAL A 37 -14.47 -2.12 -22.17
CA VAL A 37 -14.30 -0.95 -23.02
C VAL A 37 -15.62 -0.22 -23.09
N VAL A 38 -15.66 1.00 -22.57
CA VAL A 38 -16.89 1.80 -22.61
C VAL A 38 -16.99 2.41 -24.00
N GLN A 39 -17.77 1.79 -24.88
CA GLN A 39 -17.94 2.28 -26.25
C GLN A 39 -19.38 2.09 -26.70
N PRO A 40 -20.32 2.79 -26.07
CA PRO A 40 -21.72 2.72 -26.51
C PRO A 40 -21.92 3.54 -27.78
N GLN A 41 -22.98 3.20 -28.51
CA GLN A 41 -23.34 3.88 -29.75
C GLN A 41 -24.64 4.67 -29.63
N ASN A 42 -25.35 4.51 -28.52
CA ASN A 42 -26.50 5.32 -28.18
C ASN A 42 -26.12 6.28 -27.05
N GLY A 43 -26.78 7.44 -27.02
CA GLY A 43 -26.42 8.44 -26.03
C GLY A 43 -25.09 9.09 -26.30
N ARG A 44 -24.61 9.00 -27.53
CA ARG A 44 -23.36 9.63 -27.91
C ARG A 44 -23.67 10.92 -28.68
N CYS A 45 -23.22 12.03 -28.11
CA CYS A 45 -23.51 13.32 -28.68
C CYS A 45 -22.49 14.30 -28.13
N THR A 46 -21.95 15.12 -29.02
CA THR A 46 -20.97 16.11 -28.62
C THR A 46 -21.70 17.33 -28.04
N THR A 47 -20.96 18.15 -27.29
CA THR A 47 -21.57 19.31 -26.64
C THR A 47 -22.00 20.38 -27.63
N ASP A 48 -21.48 20.37 -28.86
CA ASP A 48 -21.83 21.36 -29.86
C ASP A 48 -22.92 20.88 -30.80
N GLY A 49 -23.49 19.71 -30.53
CA GLY A 49 -24.70 19.27 -31.19
C GLY A 49 -24.55 18.17 -32.21
N VAL A 50 -23.38 17.56 -32.32
CA VAL A 50 -23.15 16.52 -33.33
C VAL A 50 -23.46 15.17 -32.72
N LEU A 51 -24.43 14.48 -33.29
CA LEU A 51 -24.77 13.15 -32.84
C LEU A 51 -23.75 12.13 -33.36
N LEU A 52 -23.53 11.08 -32.57
CA LEU A 52 -22.53 10.09 -32.89
C LEU A 52 -23.15 8.70 -32.87
N GLY A 53 -22.49 7.77 -33.57
CA GLY A 53 -22.92 6.37 -33.55
C GLY A 53 -24.34 6.18 -34.04
N THR A 54 -25.13 5.44 -33.27
CA THR A 54 -26.52 5.16 -33.62
C THR A 54 -27.50 6.08 -32.88
N THR A 55 -27.05 7.28 -32.51
CA THR A 55 -27.86 8.17 -31.66
C THR A 55 -28.88 8.94 -32.49
N GLN A 56 -30.12 8.94 -32.01
CA GLN A 56 -31.14 9.82 -32.57
C GLN A 56 -31.84 10.56 -31.43
N LEU A 57 -32.90 11.30 -31.73
CA LEU A 57 -33.44 12.26 -30.77
C LEU A 57 -34.62 11.75 -29.95
N SER A 58 -35.43 10.83 -30.48
CA SER A 58 -36.62 10.42 -29.75
C SER A 58 -36.27 9.35 -28.74
N PRO A 59 -36.68 9.50 -27.47
CA PRO A 59 -36.33 8.47 -26.47
C PRO A 59 -37.18 7.23 -26.55
N VAL A 60 -38.24 7.21 -27.36
CA VAL A 60 -39.07 6.03 -27.49
C VAL A 60 -38.69 5.14 -28.67
N ASN A 61 -37.77 5.59 -29.54
CA ASN A 61 -37.32 4.78 -30.66
C ASN A 61 -36.02 4.04 -30.36
N ILE A 62 -35.65 3.94 -29.10
CA ILE A 62 -34.47 3.17 -28.74
C ILE A 62 -34.85 1.71 -28.64
N CYS A 63 -34.06 0.84 -29.27
CA CYS A 63 -34.26 -0.61 -29.26
C CYS A 63 -35.57 -1.02 -29.92
N THR A 64 -36.07 -0.23 -30.87
CA THR A 64 -37.23 -0.64 -31.65
C THR A 64 -36.83 -0.95 -33.09
N PHE A 65 -37.69 -1.68 -33.78
CA PHE A 65 -37.46 -2.07 -35.17
C PHE A 65 -38.76 -1.97 -35.94
N ARG A 66 -38.64 -1.61 -37.22
CA ARG A 66 -39.80 -1.49 -38.08
C ARG A 66 -39.49 -2.18 -39.40
N GLY A 67 -40.53 -2.71 -40.02
CA GLY A 67 -40.38 -3.35 -41.30
C GLY A 67 -41.49 -4.38 -41.50
N ASP A 68 -41.17 -5.35 -42.37
CA ASP A 68 -42.06 -6.45 -42.72
C ASP A 68 -41.44 -7.75 -42.27
N VAL A 69 -42.27 -8.77 -42.12
CA VAL A 69 -41.80 -10.03 -41.59
C VAL A 69 -41.94 -11.15 -42.62
N THR A 70 -41.44 -12.34 -42.23
CA THR A 70 -41.42 -13.54 -43.04
C THR A 70 -41.27 -14.71 -42.09
N HIS A 71 -42.16 -15.68 -42.21
CA HIS A 71 -42.09 -16.85 -41.36
C HIS A 71 -40.97 -17.76 -41.81
N ILE A 72 -40.23 -18.30 -40.84
CA ILE A 72 -39.13 -19.22 -41.07
C ILE A 72 -39.67 -20.65 -40.93
N ALA A 73 -39.60 -21.41 -42.02
CA ALA A 73 -40.18 -22.76 -42.11
C ALA A 73 -39.95 -23.61 -40.87
N GLY A 74 -41.04 -24.22 -40.38
CA GLY A 74 -40.97 -25.20 -39.31
C GLY A 74 -40.47 -24.67 -37.98
N THR A 75 -40.48 -23.36 -37.77
CA THR A 75 -40.06 -22.75 -36.53
C THR A 75 -41.17 -21.85 -36.01
N HIS A 76 -40.91 -21.25 -34.86
CA HIS A 76 -41.68 -20.10 -34.39
C HIS A 76 -40.90 -18.81 -34.61
N ASN A 77 -39.97 -18.79 -35.57
CA ASN A 77 -39.09 -17.65 -35.81
C ASN A 77 -39.51 -16.87 -37.04
N TYR A 78 -39.27 -15.55 -36.97
CA TYR A 78 -39.61 -14.62 -38.03
C TYR A 78 -38.42 -13.74 -38.34
N THR A 79 -38.23 -13.47 -39.64
CA THR A 79 -37.17 -12.59 -40.11
C THR A 79 -37.78 -11.26 -40.54
N MET A 80 -37.23 -10.18 -40.00
CA MET A 80 -37.72 -8.83 -40.29
C MET A 80 -36.78 -8.13 -41.26
N ASN A 81 -37.36 -7.54 -42.30
CA ASN A 81 -36.65 -6.70 -43.25
C ASN A 81 -36.82 -5.25 -42.82
N LEU A 82 -35.72 -4.59 -42.46
CA LEU A 82 -35.79 -3.34 -41.72
C LEU A 82 -36.19 -2.17 -42.60
N ALA A 83 -37.01 -1.29 -42.04
CA ALA A 83 -37.31 0.02 -42.60
C ALA A 83 -36.72 1.10 -41.72
N SER A 84 -36.89 2.35 -42.14
CA SER A 84 -36.44 3.48 -41.34
C SER A 84 -37.54 3.90 -40.38
N GLN A 85 -37.25 4.89 -39.53
CA GLN A 85 -38.23 5.34 -38.54
C GLN A 85 -39.51 5.86 -39.20
N ASN A 86 -39.36 6.54 -40.34
CA ASN A 86 -40.49 7.08 -41.08
C ASN A 86 -41.08 6.09 -42.08
N TRP A 87 -40.76 4.80 -41.93
CA TRP A 87 -41.23 3.69 -42.77
C TRP A 87 -40.71 3.76 -44.20
N ASN A 88 -39.83 4.69 -44.52
CA ASN A 88 -39.17 4.66 -45.82
C ASN A 88 -38.14 3.52 -45.84
N ASN A 89 -37.58 3.28 -47.02
CA ASN A 89 -36.60 2.22 -47.14
C ASN A 89 -35.33 2.55 -46.35
N TYR A 90 -34.71 1.51 -45.80
CA TYR A 90 -33.47 1.63 -45.07
C TYR A 90 -32.31 1.55 -46.04
N ASP A 91 -31.32 2.42 -45.84
CA ASP A 91 -30.17 2.48 -46.73
C ASP A 91 -28.95 1.86 -46.06
N PRO A 92 -28.61 0.61 -46.35
CA PRO A 92 -27.48 -0.03 -45.67
C PRO A 92 -26.12 0.51 -46.11
N THR A 93 -26.11 1.63 -46.84
CA THR A 93 -24.89 2.28 -47.28
C THR A 93 -24.75 3.68 -46.68
N GLU A 94 -25.44 3.93 -45.57
CA GLU A 94 -25.34 5.20 -44.84
C GLU A 94 -24.17 5.12 -43.87
N GLU A 95 -23.58 6.29 -43.58
CA GLU A 95 -22.37 6.34 -42.75
C GLU A 95 -22.71 6.24 -41.26
N ILE A 96 -23.32 5.12 -40.90
CA ILE A 96 -23.68 4.82 -39.51
C ILE A 96 -23.42 3.35 -39.24
N PRO A 97 -23.17 3.01 -37.97
CA PRO A 97 -22.92 1.60 -37.65
C PRO A 97 -24.10 0.71 -37.94
N ALA A 98 -25.31 1.23 -37.80
CA ALA A 98 -26.55 0.47 -37.87
C ALA A 98 -27.70 1.47 -37.88
N PRO A 99 -28.95 1.05 -38.11
CA PRO A 99 -30.03 2.02 -38.05
C PRO A 99 -30.06 2.71 -36.70
N LEU A 100 -30.47 3.97 -36.70
CA LEU A 100 -30.48 4.75 -35.48
C LEU A 100 -31.39 4.09 -34.46
N GLY A 101 -30.99 4.13 -33.20
CA GLY A 101 -31.75 3.53 -32.13
C GLY A 101 -31.51 2.04 -31.94
N THR A 102 -30.74 1.42 -32.83
CA THR A 102 -30.44 0.00 -32.70
C THR A 102 -29.67 -0.25 -31.40
N PRO A 103 -29.96 -1.37 -30.70
CA PRO A 103 -29.21 -1.71 -29.47
C PRO A 103 -27.71 -1.67 -29.60
N ASP A 104 -27.01 -1.45 -28.48
CA ASP A 104 -25.56 -1.40 -28.47
C ASP A 104 -25.03 -2.32 -27.38
N PHE A 105 -25.74 -3.40 -27.11
CA PHE A 105 -25.28 -4.37 -26.12
C PHE A 105 -25.76 -5.75 -26.52
N VAL A 106 -25.01 -6.75 -26.08
CA VAL A 106 -25.27 -8.14 -26.44
C VAL A 106 -26.20 -8.73 -25.41
N GLY A 107 -27.33 -9.24 -25.86
CA GLY A 107 -28.33 -9.79 -24.97
C GLY A 107 -29.58 -10.13 -25.73
N ARG A 108 -30.58 -10.58 -24.97
CA ARG A 108 -31.85 -10.99 -25.52
C ARG A 108 -32.94 -10.07 -25.00
N ILE A 109 -33.61 -9.39 -25.93
CA ILE A 109 -34.57 -8.34 -25.64
C ILE A 109 -35.97 -8.86 -25.93
N GLN A 110 -36.82 -8.84 -24.90
CA GLN A 110 -38.19 -9.31 -25.04
C GLN A 110 -39.11 -8.10 -25.17
N GLY A 111 -40.07 -8.20 -26.07
CA GLY A 111 -41.05 -7.15 -26.26
C GLY A 111 -42.25 -7.71 -26.97
N MET A 112 -42.96 -6.86 -27.71
CA MET A 112 -44.09 -7.33 -28.51
C MET A 112 -43.94 -6.91 -29.96
N LEU A 113 -44.20 -7.86 -30.86
CA LEU A 113 -44.35 -7.59 -32.27
C LEU A 113 -45.81 -7.24 -32.52
N THR A 114 -46.05 -6.11 -33.17
CA THR A 114 -47.39 -5.72 -33.55
C THR A 114 -47.46 -5.52 -35.06
N GLN A 115 -48.61 -5.82 -35.62
CA GLN A 115 -48.79 -5.72 -37.06
C GLN A 115 -50.19 -5.21 -37.34
N THR A 116 -50.30 -4.45 -38.43
CA THR A 116 -51.58 -3.92 -38.90
C THR A 116 -51.68 -4.18 -40.39
N THR A 117 -52.85 -4.62 -40.84
CA THR A 117 -53.11 -4.87 -42.25
C THR A 117 -53.74 -3.62 -42.86
N ARG A 118 -53.05 -3.04 -43.86
CA ARG A 118 -53.50 -1.78 -44.44
C ARG A 118 -54.88 -1.90 -45.06
N GLY A 119 -55.27 -3.10 -45.46
CA GLY A 119 -56.55 -3.31 -46.08
C GLY A 119 -57.73 -3.03 -45.17
N ASP A 120 -57.98 -3.92 -44.21
CA ASP A 120 -59.17 -3.86 -43.37
C ASP A 120 -58.94 -3.23 -42.00
N GLY A 121 -57.72 -2.82 -41.70
CA GLY A 121 -57.44 -2.27 -40.38
C GLY A 121 -57.48 -3.28 -39.25
N SER A 122 -57.11 -4.53 -39.52
CA SER A 122 -57.04 -5.57 -38.50
C SER A 122 -55.64 -5.64 -37.91
N THR A 123 -55.57 -6.02 -36.64
CA THR A 123 -54.33 -5.93 -35.89
C THR A 123 -54.04 -7.25 -35.18
N ARG A 124 -52.75 -7.53 -35.02
CA ARG A 124 -52.31 -8.70 -34.27
C ARG A 124 -51.02 -8.36 -33.54
N GLY A 125 -50.88 -8.89 -32.34
CA GLY A 125 -49.70 -8.68 -31.54
C GLY A 125 -49.27 -9.94 -30.79
N HIS A 126 -47.97 -10.23 -30.83
CA HIS A 126 -47.43 -11.39 -30.13
C HIS A 126 -46.11 -11.05 -29.44
N LYS A 127 -45.91 -11.64 -28.26
CA LYS A 127 -44.63 -11.53 -27.59
C LYS A 127 -43.53 -12.08 -28.49
N ALA A 128 -42.35 -11.47 -28.40
CA ALA A 128 -41.24 -11.87 -29.24
C ALA A 128 -39.94 -11.50 -28.57
N THR A 129 -38.88 -12.19 -28.98
CA THR A 129 -37.57 -12.07 -28.36
C THR A 129 -36.55 -11.91 -29.48
N VAL A 130 -35.61 -10.97 -29.30
CA VAL A 130 -34.53 -10.77 -30.27
C VAL A 130 -33.21 -10.85 -29.53
N SER A 131 -32.26 -11.60 -30.11
CA SER A 131 -30.95 -11.82 -29.49
C SER A 131 -29.89 -11.09 -30.31
N THR A 132 -29.30 -10.06 -29.72
CA THR A 132 -28.34 -9.25 -30.46
C THR A 132 -27.01 -9.95 -30.64
N GLY A 133 -26.83 -11.14 -30.07
CA GLY A 133 -25.55 -11.81 -30.12
C GLY A 133 -25.48 -13.07 -30.97
N ASP A 134 -26.43 -13.26 -31.90
CA ASP A 134 -26.43 -14.44 -32.74
C ASP A 134 -26.12 -14.07 -34.19
N VAL A 135 -26.05 -15.08 -35.05
CA VAL A 135 -25.64 -14.90 -36.43
C VAL A 135 -26.70 -14.19 -37.25
N HIS A 136 -27.96 -14.26 -36.83
CA HIS A 136 -29.08 -13.68 -37.56
C HIS A 136 -29.35 -12.23 -37.18
N PHE A 137 -28.47 -11.61 -36.38
CA PHE A 137 -28.61 -10.19 -36.01
C PHE A 137 -27.70 -9.38 -36.93
N THR A 138 -28.21 -9.00 -38.11
CA THR A 138 -27.45 -8.25 -39.10
C THR A 138 -28.22 -6.97 -39.47
N PRO A 139 -28.38 -6.04 -38.53
CA PRO A 139 -29.19 -4.86 -38.85
C PRO A 139 -28.54 -3.96 -39.88
N LYS A 140 -27.20 -3.85 -39.88
CA LYS A 140 -26.54 -3.07 -40.92
C LYS A 140 -26.86 -3.63 -42.31
N LEU A 141 -27.10 -4.94 -42.40
CA LEU A 141 -27.56 -5.51 -43.66
C LEU A 141 -29.08 -5.40 -43.83
N GLY A 142 -29.80 -5.01 -42.77
CA GLY A 142 -31.21 -4.74 -42.87
C GLY A 142 -32.11 -5.86 -42.42
N SER A 143 -31.57 -6.93 -41.86
CA SER A 143 -32.36 -8.11 -41.56
C SER A 143 -32.00 -8.63 -40.18
N ILE A 144 -33.04 -8.96 -39.40
CA ILE A 144 -32.88 -9.56 -38.08
C ILE A 144 -33.91 -10.67 -37.91
N GLN A 145 -33.84 -11.34 -36.78
CA GLN A 145 -34.68 -12.51 -36.50
C GLN A 145 -35.39 -12.33 -35.16
N PHE A 146 -36.61 -12.84 -35.10
CA PHE A 146 -37.41 -12.81 -33.89
C PHE A 146 -37.87 -14.23 -33.57
N ASN A 147 -37.87 -14.56 -32.29
CA ASN A 147 -38.50 -15.79 -31.80
C ASN A 147 -39.81 -15.40 -31.13
N THR A 148 -40.91 -15.97 -31.62
CA THR A 148 -42.25 -15.61 -31.17
C THR A 148 -42.92 -16.86 -30.57
N ASP A 149 -44.23 -16.74 -30.33
CA ASP A 149 -45.02 -17.87 -29.84
C ASP A 149 -45.92 -18.46 -30.92
N THR A 150 -46.12 -17.77 -32.03
CA THR A 150 -47.00 -18.23 -33.10
C THR A 150 -46.20 -18.55 -34.35
N ASN A 151 -46.72 -19.52 -35.12
CA ASN A 151 -46.11 -19.92 -36.38
C ASN A 151 -47.04 -19.67 -37.56
N ASN A 152 -48.09 -18.84 -37.37
CA ASN A 152 -49.11 -18.75 -38.42
C ASN A 152 -49.96 -17.48 -38.34
N ASP A 153 -49.53 -16.42 -37.65
CA ASP A 153 -50.39 -15.24 -37.49
C ASP A 153 -49.86 -13.99 -38.19
N PHE A 154 -48.55 -13.76 -38.21
CA PHE A 154 -48.04 -12.56 -38.87
C PHE A 154 -48.13 -12.71 -40.37
N GLU A 155 -48.71 -11.69 -41.02
CA GLU A 155 -48.84 -11.66 -42.46
C GLU A 155 -47.58 -11.09 -43.09
N THR A 156 -47.56 -11.03 -44.41
CA THR A 156 -46.40 -10.52 -45.14
C THR A 156 -46.73 -9.18 -45.79
N GLY A 157 -45.67 -8.44 -46.12
CA GLY A 157 -45.81 -7.16 -46.79
C GLY A 157 -46.52 -6.10 -45.98
N GLN A 158 -46.77 -6.37 -44.70
CA GLN A 158 -47.46 -5.45 -43.80
C GLN A 158 -46.48 -4.81 -42.83
N ASN A 159 -46.82 -3.61 -42.37
CA ASN A 159 -45.97 -2.90 -41.43
C ASN A 159 -45.93 -3.63 -40.10
N THR A 160 -44.72 -3.91 -39.62
CA THR A 160 -44.55 -4.57 -38.34
C THR A 160 -43.59 -3.75 -37.49
N LYS A 161 -43.88 -3.68 -36.19
CA LYS A 161 -43.10 -2.88 -35.27
C LYS A 161 -42.72 -3.71 -34.05
N PHE A 162 -41.45 -3.67 -33.64
CA PHE A 162 -41.03 -4.32 -32.41
C PHE A 162 -40.86 -3.30 -31.30
N THR A 163 -41.46 -3.59 -30.15
CA THR A 163 -41.46 -2.66 -29.01
C THR A 163 -40.75 -3.30 -27.84
N PRO A 164 -39.58 -2.79 -27.44
CA PRO A 164 -38.83 -3.42 -26.36
C PRO A 164 -39.51 -3.22 -25.02
N VAL A 165 -39.39 -4.23 -24.16
CA VAL A 165 -39.95 -4.20 -22.82
C VAL A 165 -38.89 -4.48 -21.77
N GLY A 166 -38.14 -5.55 -21.94
CA GLY A 166 -37.16 -5.92 -20.95
C GLY A 166 -36.13 -6.85 -21.55
N VAL A 167 -35.33 -7.45 -20.65
CA VAL A 167 -34.27 -8.38 -21.02
C VAL A 167 -34.60 -9.73 -20.41
N VAL A 168 -34.09 -10.79 -21.04
CA VAL A 168 -34.32 -12.15 -20.58
C VAL A 168 -32.98 -12.86 -20.49
N GLN A 169 -32.90 -13.81 -19.54
CA GLN A 169 -31.76 -14.69 -19.41
C GLN A 169 -32.25 -16.13 -19.44
N ASP A 170 -31.86 -16.88 -20.47
CA ASP A 170 -32.20 -18.28 -20.59
C ASP A 170 -31.00 -19.12 -20.19
N GLY A 171 -31.24 -20.17 -19.40
CA GLY A 171 -30.16 -21.02 -18.96
C GLY A 171 -30.50 -22.03 -17.88
N ASN A 172 -29.78 -23.15 -17.90
CA ASN A 172 -29.83 -24.16 -16.86
C ASN A 172 -28.69 -23.95 -15.87
N GLY A 173 -28.71 -22.74 -15.29
CA GLY A 173 -27.63 -22.23 -14.48
C GLY A 173 -27.01 -21.01 -15.14
N ALA A 174 -25.69 -20.85 -14.95
CA ALA A 174 -24.97 -19.68 -15.45
C ALA A 174 -25.81 -18.42 -15.29
N HIS A 175 -25.92 -17.92 -14.07
CA HIS A 175 -26.75 -16.75 -13.83
C HIS A 175 -25.99 -15.46 -14.14
N GLN A 176 -26.77 -14.43 -14.50
CA GLN A 176 -26.28 -13.07 -14.66
C GLN A 176 -25.13 -12.97 -15.67
N ASN A 177 -25.12 -13.84 -16.68
CA ASN A 177 -24.11 -13.78 -17.73
C ASN A 177 -24.58 -13.01 -18.94
N GLU A 178 -25.78 -12.43 -18.90
CA GLU A 178 -26.27 -11.58 -19.97
C GLU A 178 -27.46 -10.80 -19.45
N PRO A 179 -27.72 -9.60 -19.98
CA PRO A 179 -26.98 -8.89 -21.03
C PRO A 179 -25.62 -8.38 -20.59
N GLN A 180 -24.81 -7.95 -21.54
CA GLN A 180 -23.47 -7.44 -21.27
C GLN A 180 -23.41 -6.07 -21.92
N GLN A 181 -23.68 -5.03 -21.13
CA GLN A 181 -23.92 -3.71 -21.71
C GLN A 181 -22.69 -3.12 -22.37
N TRP A 182 -21.49 -3.60 -22.03
CA TRP A 182 -20.26 -3.06 -22.61
C TRP A 182 -19.66 -3.98 -23.66
N VAL A 183 -20.46 -4.86 -24.25
CA VAL A 183 -20.02 -5.68 -25.38
C VAL A 183 -20.89 -5.34 -26.59
N LEU A 184 -20.26 -4.80 -27.63
CA LEU A 184 -21.01 -4.39 -28.80
C LEU A 184 -21.47 -5.61 -29.62
N PRO A 185 -22.61 -5.51 -30.28
CA PRO A 185 -23.03 -6.56 -31.20
C PRO A 185 -22.22 -6.46 -32.49
N SER A 186 -22.42 -7.44 -33.36
CA SER A 186 -21.82 -7.42 -34.69
C SER A 186 -22.92 -6.98 -35.64
N TYR A 187 -22.93 -5.70 -35.99
CA TYR A 187 -24.07 -5.16 -36.73
C TYR A 187 -24.19 -5.75 -38.13
N SER A 188 -23.18 -6.50 -38.60
CA SER A 188 -23.21 -7.16 -39.90
C SER A 188 -22.99 -8.66 -39.77
N GLY A 189 -23.26 -9.21 -38.59
CA GLY A 189 -23.13 -10.62 -38.30
C GLY A 189 -21.68 -11.09 -38.31
N ARG A 190 -21.48 -12.33 -38.75
CA ARG A 190 -20.15 -12.88 -38.93
C ARG A 190 -19.53 -12.48 -40.26
N THR A 191 -20.20 -11.63 -41.03
CA THR A 191 -19.80 -11.26 -42.38
C THR A 191 -19.32 -9.81 -42.46
N GLY A 192 -18.58 -9.34 -41.48
CA GLY A 192 -18.07 -8.00 -41.53
C GLY A 192 -17.75 -7.46 -40.15
N HIS A 193 -16.87 -6.46 -40.14
CA HIS A 193 -16.50 -5.72 -38.95
C HIS A 193 -17.35 -4.45 -38.83
N ASN A 194 -17.62 -4.05 -37.59
CA ASN A 194 -18.39 -2.83 -37.34
C ASN A 194 -17.62 -1.62 -37.87
N VAL A 195 -18.36 -0.64 -38.40
CA VAL A 195 -17.77 0.55 -39.01
C VAL A 195 -18.46 1.80 -38.49
N HIS A 196 -17.74 2.91 -38.57
CA HIS A 196 -18.24 4.24 -38.20
C HIS A 196 -18.67 4.31 -36.74
N LEU A 197 -18.01 3.54 -35.87
CA LEU A 197 -18.41 3.49 -34.47
C LEU A 197 -18.08 4.78 -33.72
N ALA A 198 -18.86 5.05 -32.68
CA ALA A 198 -18.49 6.15 -31.79
C ALA A 198 -17.24 5.77 -31.01
N PRO A 199 -16.35 6.72 -30.75
CA PRO A 199 -15.09 6.38 -30.10
C PRO A 199 -15.34 5.84 -28.70
N ALA A 200 -14.46 4.94 -28.26
CA ALA A 200 -14.51 4.51 -26.88
C ALA A 200 -14.11 5.66 -25.97
N VAL A 201 -14.66 5.66 -24.77
CA VAL A 201 -14.37 6.74 -23.83
C VAL A 201 -13.76 6.13 -22.58
N ALA A 202 -12.82 6.87 -22.00
CA ALA A 202 -12.14 6.50 -20.76
C ALA A 202 -11.53 7.76 -20.18
N PRO A 203 -11.39 7.86 -18.87
CA PRO A 203 -10.75 9.06 -18.31
C PRO A 203 -9.28 9.08 -18.69
N THR A 204 -8.79 10.27 -19.02
CA THR A 204 -7.38 10.48 -19.41
C THR A 204 -6.58 11.05 -18.25
N PHE A 205 -6.93 10.62 -17.03
CA PHE A 205 -6.46 11.24 -15.80
C PHE A 205 -6.57 10.20 -14.68
N PRO A 206 -5.47 9.85 -14.02
CA PRO A 206 -5.57 8.83 -12.96
C PRO A 206 -6.32 9.39 -11.77
N GLY A 207 -7.15 8.55 -11.15
CA GLY A 207 -8.01 8.98 -10.08
C GLY A 207 -9.30 9.62 -10.54
N GLU A 208 -9.46 9.84 -11.84
CA GLU A 208 -10.73 10.25 -12.41
C GLU A 208 -11.45 8.99 -12.91
N GLN A 209 -12.76 8.91 -12.68
CA GLN A 209 -13.60 7.84 -13.19
C GLN A 209 -14.75 8.45 -13.97
N LEU A 210 -15.37 7.63 -14.83
CA LEU A 210 -16.57 8.10 -15.52
C LEU A 210 -17.73 8.16 -14.54
N LEU A 211 -18.65 9.08 -14.82
CA LEU A 211 -19.93 9.17 -14.13
C LEU A 211 -20.99 8.65 -15.07
N PHE A 212 -21.74 7.65 -14.62
CA PHE A 212 -22.74 6.99 -15.43
C PHE A 212 -24.13 7.39 -14.95
N PHE A 213 -25.06 7.50 -15.90
CA PHE A 213 -26.46 7.72 -15.58
C PHE A 213 -27.13 6.34 -15.66
N ARG A 214 -27.60 5.86 -14.52
CA ARG A 214 -27.95 4.45 -14.36
C ARG A 214 -29.47 4.28 -14.26
N SER A 215 -29.99 3.32 -15.01
CA SER A 215 -31.38 2.90 -14.90
C SER A 215 -31.41 1.38 -14.74
N THR A 216 -32.57 0.85 -14.34
CA THR A 216 -32.74 -0.60 -14.22
C THR A 216 -33.69 -1.09 -15.30
N MET A 217 -33.18 -1.93 -16.19
CA MET A 217 -34.02 -2.55 -17.19
C MET A 217 -34.96 -3.56 -16.54
N PRO A 218 -36.19 -3.68 -17.03
CA PRO A 218 -37.06 -4.75 -16.56
C PRO A 218 -36.56 -6.10 -17.01
N GLY A 219 -36.80 -7.11 -16.18
CA GLY A 219 -36.45 -8.49 -16.49
C GLY A 219 -37.70 -9.26 -16.83
N CYS A 220 -37.60 -10.16 -17.81
CA CYS A 220 -38.76 -10.89 -18.29
C CYS A 220 -38.66 -12.39 -18.11
N SER A 221 -37.46 -12.94 -17.85
CA SER A 221 -37.28 -14.37 -17.68
C SER A 221 -35.87 -14.71 -17.21
N GLY A 222 -35.77 -15.43 -16.10
CA GLY A 222 -34.48 -15.96 -15.69
C GLY A 222 -33.76 -15.06 -14.70
N TYR A 223 -32.43 -15.01 -14.80
CA TYR A 223 -31.60 -14.22 -13.89
C TYR A 223 -30.72 -13.27 -14.72
N PRO A 224 -31.30 -12.21 -15.26
CA PRO A 224 -30.56 -11.32 -16.16
C PRO A 224 -29.84 -10.20 -15.41
N ASN A 225 -29.05 -9.45 -16.17
CA ASN A 225 -28.33 -8.28 -15.68
C ASN A 225 -29.08 -7.03 -16.09
N MET A 226 -29.68 -6.36 -15.14
CA MET A 226 -30.68 -5.35 -15.44
C MET A 226 -30.15 -3.93 -15.26
N ASN A 227 -28.85 -3.78 -14.97
CA ASN A 227 -28.22 -2.46 -14.83
C ASN A 227 -27.82 -1.94 -16.19
N LEU A 228 -28.15 -0.69 -16.46
CA LEU A 228 -27.89 -0.07 -17.75
C LEU A 228 -27.32 1.32 -17.49
N ASP A 229 -26.07 1.52 -17.86
CA ASP A 229 -25.41 2.81 -17.68
C ASP A 229 -25.35 3.50 -19.04
N CYS A 230 -25.58 4.81 -19.03
CA CYS A 230 -25.46 5.60 -20.25
C CYS A 230 -24.58 6.81 -19.96
N LEU A 231 -24.00 7.38 -21.02
CA LEU A 231 -23.06 8.47 -20.83
C LEU A 231 -23.74 9.82 -20.70
N LEU A 232 -24.88 9.99 -21.35
CA LEU A 232 -25.66 11.22 -21.33
C LEU A 232 -27.14 10.87 -21.28
N PRO A 233 -27.91 11.54 -20.45
CA PRO A 233 -29.35 11.36 -20.52
C PRO A 233 -29.84 11.80 -21.88
N GLN A 234 -30.96 11.22 -22.31
CA GLN A 234 -31.50 11.57 -23.62
C GLN A 234 -31.87 13.03 -23.69
N GLU A 235 -32.11 13.66 -22.53
CA GLU A 235 -32.50 15.06 -22.53
C GLU A 235 -31.30 15.97 -22.80
N TRP A 236 -30.11 15.59 -22.36
CA TRP A 236 -28.95 16.41 -22.70
C TRP A 236 -28.60 16.23 -24.17
N VAL A 237 -28.77 15.02 -24.69
CA VAL A 237 -28.59 14.82 -26.13
C VAL A 237 -29.50 15.77 -26.90
N GLN A 238 -30.76 15.88 -26.47
CA GLN A 238 -31.70 16.77 -27.13
C GLN A 238 -31.32 18.23 -26.92
N HIS A 239 -30.79 18.56 -25.74
CA HIS A 239 -30.43 19.95 -25.46
C HIS A 239 -29.26 20.41 -26.31
N PHE A 240 -28.17 19.62 -26.30
CA PHE A 240 -26.97 19.99 -27.05
C PHE A 240 -27.27 20.11 -28.53
N TYR A 241 -28.20 19.31 -29.03
CA TYR A 241 -28.52 19.37 -30.45
C TYR A 241 -29.21 20.67 -30.80
N GLN A 242 -30.12 21.12 -29.95
CA GLN A 242 -30.85 22.34 -30.28
C GLN A 242 -30.00 23.57 -30.05
N GLU A 243 -29.16 23.56 -29.01
CA GLU A 243 -28.39 24.76 -28.67
C GLU A 243 -27.17 24.90 -29.56
N ALA A 244 -26.42 23.80 -29.75
CA ALA A 244 -25.23 23.79 -30.60
C ALA A 244 -24.25 24.89 -30.22
N ALA A 245 -24.09 25.10 -28.92
CA ALA A 245 -23.18 26.14 -28.43
C ALA A 245 -21.73 25.72 -28.69
N PRO A 246 -20.90 26.59 -29.26
CA PRO A 246 -19.52 26.21 -29.52
C PRO A 246 -18.78 26.05 -28.20
N ALA A 247 -17.84 25.11 -28.19
CA ALA A 247 -17.05 24.83 -27.00
C ALA A 247 -15.85 25.76 -26.93
N GLN A 248 -15.71 26.45 -25.80
CA GLN A 248 -14.56 27.33 -25.56
C GLN A 248 -13.34 26.56 -25.12
N SER A 249 -13.45 25.25 -24.97
CA SER A 249 -12.38 24.40 -24.49
C SER A 249 -12.80 22.95 -24.72
N ASP A 250 -11.93 22.04 -24.33
CA ASP A 250 -12.21 20.62 -24.49
C ASP A 250 -12.90 20.05 -23.26
N VAL A 251 -13.03 20.83 -22.19
CA VAL A 251 -13.60 20.36 -20.93
C VAL A 251 -14.41 21.50 -20.32
N ALA A 252 -15.68 21.24 -20.04
CA ALA A 252 -16.54 22.16 -19.30
C ALA A 252 -16.71 21.64 -17.89
N LEU A 253 -16.76 22.57 -16.94
CA LEU A 253 -16.85 22.24 -15.52
C LEU A 253 -18.28 22.39 -15.06
N LEU A 254 -18.87 21.31 -14.54
CA LEU A 254 -20.24 21.32 -14.02
C LEU A 254 -20.24 21.16 -12.51
N ARG A 255 -21.26 21.71 -11.86
CA ARG A 255 -21.47 21.60 -10.42
C ARG A 255 -22.85 21.01 -10.16
N PHE A 256 -22.93 20.10 -9.20
CA PHE A 256 -24.20 19.51 -8.79
C PHE A 256 -24.73 20.25 -7.58
N VAL A 257 -25.89 20.88 -7.73
CA VAL A 257 -26.39 21.81 -6.73
C VAL A 257 -27.65 21.26 -6.08
N ASN A 258 -27.76 21.44 -4.76
CA ASN A 258 -29.00 21.19 -4.04
C ASN A 258 -29.71 22.51 -3.86
N PRO A 259 -30.76 22.80 -4.63
CA PRO A 259 -31.37 24.14 -4.57
C PRO A 259 -32.10 24.43 -3.27
N ASP A 260 -32.46 23.40 -2.48
CA ASP A 260 -33.09 23.64 -1.17
C ASP A 260 -32.15 24.40 -0.24
N THR A 261 -30.86 24.20 -0.40
CA THR A 261 -29.81 24.84 0.39
C THR A 261 -28.95 25.83 -0.39
N GLY A 262 -28.82 25.63 -1.70
CA GLY A 262 -27.94 26.44 -2.52
C GLY A 262 -26.53 25.92 -2.59
N ARG A 263 -26.26 24.77 -1.98
CA ARG A 263 -24.92 24.24 -1.80
C ARG A 263 -24.50 23.32 -2.92
N VAL A 264 -23.20 23.31 -3.21
CA VAL A 264 -22.64 22.48 -4.26
C VAL A 264 -22.28 21.12 -3.68
N LEU A 265 -22.85 20.05 -4.24
CA LEU A 265 -22.55 18.73 -3.68
C LEU A 265 -21.28 18.13 -4.25
N PHE A 266 -21.06 18.24 -5.56
CA PHE A 266 -19.80 17.81 -6.17
C PHE A 266 -19.65 18.52 -7.51
N GLU A 267 -18.43 18.45 -8.03
CA GLU A 267 -18.14 19.02 -9.34
C GLU A 267 -17.61 17.93 -10.24
N CYS A 268 -17.78 18.12 -11.55
CA CYS A 268 -17.37 17.11 -12.51
C CYS A 268 -16.99 17.79 -13.82
N LYS A 269 -16.34 17.03 -14.69
CA LYS A 269 -15.91 17.53 -15.99
C LYS A 269 -16.84 16.96 -17.05
N LEU A 270 -17.46 17.85 -17.82
CA LEU A 270 -18.23 17.47 -19.01
C LEU A 270 -17.31 17.63 -20.22
N HIS A 271 -16.87 16.50 -20.77
CA HIS A 271 -15.93 16.55 -21.88
C HIS A 271 -16.67 16.89 -23.16
N LYS A 272 -16.02 17.72 -23.98
CA LYS A 272 -16.64 18.14 -25.23
C LYS A 272 -17.07 16.94 -26.06
N SER A 273 -16.30 15.84 -26.00
CA SER A 273 -16.61 14.63 -26.77
C SER A 273 -17.93 14.01 -26.35
N GLY A 274 -18.46 14.37 -25.18
CA GLY A 274 -19.77 13.92 -24.76
C GLY A 274 -19.79 12.86 -23.67
N TYR A 275 -19.13 13.11 -22.54
CA TYR A 275 -19.19 12.22 -21.39
C TYR A 275 -18.68 12.96 -20.17
N VAL A 276 -18.94 12.40 -18.98
CA VAL A 276 -18.72 13.07 -17.70
C VAL A 276 -17.76 12.27 -16.84
N THR A 277 -16.82 12.97 -16.19
CA THR A 277 -15.87 12.34 -15.27
C THR A 277 -15.92 12.99 -13.90
N VAL A 278 -15.66 12.18 -12.88
CA VAL A 278 -15.57 12.62 -11.50
C VAL A 278 -14.24 12.13 -10.94
N ALA A 279 -13.81 12.76 -9.86
CA ALA A 279 -12.59 12.35 -9.17
C ALA A 279 -12.99 11.43 -8.02
N HIS A 280 -12.87 10.14 -8.21
CA HIS A 280 -13.23 9.17 -7.18
C HIS A 280 -12.54 7.86 -7.48
N THR A 281 -12.47 6.98 -6.49
CA THR A 281 -11.81 5.70 -6.65
C THR A 281 -12.67 4.59 -6.06
N GLY A 282 -13.11 3.69 -6.92
CA GLY A 282 -13.97 2.59 -6.56
C GLY A 282 -15.40 2.82 -6.99
N GLN A 283 -16.17 1.74 -6.94
CA GLN A 283 -17.58 1.81 -7.28
C GLN A 283 -18.30 2.60 -6.19
N HIS A 284 -19.14 3.54 -6.60
CA HIS A 284 -19.91 4.34 -5.66
C HIS A 284 -21.29 4.62 -6.23
N ASP A 285 -22.31 4.19 -5.50
CA ASP A 285 -23.68 4.60 -5.74
C ASP A 285 -23.91 5.94 -5.07
N LEU A 286 -23.98 7.01 -5.87
CA LEU A 286 -24.11 8.36 -5.32
C LEU A 286 -25.46 8.53 -4.63
N VAL A 287 -25.46 9.24 -3.51
CA VAL A 287 -26.67 9.57 -2.77
C VAL A 287 -26.91 11.06 -2.93
N ILE A 288 -27.98 11.42 -3.62
CA ILE A 288 -28.23 12.82 -3.98
C ILE A 288 -29.61 13.23 -3.49
N PRO A 289 -29.80 14.49 -3.13
CA PRO A 289 -31.16 15.01 -2.92
C PRO A 289 -31.95 14.91 -4.20
N PRO A 290 -33.25 14.62 -4.11
CA PRO A 290 -34.05 14.45 -5.34
C PRO A 290 -34.21 15.72 -6.16
N ASN A 291 -33.96 16.89 -5.59
CA ASN A 291 -34.05 18.15 -6.31
C ASN A 291 -32.76 18.56 -7.01
N GLY A 292 -31.69 17.78 -6.87
CA GLY A 292 -30.41 18.20 -7.41
C GLY A 292 -30.40 18.26 -8.92
N TYR A 293 -29.62 19.21 -9.44
CA TYR A 293 -29.47 19.35 -10.88
C TYR A 293 -28.04 19.79 -11.19
N PHE A 294 -27.61 19.51 -12.42
CA PHE A 294 -26.29 19.95 -12.86
C PHE A 294 -26.34 21.40 -13.32
N ARG A 295 -25.20 22.06 -13.25
CA ARG A 295 -25.09 23.48 -13.54
C ARG A 295 -23.71 23.74 -14.19
N PHE A 296 -23.71 24.38 -15.34
CA PHE A 296 -22.46 24.69 -16.01
C PHE A 296 -21.87 25.96 -15.44
N ASP A 297 -20.58 25.93 -15.14
CA ASP A 297 -19.93 27.08 -14.51
C ASP A 297 -18.93 27.74 -15.45
N SER A 298 -17.86 27.04 -15.83
CA SER A 298 -16.84 27.67 -16.66
C SER A 298 -16.21 26.62 -17.56
N TRP A 299 -15.66 27.09 -18.68
CA TRP A 299 -14.78 26.23 -19.47
C TRP A 299 -13.41 26.23 -18.82
N VAL A 300 -12.77 25.07 -18.79
CA VAL A 300 -11.49 24.90 -18.11
C VAL A 300 -10.49 24.26 -19.07
N ASN A 301 -9.27 24.12 -18.60
CA ASN A 301 -8.14 23.69 -19.40
C ASN A 301 -7.98 22.17 -19.32
N GLN A 302 -6.91 21.66 -19.92
CA GLN A 302 -6.66 20.23 -19.91
C GLN A 302 -6.15 19.74 -18.57
N PHE A 303 -5.57 20.63 -17.75
CA PHE A 303 -4.88 20.23 -16.53
C PHE A 303 -5.62 20.65 -15.27
N TYR A 304 -6.89 21.05 -15.39
CA TYR A 304 -7.70 21.33 -14.22
C TYR A 304 -7.86 20.10 -13.35
N THR A 305 -7.69 20.27 -12.04
CA THR A 305 -7.79 19.19 -11.08
C THR A 305 -9.10 19.27 -10.31
N LEU A 306 -9.84 18.17 -10.28
CA LEU A 306 -11.16 18.18 -9.67
C LEU A 306 -11.10 17.98 -8.16
N ALA A 307 -12.00 18.66 -7.45
CA ALA A 307 -12.19 18.43 -6.03
C ALA A 307 -12.77 17.03 -5.82
N PRO A 308 -12.32 16.33 -4.77
CA PRO A 308 -12.79 14.96 -4.57
C PRO A 308 -14.30 14.90 -4.45
N MET A 309 -14.90 14.01 -5.23
CA MET A 309 -16.32 13.76 -5.13
C MET A 309 -16.63 13.08 -3.81
N GLU B 1 -5.21 2.86 0.65
CA GLU B 1 -6.29 1.87 0.68
C GLU B 1 -7.21 2.06 1.90
N ILE B 2 -8.40 1.53 1.78
CA ILE B 2 -9.43 1.58 2.81
C ILE B 2 -9.32 0.31 3.67
N VAL B 3 -9.45 0.47 4.99
CA VAL B 3 -9.29 -0.63 5.93
C VAL B 3 -10.65 -1.11 6.42
N LEU B 4 -10.77 -2.42 6.64
CA LEU B 4 -12.01 -3.09 7.06
C LEU B 4 -11.74 -3.81 8.37
N THR B 5 -12.32 -3.33 9.47
CA THR B 5 -12.17 -4.00 10.76
C THR B 5 -13.46 -4.71 11.09
N GLN B 6 -13.37 -5.99 11.41
CA GLN B 6 -14.51 -6.71 11.95
C GLN B 6 -14.41 -6.77 13.47
N SER B 7 -15.57 -6.86 14.12
CA SER B 7 -15.54 -6.85 15.57
C SER B 7 -16.79 -7.53 16.09
N PRO B 8 -16.68 -8.36 17.14
CA PRO B 8 -15.38 -8.68 17.72
C PRO B 8 -14.67 -9.77 16.93
N ALA B 9 -13.48 -10.17 17.37
CA ALA B 9 -12.76 -11.23 16.67
C ALA B 9 -13.32 -12.61 16.95
N SER B 10 -14.20 -12.75 17.94
CA SER B 10 -14.72 -14.05 18.35
C SER B 10 -16.13 -13.88 18.88
N LEU B 11 -16.95 -14.90 18.64
CA LEU B 11 -18.34 -14.90 19.06
C LEU B 11 -18.68 -16.29 19.56
N SER B 12 -19.32 -16.36 20.71
CA SER B 12 -19.72 -17.64 21.31
C SER B 12 -21.24 -17.57 21.46
N LEU B 13 -21.94 -18.49 20.79
CA LEU B 13 -23.38 -18.47 20.75
C LEU B 13 -23.93 -19.89 20.78
N SER B 14 -25.15 -20.02 21.30
CA SER B 14 -25.78 -21.33 21.40
C SER B 14 -26.46 -21.68 20.08
N PRO B 15 -26.40 -22.93 19.65
CA PRO B 15 -27.10 -23.31 18.41
C PRO B 15 -28.58 -22.94 18.50
N GLY B 16 -29.09 -22.30 17.46
CA GLY B 16 -30.43 -21.77 17.46
C GLY B 16 -30.50 -20.29 17.75
N GLU B 17 -29.43 -19.72 18.30
CA GLU B 17 -29.41 -18.32 18.68
C GLU B 17 -29.17 -17.47 17.44
N ARG B 18 -28.88 -16.19 17.62
CA ARG B 18 -28.79 -15.24 16.53
C ARG B 18 -27.44 -14.54 16.56
N ALA B 19 -26.73 -14.58 15.44
CA ALA B 19 -25.39 -14.01 15.37
C ALA B 19 -25.41 -12.69 14.61
N THR B 20 -24.68 -11.71 15.14
CA THR B 20 -24.59 -10.38 14.56
C THR B 20 -23.12 -10.00 14.47
N LEU B 21 -22.59 -10.01 13.27
CA LEU B 21 -21.20 -9.65 13.02
C LEU B 21 -21.13 -8.25 12.44
N SER B 22 -20.03 -7.55 12.71
CA SER B 22 -19.89 -6.17 12.28
C SER B 22 -18.64 -5.99 11.45
N CYS B 23 -18.78 -5.25 10.36
CA CYS B 23 -17.68 -4.79 9.53
C CYS B 23 -17.79 -3.27 9.46
N LYS B 24 -16.66 -2.58 9.64
CA LYS B 24 -16.63 -1.14 9.62
C LYS B 24 -15.46 -0.69 8.77
N ALA B 25 -15.71 0.28 7.89
CA ALA B 25 -14.72 0.68 6.91
C ALA B 25 -14.17 2.06 7.26
N SER B 26 -12.92 2.28 6.89
CA SER B 26 -12.24 3.52 7.27
C SER B 26 -12.93 4.75 6.66
N ARG B 27 -13.32 4.68 5.40
CA ARG B 27 -14.20 5.67 4.80
C ARG B 27 -15.24 4.94 3.97
N SER B 28 -16.13 5.70 3.34
CA SER B 28 -17.28 5.13 2.66
C SER B 28 -16.88 4.25 1.48
N ILE B 29 -17.59 3.13 1.32
CA ILE B 29 -17.41 2.27 0.16
C ILE B 29 -18.79 1.90 -0.38
N SER B 30 -19.78 2.73 -0.06
CA SER B 30 -21.13 2.65 -0.64
C SER B 30 -21.74 1.32 -0.22
N ILE B 31 -22.32 0.55 -1.14
CA ILE B 31 -22.94 -0.72 -0.80
C ILE B 31 -22.11 -1.89 -1.31
N TYR B 32 -20.85 -1.66 -1.68
CA TYR B 32 -20.07 -2.70 -2.34
C TYR B 32 -19.13 -3.38 -1.34
N LEU B 33 -19.75 -4.23 -0.51
CA LEU B 33 -19.09 -5.00 0.53
C LEU B 33 -19.69 -6.39 0.46
N ALA B 34 -18.84 -7.42 0.41
CA ALA B 34 -19.29 -8.80 0.32
C ALA B 34 -18.82 -9.59 1.53
N TRP B 35 -19.63 -10.57 1.94
CA TRP B 35 -19.31 -11.41 3.08
C TRP B 35 -19.00 -12.82 2.62
N TYR B 36 -17.99 -13.42 3.25
CA TYR B 36 -17.56 -14.78 2.94
C TYR B 36 -17.54 -15.64 4.20
N GLN B 37 -17.77 -16.93 4.00
CA GLN B 37 -17.71 -17.91 5.06
C GLN B 37 -16.62 -18.93 4.72
N GLN B 38 -15.76 -19.23 5.69
CA GLN B 38 -14.68 -20.18 5.49
C GLN B 38 -14.73 -21.25 6.57
N LYS B 39 -15.12 -22.45 6.18
CA LYS B 39 -14.93 -23.60 7.05
C LYS B 39 -13.49 -24.09 6.90
N PRO B 40 -12.87 -24.55 7.99
CA PRO B 40 -11.44 -24.88 7.93
C PRO B 40 -11.13 -25.99 6.93
N GLY B 41 -9.98 -25.86 6.26
CA GLY B 41 -9.61 -26.79 5.21
C GLY B 41 -10.23 -26.55 3.86
N GLN B 42 -11.07 -25.51 3.72
CA GLN B 42 -11.78 -25.25 2.48
C GLN B 42 -11.52 -23.83 2.01
N ALA B 43 -11.99 -23.55 0.81
CA ALA B 43 -11.89 -22.23 0.24
C ALA B 43 -13.05 -21.38 0.74
N PRO B 44 -12.94 -20.06 0.65
CA PRO B 44 -14.04 -19.19 1.08
C PRO B 44 -15.31 -19.45 0.28
N ARG B 45 -16.43 -19.14 0.92
CA ARG B 45 -17.78 -19.31 0.39
C ARG B 45 -18.48 -17.95 0.41
N LEU B 46 -18.95 -17.50 -0.74
CA LEU B 46 -19.63 -16.21 -0.84
C LEU B 46 -21.06 -16.32 -0.31
N LEU B 47 -21.39 -15.47 0.68
CA LEU B 47 -22.73 -15.43 1.28
C LEU B 47 -23.53 -14.24 0.80
N ILE B 48 -22.95 -13.05 0.89
CA ILE B 48 -23.66 -11.81 0.63
C ILE B 48 -22.80 -10.96 -0.29
N TYR B 49 -23.39 -10.46 -1.38
CA TYR B 49 -22.75 -9.46 -2.20
C TYR B 49 -23.59 -8.18 -2.18
N ASP B 50 -22.97 -7.06 -2.57
CA ASP B 50 -23.60 -5.75 -2.57
C ASP B 50 -24.29 -5.46 -1.23
N ALA B 51 -23.64 -5.88 -0.16
CA ALA B 51 -23.98 -5.53 1.22
C ALA B 51 -25.26 -6.20 1.72
N SER B 52 -26.15 -6.61 0.81
CA SER B 52 -27.45 -7.11 1.27
C SER B 52 -28.12 -8.10 0.32
N TYR B 53 -27.46 -8.59 -0.71
CA TYR B 53 -28.05 -9.55 -1.63
C TYR B 53 -27.47 -10.92 -1.35
N ARG B 54 -28.33 -11.90 -1.07
CA ARG B 54 -27.86 -13.28 -0.89
C ARG B 54 -27.36 -13.85 -2.21
N ALA B 55 -26.19 -14.47 -2.16
CA ALA B 55 -25.66 -15.19 -3.30
C ALA B 55 -26.57 -16.37 -3.64
N ILE B 56 -26.30 -16.99 -4.80
CA ILE B 56 -27.18 -18.04 -5.30
C ILE B 56 -26.98 -19.30 -4.46
N GLY B 57 -28.09 -19.90 -4.05
CA GLY B 57 -28.05 -21.12 -3.24
C GLY B 57 -27.78 -20.90 -1.77
N ILE B 58 -27.90 -19.68 -1.28
CA ILE B 58 -27.62 -19.41 0.13
C ILE B 58 -28.93 -19.47 0.92
N PRO B 59 -28.94 -20.15 2.07
CA PRO B 59 -30.17 -20.21 2.87
C PRO B 59 -30.59 -18.82 3.34
N ALA B 60 -31.90 -18.67 3.51
CA ALA B 60 -32.44 -17.37 3.92
C ALA B 60 -32.10 -17.00 5.35
N ARG B 61 -31.51 -17.91 6.15
CA ARG B 61 -31.14 -17.54 7.50
C ARG B 61 -29.98 -16.53 7.53
N PHE B 62 -29.35 -16.23 6.38
CA PHE B 62 -28.30 -15.24 6.28
C PHE B 62 -28.85 -13.93 5.71
N SER B 63 -28.61 -12.83 6.43
CA SER B 63 -29.11 -11.52 6.06
C SER B 63 -27.99 -10.50 6.25
N GLY B 64 -27.74 -9.71 5.22
CA GLY B 64 -26.77 -8.64 5.30
C GLY B 64 -27.41 -7.29 5.11
N SER B 65 -26.86 -6.29 5.81
CA SER B 65 -27.36 -4.92 5.76
C SER B 65 -26.18 -3.98 5.92
N GLY B 66 -26.41 -2.71 5.65
CA GLY B 66 -25.41 -1.68 5.81
C GLY B 66 -25.16 -0.90 4.53
N SER B 67 -24.47 0.22 4.70
CA SER B 67 -24.10 1.11 3.61
C SER B 67 -23.09 2.11 4.13
N GLY B 68 -22.36 2.70 3.21
CA GLY B 68 -21.34 3.67 3.58
C GLY B 68 -20.16 3.04 4.29
N THR B 69 -20.25 2.95 5.62
CA THR B 69 -19.13 2.51 6.45
C THR B 69 -19.47 1.38 7.41
N ASP B 70 -20.69 1.36 7.96
CA ASP B 70 -21.08 0.39 8.99
C ASP B 70 -21.91 -0.71 8.35
N PHE B 71 -21.36 -1.92 8.32
CA PHE B 71 -22.03 -3.07 7.73
C PHE B 71 -22.18 -4.18 8.75
N THR B 72 -23.22 -4.97 8.57
CA THR B 72 -23.66 -5.94 9.56
C THR B 72 -24.08 -7.21 8.85
N LEU B 73 -23.48 -8.33 9.25
CA LEU B 73 -23.93 -9.64 8.82
C LEU B 73 -24.73 -10.27 9.95
N THR B 74 -25.88 -10.82 9.63
CA THR B 74 -26.77 -11.38 10.64
C THR B 74 -27.20 -12.78 10.24
N ILE B 75 -27.00 -13.73 11.14
CA ILE B 75 -27.51 -15.09 10.96
C ILE B 75 -28.69 -15.25 11.89
N SER B 76 -29.88 -15.40 11.31
CA SER B 76 -31.12 -15.37 12.08
C SER B 76 -31.13 -16.47 13.14
N ASN B 77 -31.11 -17.72 12.70
CA ASN B 77 -31.10 -18.89 13.59
C ASN B 77 -29.86 -19.71 13.26
N LEU B 78 -28.85 -19.62 14.13
CA LEU B 78 -27.59 -20.33 13.91
C LEU B 78 -27.81 -21.83 13.87
N GLU B 79 -27.32 -22.47 12.81
CA GLU B 79 -27.32 -23.92 12.68
C GLU B 79 -25.95 -24.48 13.05
N PRO B 80 -25.85 -25.78 13.31
CA PRO B 80 -24.53 -26.34 13.67
C PRO B 80 -23.49 -26.21 12.57
N GLU B 81 -23.91 -26.04 11.32
CA GLU B 81 -22.97 -25.91 10.21
C GLU B 81 -22.43 -24.50 10.06
N ASP B 82 -23.07 -23.50 10.68
CA ASP B 82 -22.70 -22.11 10.47
C ASP B 82 -21.65 -21.63 11.44
N PHE B 83 -20.91 -22.53 12.06
CA PHE B 83 -19.84 -22.16 12.96
C PHE B 83 -18.55 -22.26 12.15
N ALA B 84 -18.09 -21.12 11.68
CA ALA B 84 -16.93 -21.05 10.81
C ALA B 84 -16.26 -19.71 11.05
N VAL B 85 -15.49 -19.25 10.08
CA VAL B 85 -14.88 -17.93 10.13
C VAL B 85 -15.51 -17.09 9.02
N TYR B 86 -15.66 -15.80 9.28
CA TYR B 86 -16.43 -14.90 8.42
C TYR B 86 -15.58 -13.69 8.03
N TYR B 87 -15.37 -13.51 6.74
CA TYR B 87 -14.60 -12.39 6.22
C TYR B 87 -15.51 -11.45 5.46
N CYS B 88 -15.38 -10.16 5.72
CA CYS B 88 -15.94 -9.14 4.84
C CYS B 88 -14.85 -8.73 3.85
N GLN B 89 -15.29 -8.29 2.67
CA GLN B 89 -14.36 -7.94 1.60
C GLN B 89 -14.93 -6.81 0.75
N HIS B 90 -14.08 -5.84 0.41
CA HIS B 90 -14.43 -4.76 -0.51
C HIS B 90 -13.41 -4.69 -1.64
N ARG B 91 -13.73 -3.88 -2.65
CA ARG B 91 -12.88 -3.82 -3.84
C ARG B 91 -12.77 -2.39 -4.35
N SER B 92 -12.70 -1.43 -3.43
CA SER B 92 -12.67 -0.04 -3.84
C SER B 92 -11.36 0.35 -4.51
N SER B 93 -10.27 -0.39 -4.27
CA SER B 93 -9.00 -0.12 -4.96
C SER B 93 -8.83 -1.09 -6.13
N TRP B 94 -9.77 -0.98 -7.07
CA TRP B 94 -9.79 -1.89 -8.20
C TRP B 94 -8.43 -1.95 -8.87
N PRO B 95 -7.93 -3.15 -9.20
CA PRO B 95 -8.69 -4.40 -9.04
C PRO B 95 -8.52 -5.11 -7.71
N ALA B 96 -7.65 -4.61 -6.83
CA ALA B 96 -7.25 -5.34 -5.64
C ALA B 96 -8.44 -5.67 -4.74
N LEU B 97 -8.33 -6.80 -4.04
CA LEU B 97 -9.25 -7.21 -2.99
C LEU B 97 -8.64 -6.88 -1.64
N THR B 98 -9.49 -6.51 -0.69
CA THR B 98 -9.04 -6.31 0.68
C THR B 98 -10.04 -7.02 1.58
N PHE B 99 -9.54 -7.78 2.53
CA PHE B 99 -10.38 -8.57 3.41
C PHE B 99 -10.29 -8.01 4.82
N GLY B 100 -11.21 -8.44 5.67
CA GLY B 100 -11.15 -8.10 7.07
C GLY B 100 -10.35 -9.13 7.83
N GLY B 101 -10.18 -8.88 9.11
CA GLY B 101 -9.42 -9.82 9.91
C GLY B 101 -10.16 -11.08 10.24
N GLY B 102 -11.41 -11.19 9.79
CA GLY B 102 -12.24 -12.35 10.05
C GLY B 102 -12.91 -12.29 11.41
N THR B 103 -14.03 -12.99 11.56
CA THR B 103 -14.68 -13.15 12.87
C THR B 103 -15.02 -14.61 13.04
N LYS B 104 -14.55 -15.22 14.12
CA LYS B 104 -14.77 -16.63 14.37
C LYS B 104 -16.02 -16.81 15.23
N VAL B 105 -16.92 -17.71 14.79
CA VAL B 105 -18.17 -17.98 15.49
C VAL B 105 -18.01 -19.32 16.18
N GLU B 106 -17.78 -19.27 17.49
CA GLU B 106 -17.53 -20.41 18.35
C GLU B 106 -18.84 -20.92 18.95
N ILE B 107 -18.90 -22.22 19.24
CA ILE B 107 -20.05 -22.78 19.94
C ILE B 107 -19.94 -22.49 21.44
N LYS B 108 -21.04 -22.02 22.02
CA LYS B 108 -21.08 -21.67 23.43
C LYS B 108 -21.62 -22.87 24.19
N ARG B 109 -20.96 -23.21 25.29
CA ARG B 109 -21.28 -24.38 26.07
C ARG B 109 -21.26 -23.99 27.54
N THR B 110 -21.65 -24.92 28.41
CA THR B 110 -21.44 -24.68 29.82
C THR B 110 -19.95 -24.85 30.15
N VAL B 111 -19.57 -24.38 31.34
CA VAL B 111 -18.17 -24.50 31.75
C VAL B 111 -17.87 -25.94 32.13
N ALA B 112 -16.70 -26.42 31.71
CA ALA B 112 -16.30 -27.81 31.97
C ALA B 112 -14.84 -27.84 32.40
N ALA B 113 -14.59 -28.50 33.53
CA ALA B 113 -13.24 -28.54 34.09
C ALA B 113 -12.33 -29.38 33.19
N PRO B 114 -11.03 -29.08 33.17
CA PRO B 114 -10.09 -29.91 32.39
C PRO B 114 -9.66 -31.13 33.19
N SER B 115 -10.06 -32.31 32.71
CA SER B 115 -9.61 -33.55 33.32
C SER B 115 -8.13 -33.73 33.05
N VAL B 116 -7.29 -33.16 33.91
CA VAL B 116 -5.87 -33.03 33.63
C VAL B 116 -5.17 -34.37 33.83
N PHE B 117 -4.40 -34.77 32.83
CA PHE B 117 -3.48 -35.89 32.88
C PHE B 117 -2.06 -35.38 32.64
N ILE B 118 -1.09 -36.18 33.05
CA ILE B 118 0.32 -35.85 32.87
C ILE B 118 1.07 -37.15 32.64
N PHE B 119 2.13 -37.07 31.84
CA PHE B 119 2.79 -38.27 31.37
C PHE B 119 4.30 -38.18 31.57
N PRO B 120 4.90 -39.22 32.15
CA PRO B 120 6.35 -39.29 32.23
C PRO B 120 6.95 -39.33 30.84
N PRO B 121 8.20 -38.92 30.66
CA PRO B 121 8.84 -39.12 29.36
C PRO B 121 9.07 -40.60 29.14
N SER B 122 9.10 -40.99 27.86
CA SER B 122 9.50 -42.35 27.55
C SER B 122 11.02 -42.42 27.57
N ASP B 123 11.55 -43.53 28.05
CA ASP B 123 13.00 -43.64 28.17
C ASP B 123 13.59 -44.32 26.96
N GLU B 124 12.75 -44.76 26.02
CA GLU B 124 13.21 -45.01 24.67
C GLU B 124 13.74 -43.74 24.02
N GLN B 125 13.27 -42.59 24.51
CA GLN B 125 13.73 -41.29 24.04
C GLN B 125 14.97 -40.81 24.78
N LEU B 126 15.24 -41.37 25.96
CA LEU B 126 16.29 -40.84 26.82
C LEU B 126 17.62 -41.42 26.34
N LYS B 127 17.73 -41.67 25.03
CA LYS B 127 19.02 -42.02 24.45
C LYS B 127 19.13 -41.52 23.00
N SER B 128 18.27 -40.57 22.60
CA SER B 128 18.37 -39.90 21.31
C SER B 128 18.96 -38.50 21.44
N GLY B 129 19.26 -38.06 22.67
CA GLY B 129 19.87 -36.79 22.98
C GLY B 129 18.93 -35.73 23.53
N THR B 130 17.64 -36.00 23.60
CA THR B 130 16.64 -34.98 23.91
C THR B 130 15.48 -35.66 24.61
N ALA B 131 14.88 -34.98 25.60
CA ALA B 131 13.70 -35.49 26.29
C ALA B 131 12.62 -34.40 26.34
N SER B 132 11.38 -34.85 26.51
CA SER B 132 10.21 -33.97 26.49
C SER B 132 9.09 -34.59 27.32
N VAL B 133 8.33 -33.73 28.02
CA VAL B 133 7.26 -34.15 28.91
C VAL B 133 5.97 -33.45 28.51
N VAL B 134 4.84 -34.06 28.86
CA VAL B 134 3.53 -33.56 28.48
C VAL B 134 2.72 -33.25 29.73
N CYS B 135 1.87 -32.24 29.62
CA CYS B 135 0.86 -31.93 30.63
C CYS B 135 -0.48 -31.77 29.91
N LEU B 136 -1.26 -32.85 29.84
CA LEU B 136 -2.46 -32.88 29.01
C LEU B 136 -3.67 -32.29 29.73
N LEU B 137 -4.55 -31.67 28.96
CA LEU B 137 -5.85 -31.19 29.43
C LEU B 137 -6.91 -31.69 28.45
N ASN B 138 -7.98 -32.28 28.96
CA ASN B 138 -8.93 -32.97 28.10
C ASN B 138 -10.34 -32.46 28.35
N ASN B 139 -11.06 -32.15 27.26
CA ASN B 139 -12.49 -31.82 27.26
C ASN B 139 -12.83 -30.73 28.29
N PHE B 140 -12.45 -29.50 27.94
CA PHE B 140 -12.75 -28.36 28.78
C PHE B 140 -13.20 -27.17 27.94
N TYR B 141 -13.85 -26.20 28.60
CA TYR B 141 -14.31 -24.95 28.00
C TYR B 141 -14.42 -23.93 29.12
N PRO B 142 -14.01 -22.67 28.91
CA PRO B 142 -13.58 -22.00 27.68
C PRO B 142 -12.11 -22.23 27.34
N ARG B 143 -11.72 -21.95 26.09
CA ARG B 143 -10.39 -22.30 25.59
C ARG B 143 -9.26 -21.72 26.44
N GLU B 144 -9.43 -20.52 26.98
CA GLU B 144 -8.34 -19.85 27.69
C GLU B 144 -7.86 -20.70 28.86
N ALA B 145 -6.54 -20.89 28.94
CA ALA B 145 -5.94 -21.63 30.06
C ALA B 145 -4.45 -21.33 30.09
N LYS B 146 -3.97 -20.71 31.17
CA LYS B 146 -2.55 -20.43 31.28
C LYS B 146 -1.85 -21.67 31.79
N VAL B 147 -0.74 -22.03 31.12
CA VAL B 147 0.07 -23.17 31.50
C VAL B 147 1.51 -22.68 31.66
N GLN B 148 2.10 -22.97 32.81
CA GLN B 148 3.45 -22.53 33.14
C GLN B 148 4.16 -23.67 33.83
N TRP B 149 5.34 -24.02 33.33
CA TRP B 149 6.12 -25.10 33.90
C TRP B 149 7.07 -24.53 34.95
N LYS B 150 7.58 -25.41 35.82
CA LYS B 150 8.53 -25.02 36.86
C LYS B 150 9.53 -26.14 37.07
N VAL B 151 10.78 -25.94 36.66
CA VAL B 151 11.84 -26.92 36.87
C VAL B 151 12.51 -26.58 38.20
N ASP B 152 12.34 -27.48 39.18
CA ASP B 152 12.65 -27.20 40.59
C ASP B 152 12.04 -25.87 41.03
N ASN B 153 10.75 -25.71 40.66
CA ASN B 153 9.98 -24.51 40.95
C ASN B 153 10.63 -23.26 40.34
N ALA B 154 10.97 -23.35 39.06
CA ALA B 154 11.49 -22.22 38.32
C ALA B 154 10.82 -22.17 36.95
N LEU B 155 10.07 -21.10 36.69
CA LEU B 155 9.41 -20.93 35.40
C LEU B 155 10.44 -20.86 34.27
N GLN B 156 10.13 -21.51 33.15
CA GLN B 156 11.07 -21.55 32.04
C GLN B 156 10.46 -20.79 30.87
N SER B 157 10.23 -19.49 31.05
CA SER B 157 9.68 -18.62 30.02
C SER B 157 10.75 -18.27 28.98
N GLY B 158 11.23 -19.32 28.32
CA GLY B 158 12.22 -19.20 27.28
C GLY B 158 12.14 -20.43 26.39
N ASN B 159 11.64 -21.52 26.96
CA ASN B 159 11.51 -22.76 26.21
C ASN B 159 10.21 -23.45 26.60
N SER B 160 9.34 -23.69 25.62
CA SER B 160 8.08 -24.42 25.77
C SER B 160 7.37 -24.43 24.42
N GLN B 161 6.38 -25.30 24.29
CA GLN B 161 5.58 -25.34 23.07
C GLN B 161 4.13 -25.64 23.46
N GLU B 162 3.20 -25.28 22.58
CA GLU B 162 1.79 -25.40 22.91
C GLU B 162 0.95 -25.62 21.65
N SER B 163 -0.06 -26.49 21.77
CA SER B 163 -0.95 -26.85 20.68
C SER B 163 -2.34 -27.15 21.24
N VAL B 164 -3.36 -26.55 20.62
CA VAL B 164 -4.75 -26.71 21.06
C VAL B 164 -5.51 -27.46 19.98
N THR B 165 -6.45 -28.31 20.41
CA THR B 165 -7.35 -28.94 19.46
C THR B 165 -8.41 -27.92 19.08
N GLU B 166 -9.43 -28.41 18.39
CA GLU B 166 -10.57 -27.60 17.99
C GLU B 166 -11.81 -28.11 18.71
N GLN B 167 -12.89 -27.33 18.59
CA GLN B 167 -14.13 -27.69 19.27
C GLN B 167 -14.66 -29.04 18.81
N ASP B 168 -14.99 -29.89 19.78
CA ASP B 168 -15.43 -31.24 19.46
C ASP B 168 -16.76 -31.18 18.71
N SER B 169 -16.91 -32.04 17.70
CA SER B 169 -18.17 -32.17 16.98
C SER B 169 -19.28 -32.80 17.82
N LYS B 170 -18.95 -33.38 18.97
CA LYS B 170 -19.90 -34.01 19.88
C LYS B 170 -19.97 -33.26 21.21
N ASP B 171 -18.83 -33.12 21.90
CA ASP B 171 -18.80 -32.51 23.22
C ASP B 171 -18.75 -30.98 23.16
N SER B 172 -18.24 -30.42 22.06
CA SER B 172 -18.09 -28.97 21.89
C SER B 172 -17.19 -28.40 23.00
N THR B 173 -16.05 -29.04 23.20
CA THR B 173 -15.03 -28.56 24.12
C THR B 173 -13.66 -28.72 23.46
N TYR B 174 -12.68 -28.05 24.04
CA TYR B 174 -11.32 -28.08 23.54
C TYR B 174 -10.49 -29.10 24.32
N SER B 175 -9.22 -29.20 23.95
CA SER B 175 -8.27 -30.03 24.66
C SER B 175 -6.87 -29.47 24.37
N LEU B 176 -6.00 -29.58 25.36
CA LEU B 176 -4.73 -28.87 25.31
C LEU B 176 -3.58 -29.86 25.44
N SER B 177 -2.41 -29.48 24.91
CA SER B 177 -1.20 -30.30 25.04
C SER B 177 -0.02 -29.38 25.29
N SER B 178 0.54 -29.44 26.49
CA SER B 178 1.75 -28.71 26.81
C SER B 178 2.98 -29.45 26.28
N THR B 179 4.14 -28.80 26.39
CA THR B 179 5.39 -29.40 25.95
C THR B 179 6.55 -28.70 26.65
N LEU B 180 7.30 -29.47 27.43
CA LEU B 180 8.56 -29.04 28.02
C LEU B 180 9.69 -29.82 27.37
N THR B 181 10.50 -29.14 26.56
CA THR B 181 11.56 -29.79 25.80
C THR B 181 12.90 -29.28 26.33
N LEU B 182 13.70 -30.17 26.89
CA LEU B 182 15.08 -29.86 27.25
C LEU B 182 15.96 -30.98 26.73
N SER B 183 17.18 -31.03 27.23
CA SER B 183 18.10 -32.11 26.98
C SER B 183 18.36 -32.84 28.28
N LYS B 184 19.09 -33.95 28.20
CA LYS B 184 19.43 -34.69 29.40
C LYS B 184 20.34 -33.90 30.34
N ALA B 185 20.94 -32.82 29.85
CA ALA B 185 21.75 -31.95 30.71
C ALA B 185 20.92 -31.40 31.86
N ASP B 186 19.74 -30.86 31.57
CA ASP B 186 18.88 -30.31 32.61
C ASP B 186 17.75 -31.26 33.01
N TYR B 187 17.59 -32.38 32.31
CA TYR B 187 16.50 -33.30 32.62
C TYR B 187 16.73 -33.99 33.96
N GLU B 188 17.89 -34.60 34.14
CA GLU B 188 18.19 -35.35 35.35
C GLU B 188 18.93 -34.55 36.41
N LYS B 189 19.43 -33.35 36.07
CA LYS B 189 19.98 -32.48 37.10
C LYS B 189 18.91 -31.77 37.91
N HIS B 190 17.68 -31.74 37.41
CA HIS B 190 16.52 -31.31 38.18
C HIS B 190 15.61 -32.51 38.46
N LYS B 191 14.74 -32.37 39.46
CA LYS B 191 13.83 -33.46 39.80
C LYS B 191 12.49 -32.96 40.32
N VAL B 192 12.43 -31.70 40.74
CA VAL B 192 11.17 -31.05 41.13
C VAL B 192 10.55 -30.42 39.88
N TYR B 193 9.28 -30.72 39.63
CA TYR B 193 8.57 -30.29 38.43
C TYR B 193 7.18 -29.82 38.82
N ALA B 194 6.74 -28.69 38.25
CA ALA B 194 5.42 -28.12 38.56
C ALA B 194 4.72 -27.69 37.28
N CYS B 195 3.52 -28.23 37.04
CA CYS B 195 2.65 -27.83 35.94
C CYS B 195 1.55 -26.91 36.47
N GLU B 196 1.51 -25.68 35.99
CA GLU B 196 0.47 -24.73 36.40
C GLU B 196 -0.71 -24.83 35.45
N VAL B 197 -1.88 -25.18 36.00
CA VAL B 197 -3.11 -25.36 35.24
C VAL B 197 -4.20 -24.57 35.96
N THR B 198 -4.47 -23.36 35.48
CA THR B 198 -5.58 -22.55 35.98
C THR B 198 -6.64 -22.44 34.89
N HIS B 199 -7.86 -22.85 35.20
CA HIS B 199 -8.97 -22.72 34.27
C HIS B 199 -10.23 -22.26 34.99
N GLN B 200 -10.88 -21.23 34.43
CA GLN B 200 -12.20 -20.82 34.88
C GLN B 200 -13.16 -22.01 34.89
N GLY B 201 -13.78 -22.26 36.04
CA GLY B 201 -14.62 -23.43 36.22
C GLY B 201 -14.01 -24.50 37.10
N LEU B 202 -12.89 -24.21 37.76
CA LEU B 202 -12.23 -25.14 38.66
C LEU B 202 -12.56 -24.72 40.09
N SER B 203 -11.62 -24.88 40.98
CA SER B 203 -11.74 -24.31 42.31
C SER B 203 -10.49 -23.53 42.70
N SER B 204 -9.32 -24.01 42.29
CA SER B 204 -8.02 -23.41 42.52
C SER B 204 -7.02 -24.16 41.64
N PRO B 205 -5.95 -23.48 41.14
CA PRO B 205 -5.04 -24.12 40.16
C PRO B 205 -4.71 -25.59 40.46
N VAL B 206 -5.43 -26.49 39.78
CA VAL B 206 -5.21 -27.92 39.89
C VAL B 206 -3.82 -28.24 39.38
N THR B 207 -2.90 -28.54 40.31
CA THR B 207 -1.49 -28.78 39.99
C THR B 207 -1.21 -30.28 40.07
N LYS B 208 -0.97 -30.89 38.91
CA LYS B 208 -0.47 -32.26 38.79
C LYS B 208 0.98 -32.15 38.35
N SER B 209 1.85 -32.99 38.92
CA SER B 209 3.25 -32.77 38.58
C SER B 209 4.06 -34.05 38.73
N PHE B 210 5.37 -33.90 38.88
CA PHE B 210 6.34 -34.94 38.58
C PHE B 210 7.39 -35.09 39.68
N ASN B 211 8.08 -36.23 39.64
CA ASN B 211 9.30 -36.44 40.41
C ASN B 211 10.06 -37.58 39.76
N ARG B 212 11.17 -37.24 39.11
CA ARG B 212 12.03 -38.24 38.48
C ARG B 212 12.52 -39.28 39.49
N GLN C 1 -21.56 -27.05 -12.55
CA GLN C 1 -20.49 -27.81 -13.17
C GLN C 1 -19.34 -26.85 -13.54
N VAL C 2 -19.36 -25.66 -12.94
CA VAL C 2 -18.22 -24.76 -12.97
C VAL C 2 -17.14 -25.27 -12.04
N GLN C 3 -15.91 -25.37 -12.53
CA GLN C 3 -14.82 -25.94 -11.74
C GLN C 3 -13.52 -25.18 -11.92
N LEU C 4 -12.80 -25.00 -10.81
CA LEU C 4 -11.42 -24.48 -10.84
C LEU C 4 -10.53 -25.49 -10.12
N VAL C 5 -9.59 -26.09 -10.86
CA VAL C 5 -8.74 -27.14 -10.33
C VAL C 5 -7.28 -26.72 -10.44
N GLN C 6 -6.61 -26.60 -9.31
CA GLN C 6 -5.25 -26.09 -9.22
C GLN C 6 -4.21 -27.21 -9.26
N SER C 7 -2.99 -26.83 -9.63
CA SER C 7 -1.88 -27.76 -9.76
C SER C 7 -0.60 -26.99 -9.45
N GLY C 8 0.42 -27.73 -9.03
CA GLY C 8 1.70 -27.12 -8.73
C GLY C 8 1.95 -27.00 -7.24
N GLY C 9 2.72 -25.99 -6.84
CA GLY C 9 3.00 -25.78 -5.43
C GLY C 9 4.05 -26.78 -4.92
N GLY C 10 3.89 -27.17 -3.65
CA GLY C 10 4.83 -28.09 -3.06
C GLY C 10 5.89 -27.39 -2.22
N LEU C 11 7.05 -28.02 -2.09
CA LEU C 11 8.12 -27.49 -1.25
C LEU C 11 9.20 -26.83 -2.10
N VAL C 12 9.77 -25.76 -1.56
CA VAL C 12 10.85 -25.05 -2.23
C VAL C 12 11.82 -24.52 -1.18
N GLN C 13 13.12 -24.47 -1.56
CA GLN C 13 14.16 -23.96 -0.66
C GLN C 13 14.20 -22.44 -0.77
N PRO C 14 14.39 -21.74 0.34
CA PRO C 14 14.38 -20.27 0.33
C PRO C 14 15.28 -19.70 -0.76
N GLY C 15 14.71 -18.79 -1.54
CA GLY C 15 15.33 -18.24 -2.72
C GLY C 15 14.83 -18.83 -4.02
N GLY C 16 14.33 -20.06 -3.99
CA GLY C 16 13.93 -20.76 -5.20
C GLY C 16 12.70 -20.21 -5.88
N SER C 17 12.10 -21.01 -6.76
CA SER C 17 10.96 -20.60 -7.56
C SER C 17 9.95 -21.73 -7.64
N LEU C 18 8.70 -21.33 -7.90
CA LEU C 18 7.59 -22.26 -8.04
C LEU C 18 6.67 -21.75 -9.12
N ARG C 19 5.82 -22.65 -9.62
CA ARG C 19 4.81 -22.29 -10.60
C ARG C 19 3.48 -22.85 -10.16
N LEU C 20 2.48 -21.98 -10.10
CA LEU C 20 1.11 -22.36 -9.79
C LEU C 20 0.27 -22.35 -11.06
N SER C 21 -0.79 -23.17 -11.06
CA SER C 21 -1.67 -23.30 -12.22
C SER C 21 -3.10 -23.55 -11.77
N CYS C 22 -4.03 -22.97 -12.51
CA CYS C 22 -5.46 -23.15 -12.29
C CYS C 22 -6.08 -23.51 -13.63
N ALA C 23 -6.78 -24.64 -13.66
CA ALA C 23 -7.46 -25.11 -14.86
C ALA C 23 -8.96 -24.91 -14.68
N ALA C 24 -9.60 -24.30 -15.68
CA ALA C 24 -11.00 -23.91 -15.57
C ALA C 24 -11.87 -24.71 -16.51
N SER C 25 -13.08 -24.99 -16.05
CA SER C 25 -14.06 -25.69 -16.87
C SER C 25 -15.46 -25.33 -16.40
N GLY C 26 -16.37 -25.11 -17.34
CA GLY C 26 -17.75 -24.86 -17.02
C GLY C 26 -18.23 -23.45 -17.26
N PHE C 27 -17.46 -22.61 -17.95
CA PHE C 27 -17.85 -21.23 -18.16
C PHE C 27 -16.94 -20.61 -19.20
N ALA C 28 -17.35 -19.45 -19.70
CA ALA C 28 -16.55 -18.70 -20.67
C ALA C 28 -15.35 -18.08 -19.96
N PHE C 29 -14.17 -18.64 -20.18
CA PHE C 29 -13.01 -18.24 -19.37
C PHE C 29 -12.57 -16.81 -19.66
N SER C 30 -12.51 -16.41 -20.94
CA SER C 30 -12.10 -15.07 -21.32
C SER C 30 -13.07 -13.99 -20.85
N ASN C 31 -14.23 -14.37 -20.37
CA ASN C 31 -15.23 -13.42 -19.89
C ASN C 31 -15.06 -13.07 -18.43
N HIS C 32 -14.13 -13.71 -17.72
CA HIS C 32 -14.03 -13.48 -16.29
C HIS C 32 -12.58 -13.20 -15.94
N GLY C 33 -12.38 -12.23 -15.08
CA GLY C 33 -11.06 -12.00 -14.57
C GLY C 33 -10.78 -12.95 -13.45
N MET C 34 -9.51 -13.18 -13.20
CA MET C 34 -9.08 -14.16 -12.21
C MET C 34 -8.13 -13.50 -11.22
N HIS C 35 -8.20 -13.94 -9.96
CA HIS C 35 -7.36 -13.44 -8.88
C HIS C 35 -6.49 -14.58 -8.35
N TRP C 36 -5.38 -14.23 -7.70
CA TRP C 36 -4.62 -15.16 -6.88
C TRP C 36 -4.63 -14.63 -5.46
N VAL C 37 -4.98 -15.49 -4.52
CA VAL C 37 -5.14 -15.11 -3.12
C VAL C 37 -4.40 -16.13 -2.28
N ARG C 38 -3.73 -15.66 -1.24
CA ARG C 38 -3.02 -16.56 -0.35
C ARG C 38 -3.47 -16.39 1.09
N GLN C 39 -3.38 -17.48 1.85
CA GLN C 39 -3.77 -17.49 3.26
C GLN C 39 -2.67 -18.21 4.03
N ALA C 40 -1.83 -17.45 4.73
CA ALA C 40 -0.86 -18.06 5.63
C ALA C 40 -1.59 -18.85 6.71
N PRO C 41 -1.01 -19.94 7.19
CA PRO C 41 -1.73 -20.86 8.10
C PRO C 41 -2.21 -20.17 9.36
N GLY C 42 -3.53 -20.15 9.55
CA GLY C 42 -4.14 -19.58 10.72
C GLY C 42 -4.48 -18.10 10.64
N LYS C 43 -3.90 -17.38 9.68
CA LYS C 43 -4.18 -15.96 9.55
C LYS C 43 -5.31 -15.73 8.55
N GLY C 44 -5.47 -14.49 8.08
CA GLY C 44 -6.52 -14.14 7.15
C GLY C 44 -6.04 -14.16 5.70
N LEU C 45 -6.95 -13.79 4.82
CA LEU C 45 -6.69 -13.80 3.40
C LEU C 45 -5.84 -12.60 3.00
N GLU C 46 -5.07 -12.76 1.93
CA GLU C 46 -4.25 -11.68 1.39
C GLU C 46 -4.33 -11.71 -0.13
N TRP C 47 -4.68 -10.56 -0.73
CA TRP C 47 -4.72 -10.47 -2.18
C TRP C 47 -3.32 -10.49 -2.76
N LEU C 48 -3.17 -11.11 -3.93
CA LEU C 48 -1.87 -11.24 -4.58
C LEU C 48 -1.83 -10.64 -5.97
N SER C 49 -2.75 -11.02 -6.85
CA SER C 49 -2.62 -10.60 -8.24
C SER C 49 -3.96 -10.73 -8.92
N TYR C 50 -4.09 -10.01 -10.04
CA TYR C 50 -5.30 -10.01 -10.85
C TYR C 50 -4.90 -9.92 -12.30
N ILE C 51 -5.62 -10.64 -13.15
CA ILE C 51 -5.47 -10.50 -14.60
C ILE C 51 -6.87 -10.53 -15.20
N SER C 52 -7.14 -9.62 -16.11
CA SER C 52 -8.49 -9.53 -16.64
C SER C 52 -8.64 -10.41 -17.87
N GLY C 53 -9.89 -10.87 -18.08
CA GLY C 53 -10.25 -11.77 -19.15
C GLY C 53 -9.74 -11.40 -20.54
N SER C 54 -10.19 -10.26 -21.07
CA SER C 54 -9.89 -9.87 -22.44
C SER C 54 -8.96 -8.67 -22.53
N THR C 55 -9.00 -7.74 -21.56
CA THR C 55 -8.25 -6.50 -21.67
C THR C 55 -6.75 -6.66 -21.41
N GLY C 56 -6.30 -7.83 -20.96
CA GLY C 56 -4.89 -7.97 -20.65
C GLY C 56 -4.41 -7.01 -19.58
N ALA C 57 -5.30 -6.63 -18.65
CA ALA C 57 -4.94 -5.79 -17.51
C ALA C 57 -4.39 -6.64 -16.37
N ILE C 58 -3.22 -6.26 -15.84
CA ILE C 58 -2.49 -7.06 -14.87
C ILE C 58 -2.09 -6.21 -13.68
N HIS C 59 -2.33 -6.70 -12.47
CA HIS C 59 -2.00 -5.94 -11.27
C HIS C 59 -1.50 -6.86 -10.15
N TYR C 60 -0.52 -6.36 -9.38
CA TYR C 60 0.09 -7.14 -8.31
C TYR C 60 0.05 -6.41 -6.98
N ALA C 61 0.02 -7.19 -5.92
CA ALA C 61 0.18 -6.64 -4.57
C ALA C 61 1.58 -6.08 -4.42
N ASN C 62 1.70 -5.09 -3.54
CA ASN C 62 2.99 -4.45 -3.32
C ASN C 62 4.02 -5.42 -2.77
N SER C 63 3.59 -6.43 -2.01
CA SER C 63 4.55 -7.35 -1.40
C SER C 63 5.19 -8.28 -2.42
N VAL C 64 4.58 -8.46 -3.59
CA VAL C 64 5.03 -9.44 -4.57
C VAL C 64 5.40 -8.81 -5.90
N LYS C 65 5.35 -7.49 -6.02
CA LYS C 65 5.72 -6.86 -7.29
C LYS C 65 7.20 -7.10 -7.56
N GLY C 66 7.50 -7.44 -8.81
CA GLY C 66 8.84 -7.79 -9.24
C GLY C 66 9.19 -9.26 -9.08
N ARG C 67 8.53 -9.97 -8.17
CA ARG C 67 8.82 -11.36 -7.92
C ARG C 67 7.84 -12.32 -8.59
N PHE C 68 6.57 -11.93 -8.69
CA PHE C 68 5.52 -12.79 -9.22
C PHE C 68 5.15 -12.36 -10.63
N THR C 69 4.64 -13.31 -11.40
CA THR C 69 4.19 -13.06 -12.76
C THR C 69 2.90 -13.83 -12.97
N ILE C 70 1.84 -13.13 -13.34
CA ILE C 70 0.55 -13.75 -13.61
C ILE C 70 0.36 -13.83 -15.11
N SER C 71 -0.45 -14.80 -15.53
CA SER C 71 -0.63 -15.05 -16.96
C SER C 71 -1.82 -15.96 -17.16
N ARG C 72 -2.44 -15.86 -18.33
CA ARG C 72 -3.54 -16.76 -18.67
C ARG C 72 -3.45 -17.07 -20.16
N ASP C 73 -3.87 -18.27 -20.53
CA ASP C 73 -4.03 -18.63 -21.93
C ASP C 73 -5.49 -18.95 -22.16
N ASN C 74 -6.23 -17.99 -22.72
CA ASN C 74 -7.68 -18.15 -22.89
C ASN C 74 -8.02 -19.28 -23.85
N ALA C 75 -7.07 -19.66 -24.72
CA ALA C 75 -7.31 -20.77 -25.64
C ALA C 75 -7.31 -22.10 -24.91
N ARG C 76 -6.43 -22.26 -23.92
CA ARG C 76 -6.31 -23.51 -23.19
C ARG C 76 -7.03 -23.47 -21.84
N ASN C 77 -7.73 -22.39 -21.53
CA ASN C 77 -8.53 -22.27 -20.31
C ASN C 77 -7.69 -22.43 -19.05
N SER C 78 -6.49 -21.87 -19.07
CA SER C 78 -5.55 -22.03 -17.98
C SER C 78 -5.15 -20.68 -17.41
N LEU C 79 -4.64 -20.71 -16.18
CA LEU C 79 -4.18 -19.53 -15.46
C LEU C 79 -2.94 -19.91 -14.66
N ASP C 80 -1.84 -19.15 -14.83
CA ASP C 80 -0.55 -19.48 -14.25
C ASP C 80 -0.02 -18.37 -13.36
N LEU C 81 0.69 -18.74 -12.30
CA LEU C 81 1.38 -17.79 -11.43
C LEU C 81 2.84 -18.20 -11.31
N GLN C 82 3.75 -17.37 -11.84
CA GLN C 82 5.18 -17.61 -11.73
C GLN C 82 5.70 -16.95 -10.47
N MET C 83 6.23 -17.73 -9.53
CA MET C 83 6.68 -17.21 -8.25
C MET C 83 8.19 -17.38 -8.14
N ASN C 84 8.91 -16.27 -8.13
CA ASN C 84 10.36 -16.32 -8.01
C ASN C 84 10.81 -15.75 -6.68
N SER C 85 12.03 -16.14 -6.30
CA SER C 85 12.71 -15.55 -5.15
C SER C 85 11.86 -15.65 -3.88
N LEU C 86 11.34 -16.84 -3.60
CA LEU C 86 10.44 -16.98 -2.47
C LEU C 86 11.18 -16.92 -1.13
N GLY C 87 10.42 -16.69 -0.08
CA GLY C 87 10.90 -16.68 1.29
C GLY C 87 9.80 -17.18 2.19
N ASP C 88 10.10 -17.27 3.49
CA ASP C 88 9.16 -17.88 4.42
C ASP C 88 7.90 -17.02 4.61
N GLU C 89 7.98 -15.74 4.30
CA GLU C 89 6.78 -14.91 4.27
C GLU C 89 5.79 -15.40 3.23
N ASP C 90 6.25 -16.19 2.25
CA ASP C 90 5.40 -16.70 1.17
C ASP C 90 4.83 -18.09 1.42
N THR C 91 5.09 -18.70 2.58
CA THR C 91 4.46 -19.96 2.94
C THR C 91 2.97 -19.75 3.21
N ALA C 92 2.12 -20.31 2.37
CA ALA C 92 0.68 -20.14 2.55
C ALA C 92 -0.04 -21.13 1.66
N VAL C 93 -1.35 -21.21 1.85
CA VAL C 93 -2.22 -21.84 0.86
C VAL C 93 -2.59 -20.80 -0.19
N TYR C 94 -2.48 -21.16 -1.46
CA TYR C 94 -2.74 -20.25 -2.56
C TYR C 94 -3.99 -20.67 -3.31
N TYR C 95 -4.91 -19.71 -3.50
CA TYR C 95 -6.17 -19.95 -4.19
C TYR C 95 -6.22 -19.12 -5.47
N CYS C 96 -6.75 -19.71 -6.54
CA CYS C 96 -7.26 -18.96 -7.69
C CYS C 96 -8.75 -18.74 -7.47
N ALA C 97 -9.20 -17.51 -7.64
CA ALA C 97 -10.61 -17.18 -7.50
C ALA C 97 -11.06 -16.38 -8.72
N ARG C 98 -12.25 -16.67 -9.23
CA ARG C 98 -12.74 -15.97 -10.40
C ARG C 98 -13.65 -14.81 -9.98
N ASP C 99 -13.69 -13.80 -10.84
CA ASP C 99 -14.65 -12.73 -10.69
C ASP C 99 -15.97 -13.21 -11.25
N GLY C 100 -16.94 -13.45 -10.37
CA GLY C 100 -18.22 -13.97 -10.79
C GLY C 100 -19.34 -13.69 -9.81
N PRO C 101 -20.58 -13.97 -10.24
CA PRO C 101 -20.91 -14.60 -11.52
C PRO C 101 -20.97 -13.65 -12.73
N ARG C 102 -20.93 -12.35 -12.50
CA ARG C 102 -21.19 -11.43 -13.60
C ARG C 102 -19.92 -11.21 -14.41
N PRO C 103 -19.98 -11.32 -15.72
CA PRO C 103 -18.77 -11.23 -16.53
C PRO C 103 -18.21 -9.82 -16.54
N ASP C 104 -16.98 -9.71 -17.04
CA ASP C 104 -16.33 -8.41 -17.13
C ASP C 104 -17.15 -7.46 -17.99
N GLY C 105 -17.75 -7.98 -19.06
CA GLY C 105 -18.47 -7.15 -20.01
C GLY C 105 -19.77 -6.57 -19.50
N THR C 106 -20.07 -6.75 -18.21
CA THR C 106 -21.24 -6.15 -17.61
C THR C 106 -20.87 -4.91 -16.82
N GLY C 107 -19.59 -4.58 -16.76
CA GLY C 107 -19.17 -3.41 -16.05
C GLY C 107 -19.06 -3.58 -14.56
N TYR C 108 -19.51 -4.71 -14.00
CA TYR C 108 -19.45 -4.89 -12.55
C TYR C 108 -18.01 -5.01 -12.10
N ALA C 109 -17.57 -4.03 -11.32
CA ALA C 109 -16.21 -3.97 -10.78
C ALA C 109 -16.24 -3.99 -9.26
N GLY C 110 -17.13 -4.80 -8.69
CA GLY C 110 -17.26 -4.86 -7.26
C GLY C 110 -16.70 -6.14 -6.69
N PRO C 111 -16.81 -6.29 -5.39
CA PRO C 111 -16.25 -7.47 -4.72
C PRO C 111 -17.21 -8.64 -4.83
N SER C 112 -16.82 -9.65 -5.62
CA SER C 112 -17.60 -10.88 -5.71
C SER C 112 -16.81 -11.98 -6.43
N ASN C 113 -16.35 -12.97 -5.66
CA ASN C 113 -15.73 -14.20 -6.16
C ASN C 113 -16.52 -15.41 -5.70
N ASP C 114 -17.25 -16.02 -6.63
CA ASP C 114 -18.21 -17.07 -6.33
C ASP C 114 -17.62 -18.47 -6.43
N TYR C 115 -16.50 -18.61 -7.15
CA TYR C 115 -15.84 -19.89 -7.38
C TYR C 115 -14.35 -19.75 -7.12
N TRP C 116 -13.83 -20.53 -6.20
CA TRP C 116 -12.41 -20.54 -5.89
C TRP C 116 -11.80 -21.86 -6.37
N GLY C 117 -10.49 -21.97 -6.21
CA GLY C 117 -9.80 -23.23 -6.39
C GLY C 117 -9.89 -24.05 -5.12
N GLN C 118 -9.28 -25.24 -5.17
CA GLN C 118 -9.34 -26.14 -4.03
C GLN C 118 -8.30 -25.81 -2.98
N GLY C 119 -7.27 -25.07 -3.36
CA GLY C 119 -6.16 -24.75 -2.47
C GLY C 119 -4.94 -25.50 -2.94
N THR C 120 -3.77 -24.85 -2.80
CA THR C 120 -2.50 -25.47 -3.16
C THR C 120 -1.45 -24.96 -2.19
N LEU C 121 -0.89 -25.85 -1.38
CA LEU C 121 0.03 -25.43 -0.34
C LEU C 121 1.40 -25.17 -0.93
N VAL C 122 2.05 -24.11 -0.46
CA VAL C 122 3.42 -23.76 -0.84
C VAL C 122 4.20 -23.56 0.45
N SER C 123 5.26 -24.33 0.61
CA SER C 123 6.10 -24.26 1.80
C SER C 123 7.49 -23.86 1.38
N VAL C 124 8.07 -22.90 2.11
CA VAL C 124 9.42 -22.42 1.84
C VAL C 124 10.24 -22.76 3.08
N SER C 125 10.87 -23.93 3.05
CA SER C 125 11.74 -24.36 4.13
C SER C 125 13.01 -24.93 3.54
N SER C 126 14.10 -24.79 4.28
CA SER C 126 15.35 -25.38 3.90
C SER C 126 15.47 -26.83 4.38
N ALA C 127 14.60 -27.24 5.30
CA ALA C 127 14.64 -28.59 5.82
C ALA C 127 14.39 -29.62 4.71
N SER C 128 14.74 -30.88 5.01
CA SER C 128 14.59 -31.98 4.08
C SER C 128 13.58 -32.97 4.64
N THR C 129 13.09 -33.83 3.75
CA THR C 129 12.08 -34.79 4.14
C THR C 129 12.66 -35.77 5.14
N LYS C 130 11.87 -36.11 6.15
CA LYS C 130 12.36 -36.97 7.23
C LYS C 130 11.17 -37.64 7.89
N GLY C 131 11.42 -38.80 8.49
CA GLY C 131 10.36 -39.60 9.05
C GLY C 131 10.13 -39.34 10.53
N PRO C 132 8.99 -39.79 11.03
CA PRO C 132 8.62 -39.54 12.43
C PRO C 132 9.32 -40.52 13.37
N SER C 133 9.05 -40.35 14.66
CA SER C 133 9.54 -41.21 15.73
C SER C 133 8.47 -41.23 16.80
N VAL C 134 8.08 -42.41 17.24
CA VAL C 134 6.97 -42.57 18.17
C VAL C 134 7.51 -42.95 19.54
N PHE C 135 7.06 -42.23 20.57
CA PHE C 135 7.41 -42.48 21.96
C PHE C 135 6.12 -42.77 22.73
N PRO C 136 6.04 -43.84 23.51
CA PRO C 136 4.80 -44.12 24.23
C PRO C 136 4.56 -43.10 25.34
N LEU C 137 3.36 -43.17 25.91
CA LEU C 137 2.95 -42.29 27.00
C LEU C 137 2.32 -43.16 28.09
N ALA C 138 2.59 -42.82 29.35
CA ALA C 138 2.07 -43.65 30.46
C ALA C 138 1.64 -42.84 31.67
N THR C 148 -10.32 -44.45 36.02
CA THR C 148 -9.99 -44.32 34.61
C THR C 148 -8.94 -43.23 34.34
N ALA C 149 -8.01 -43.54 33.45
CA ALA C 149 -6.90 -42.64 33.13
C ALA C 149 -6.73 -42.65 31.61
N ALA C 150 -5.69 -41.95 31.16
CA ALA C 150 -5.43 -41.74 29.75
C ALA C 150 -3.97 -42.04 29.45
N LEU C 151 -3.71 -42.61 28.28
CA LEU C 151 -2.36 -42.80 27.78
C LEU C 151 -2.41 -42.62 26.27
N GLY C 152 -1.31 -42.12 25.70
CA GLY C 152 -1.29 -41.83 24.27
C GLY C 152 0.01 -42.13 23.54
N CYS C 153 0.23 -41.39 22.45
CA CYS C 153 1.40 -41.55 21.61
C CYS C 153 1.96 -40.17 21.28
N LEU C 154 3.27 -40.10 21.07
CA LEU C 154 3.93 -38.83 20.82
C LEU C 154 4.85 -38.98 19.63
N VAL C 155 4.85 -37.97 18.77
CA VAL C 155 5.60 -37.96 17.53
C VAL C 155 6.50 -36.73 17.53
N LYS C 156 7.73 -36.89 17.04
CA LYS C 156 8.64 -35.75 17.03
C LYS C 156 9.54 -35.82 15.80
N ASP C 157 10.30 -34.74 15.60
CA ASP C 157 11.41 -34.69 14.65
C ASP C 157 11.00 -35.07 13.22
N TYR C 158 9.81 -34.68 12.81
CA TYR C 158 9.28 -35.13 11.54
C TYR C 158 8.91 -33.96 10.64
N PHE C 159 9.08 -34.17 9.33
CA PHE C 159 8.84 -33.15 8.32
C PHE C 159 8.82 -33.78 6.94
N PRO C 160 7.92 -33.35 6.05
CA PRO C 160 6.89 -32.33 6.28
C PRO C 160 5.63 -32.89 6.92
N GLU C 161 4.50 -32.37 6.48
CA GLU C 161 3.20 -32.81 6.96
C GLU C 161 2.43 -33.45 5.81
N PRO C 162 1.36 -34.20 6.10
CA PRO C 162 0.77 -34.47 7.41
C PRO C 162 1.31 -35.73 8.06
N VAL C 163 0.65 -36.12 9.14
CA VAL C 163 0.90 -37.39 9.80
C VAL C 163 -0.45 -37.90 10.28
N THR C 164 -0.85 -39.07 9.79
CA THR C 164 -2.07 -39.70 10.26
C THR C 164 -1.75 -40.62 11.44
N VAL C 165 -2.63 -40.62 12.44
CA VAL C 165 -2.47 -41.43 13.64
C VAL C 165 -3.79 -42.14 13.87
N SER C 166 -3.73 -43.46 14.10
CA SER C 166 -4.92 -44.24 14.38
C SER C 166 -4.66 -45.09 15.62
N TRP C 167 -5.73 -45.71 16.11
CA TRP C 167 -5.68 -46.50 17.33
C TRP C 167 -6.35 -47.84 17.07
N ASN C 168 -5.62 -48.91 17.34
CA ASN C 168 -6.10 -50.27 17.11
C ASN C 168 -6.70 -50.38 15.71
N SER C 169 -5.87 -50.07 14.73
CA SER C 169 -6.13 -50.22 13.30
C SER C 169 -7.43 -49.53 12.85
N GLY C 170 -7.99 -48.67 13.69
CA GLY C 170 -9.19 -47.94 13.33
C GLY C 170 -10.44 -48.42 14.03
N ALA C 171 -10.31 -49.14 15.15
CA ALA C 171 -11.46 -49.67 15.87
C ALA C 171 -11.57 -49.05 17.26
N LEU C 172 -10.94 -47.88 17.43
CA LEU C 172 -10.93 -47.14 18.68
C LEU C 172 -10.90 -45.67 18.27
N THR C 173 -12.08 -45.08 18.08
CA THR C 173 -12.20 -43.67 17.77
C THR C 173 -12.78 -42.86 18.92
N SER C 174 -13.53 -43.50 19.81
CA SER C 174 -14.15 -42.83 20.97
C SER C 174 -13.07 -42.47 21.96
N GLY C 175 -12.62 -41.22 21.93
CA GLY C 175 -11.60 -40.73 22.85
C GLY C 175 -10.35 -40.20 22.19
N VAL C 176 -10.16 -40.40 20.89
CA VAL C 176 -8.94 -39.96 20.20
C VAL C 176 -8.96 -38.45 20.05
N HIS C 177 -7.94 -37.79 20.59
CA HIS C 177 -7.76 -36.33 20.47
C HIS C 177 -6.39 -36.08 19.87
N THR C 178 -6.28 -36.24 18.55
CA THR C 178 -5.04 -35.97 17.86
C THR C 178 -4.85 -34.46 17.75
N PHE C 179 -3.72 -33.96 18.26
CA PHE C 179 -3.43 -32.54 18.29
C PHE C 179 -2.72 -32.12 17.02
N PRO C 180 -3.13 -31.00 16.43
CA PRO C 180 -2.43 -30.48 15.25
C PRO C 180 -0.96 -30.20 15.52
N ALA C 181 -0.16 -30.36 14.47
CA ALA C 181 1.30 -30.26 14.56
C ALA C 181 1.74 -28.88 15.04
N VAL C 182 3.00 -28.82 15.46
CA VAL C 182 3.66 -27.56 15.82
C VAL C 182 5.06 -27.56 15.25
N LEU C 183 5.49 -26.40 14.77
CA LEU C 183 6.84 -26.22 14.28
C LEU C 183 7.74 -25.79 15.43
N GLN C 184 9.04 -26.01 15.25
CA GLN C 184 10.04 -25.76 16.27
C GLN C 184 11.21 -24.99 15.66
N SER C 185 12.20 -24.68 16.49
CA SER C 185 13.41 -24.03 16.03
C SER C 185 14.33 -24.99 15.27
N SER C 186 13.90 -26.24 15.12
CA SER C 186 14.62 -27.22 14.32
C SER C 186 14.05 -27.36 12.91
N GLY C 187 12.97 -26.63 12.60
CA GLY C 187 12.31 -26.75 11.32
C GLY C 187 11.42 -27.95 11.17
N LEU C 188 11.42 -28.86 12.14
CA LEU C 188 10.65 -30.10 12.08
C LEU C 188 9.46 -30.00 13.03
N TYR C 189 8.39 -30.70 12.68
CA TYR C 189 7.16 -30.61 13.44
C TYR C 189 7.14 -31.64 14.58
N SER C 190 6.02 -31.67 15.30
CA SER C 190 5.82 -32.61 16.40
C SER C 190 4.32 -32.69 16.68
N LEU C 191 3.93 -33.76 17.35
CA LEU C 191 2.52 -34.09 17.49
C LEU C 191 2.33 -34.85 18.79
N SER C 192 1.08 -35.16 19.09
CA SER C 192 0.68 -36.03 20.19
C SER C 192 -0.74 -36.47 19.91
N SER C 193 -1.10 -37.64 20.43
CA SER C 193 -2.46 -38.14 20.25
C SER C 193 -2.79 -39.01 21.45
N VAL C 194 -3.87 -38.65 22.14
CA VAL C 194 -4.21 -39.28 23.40
C VAL C 194 -5.63 -39.83 23.31
N VAL C 195 -5.88 -40.87 24.11
CA VAL C 195 -7.22 -41.42 24.26
C VAL C 195 -7.43 -41.77 25.73
N THR C 196 -8.66 -41.60 26.20
CA THR C 196 -9.04 -41.96 27.57
C THR C 196 -9.82 -43.27 27.52
N VAL C 197 -9.52 -44.16 28.47
CA VAL C 197 -10.18 -45.46 28.53
C VAL C 197 -10.34 -45.86 29.99
N PRO C 198 -11.34 -46.66 30.34
CA PRO C 198 -11.46 -47.11 31.74
C PRO C 198 -10.28 -47.99 32.11
N SER C 199 -9.94 -47.99 33.39
CA SER C 199 -8.88 -48.84 33.87
C SER C 199 -9.31 -50.30 33.96
N SER C 200 -10.55 -50.61 33.57
CA SER C 200 -11.02 -51.99 33.59
C SER C 200 -10.41 -52.81 32.46
N SER C 201 -10.07 -52.17 31.35
CA SER C 201 -9.42 -52.83 30.22
C SER C 201 -8.00 -52.32 30.02
N LEU C 202 -7.32 -51.94 31.10
CA LEU C 202 -5.96 -51.43 31.01
C LEU C 202 -4.95 -52.53 30.70
N GLY C 203 -5.34 -53.80 30.83
CA GLY C 203 -4.45 -54.90 30.50
C GLY C 203 -5.17 -55.98 29.72
N THR C 204 -6.50 -55.91 29.67
CA THR C 204 -7.29 -56.91 28.96
C THR C 204 -7.22 -56.66 27.45
N GLN C 205 -7.46 -55.42 27.04
CA GLN C 205 -7.46 -55.04 25.63
C GLN C 205 -6.14 -54.36 25.30
N THR C 206 -5.66 -54.61 24.08
CA THR C 206 -4.41 -54.02 23.62
C THR C 206 -4.69 -52.65 23.02
N TYR C 207 -3.66 -51.81 22.99
CA TYR C 207 -3.76 -50.43 22.53
C TYR C 207 -2.54 -50.14 21.69
N ILE C 208 -2.74 -50.01 20.38
CA ILE C 208 -1.67 -49.85 19.41
C ILE C 208 -1.95 -48.61 18.56
N CYS C 209 -1.07 -47.62 18.64
CA CYS C 209 -1.23 -46.41 17.84
C CYS C 209 -0.50 -46.64 16.52
N ASN C 210 -1.22 -46.53 15.42
CA ASN C 210 -0.67 -46.81 14.10
C ASN C 210 -0.33 -45.48 13.44
N VAL C 211 0.96 -45.11 13.50
CA VAL C 211 1.45 -43.91 12.84
C VAL C 211 1.70 -44.16 11.36
N ASN C 212 1.47 -43.14 10.55
CA ASN C 212 1.71 -43.26 9.11
C ASN C 212 2.17 -41.89 8.62
N HIS C 213 3.33 -41.85 7.96
CA HIS C 213 3.86 -40.61 7.39
C HIS C 213 4.16 -40.84 5.91
N LYS C 214 3.16 -40.65 5.07
CA LYS C 214 3.28 -40.90 3.63
C LYS C 214 4.42 -40.16 2.94
N PRO C 215 4.78 -38.92 3.30
CA PRO C 215 5.89 -38.23 2.61
C PRO C 215 7.19 -39.01 2.56
N SER C 216 7.45 -39.86 3.55
CA SER C 216 8.62 -40.70 3.57
C SER C 216 8.30 -42.19 3.61
N ASN C 217 7.03 -42.57 3.53
CA ASN C 217 6.60 -43.97 3.64
C ASN C 217 7.16 -44.59 4.91
N THR C 218 7.08 -43.84 6.00
CA THR C 218 7.53 -44.30 7.32
C THR C 218 6.29 -44.72 8.11
N LYS C 219 5.97 -46.00 8.03
CA LYS C 219 4.84 -46.55 8.77
C LYS C 219 5.36 -47.15 10.07
N VAL C 220 4.59 -46.96 11.14
CA VAL C 220 4.99 -47.43 12.47
C VAL C 220 3.76 -47.82 13.28
N ASP C 221 3.73 -49.07 13.73
CA ASP C 221 2.73 -49.55 14.66
C ASP C 221 3.41 -49.76 16.01
N LYS C 222 2.69 -49.45 17.09
CA LYS C 222 3.32 -49.57 18.39
C LYS C 222 2.28 -49.70 19.48
N LYS C 223 2.49 -50.65 20.38
CA LYS C 223 1.62 -50.86 21.53
C LYS C 223 2.15 -50.07 22.71
N VAL C 224 1.26 -49.69 23.61
CA VAL C 224 1.60 -48.83 24.74
C VAL C 224 1.20 -49.48 26.07
N GLU C 225 2.09 -49.39 27.05
CA GLU C 225 1.81 -49.77 28.43
C GLU C 225 2.91 -49.27 29.38
N LYS D 4 2.20 59.68 18.78
CA LYS D 4 2.12 58.66 19.84
C LYS D 4 3.13 57.53 19.63
N PRO D 5 3.98 57.32 20.63
CA PRO D 5 5.09 56.38 20.48
C PRO D 5 4.61 54.94 20.35
N PHE D 6 5.25 54.21 19.45
CA PHE D 6 4.96 52.81 19.25
C PHE D 6 5.68 51.96 20.29
N THR D 7 5.03 50.90 20.76
CA THR D 7 5.59 50.02 21.76
C THR D 7 5.14 48.59 21.52
N VAL D 8 5.89 47.66 22.08
CA VAL D 8 5.45 46.26 22.16
C VAL D 8 5.36 45.91 23.64
N PRO D 9 4.49 44.97 24.01
CA PRO D 9 4.33 44.64 25.43
C PRO D 9 5.60 44.15 26.08
N ILE D 10 5.70 44.35 27.39
CA ILE D 10 6.86 43.90 28.15
C ILE D 10 6.55 42.53 28.71
N LEU D 11 6.16 41.62 27.84
CA LEU D 11 5.89 40.23 28.19
C LEU D 11 7.02 39.35 27.67
N THR D 12 7.21 38.21 28.33
CA THR D 12 8.18 37.24 27.85
C THR D 12 7.45 36.22 26.96
N VAL D 13 8.21 35.30 26.36
CA VAL D 13 7.57 34.35 25.45
C VAL D 13 6.66 33.41 26.22
N GLU D 14 7.03 33.05 27.46
CA GLU D 14 6.24 32.12 28.25
C GLU D 14 4.96 32.74 28.81
N GLU D 15 4.97 34.06 29.06
CA GLU D 15 3.79 34.77 29.54
C GLU D 15 2.74 34.98 28.46
N MET D 16 3.06 34.75 27.18
CA MET D 16 2.17 35.09 26.08
C MET D 16 1.39 33.86 25.60
N THR D 17 0.51 34.10 24.62
CA THR D 17 -0.46 33.13 24.16
C THR D 17 -0.45 33.01 22.64
N ASN D 18 -0.68 31.81 22.18
CA ASN D 18 -0.78 31.61 20.74
C ASN D 18 -2.04 32.29 20.23
N SER D 19 -1.96 32.79 19.00
CA SER D 19 -3.08 33.50 18.41
C SER D 19 -3.85 32.63 17.44
N ARG D 20 -3.46 31.37 17.28
CA ARG D 20 -4.15 30.46 16.39
C ARG D 20 -4.83 29.31 17.11
N PHE D 21 -4.65 29.20 18.43
CA PHE D 21 -5.24 28.17 19.27
C PHE D 21 -5.06 28.57 20.72
N PRO D 22 -6.04 28.30 21.58
CA PRO D 22 -5.93 28.73 22.98
C PRO D 22 -4.90 27.96 23.80
N ILE D 23 -3.61 28.16 23.52
CA ILE D 23 -2.53 27.52 24.28
C ILE D 23 -1.38 28.49 24.44
N PRO D 24 -0.57 28.30 25.47
CA PRO D 24 0.55 29.22 25.70
C PRO D 24 1.61 29.10 24.63
N LEU D 25 2.38 30.18 24.47
CA LEU D 25 3.58 30.08 23.64
C LEU D 25 4.66 29.34 24.41
N GLU D 26 5.68 28.91 23.66
CA GLU D 26 6.67 28.02 24.22
C GLU D 26 8.08 28.42 23.78
N LYS D 27 8.25 28.66 22.49
CA LYS D 27 9.56 28.95 21.95
C LYS D 27 9.43 29.78 20.68
N LEU D 28 10.52 30.42 20.32
CA LEU D 28 10.67 31.11 19.06
C LEU D 28 11.37 30.22 18.05
N PHE D 29 11.03 30.39 16.79
CA PHE D 29 11.53 29.50 15.75
C PHE D 29 11.57 30.25 14.44
N THR D 30 12.68 30.13 13.71
CA THR D 30 12.77 30.70 12.37
C THR D 30 13.05 29.58 11.38
N GLY D 31 12.49 29.72 10.18
CA GLY D 31 12.64 28.68 9.17
C GLY D 31 12.65 29.23 7.76
N PRO D 32 13.15 28.43 6.82
CA PRO D 32 13.22 28.87 5.43
C PRO D 32 11.85 28.82 4.77
N SER D 33 11.43 29.95 4.23
CA SER D 33 10.18 30.01 3.49
C SER D 33 10.36 29.28 2.17
N GLY D 34 9.30 28.60 1.74
CA GLY D 34 9.39 27.82 0.52
C GLY D 34 8.77 26.47 0.74
N ALA D 35 8.03 25.99 -0.26
CA ALA D 35 7.26 24.74 -0.28
C ALA D 35 5.96 24.88 0.51
N PHE D 36 5.63 26.06 1.02
CA PHE D 36 4.32 26.27 1.64
C PHE D 36 4.06 27.77 1.68
N VAL D 37 2.78 28.12 1.74
CA VAL D 37 2.36 29.51 1.72
C VAL D 37 1.90 29.87 3.12
N VAL D 38 2.62 30.79 3.76
CA VAL D 38 2.27 31.29 5.10
C VAL D 38 1.16 32.31 4.94
N GLN D 39 -0.08 31.90 5.17
CA GLN D 39 -1.24 32.79 5.05
C GLN D 39 -2.28 32.47 6.11
N PRO D 40 -1.93 32.61 7.39
CA PRO D 40 -2.93 32.35 8.43
C PRO D 40 -3.90 33.52 8.52
N GLN D 41 -5.09 33.23 9.05
CA GLN D 41 -6.13 34.22 9.21
C GLN D 41 -6.40 34.60 10.66
N ASN D 42 -5.79 33.90 11.61
CA ASN D 42 -5.78 34.30 13.00
C ASN D 42 -4.41 34.88 13.37
N GLY D 43 -4.40 35.77 14.34
CA GLY D 43 -3.16 36.43 14.67
C GLY D 43 -2.70 37.39 13.61
N ARG D 44 -3.60 37.84 12.77
CA ARG D 44 -3.26 38.85 11.76
C ARG D 44 -3.77 40.21 12.21
N CYS D 45 -2.85 41.14 12.39
CA CYS D 45 -3.17 42.47 12.86
C CYS D 45 -2.03 43.40 12.51
N THR D 46 -2.36 44.57 11.99
CA THR D 46 -1.36 45.58 11.64
C THR D 46 -0.91 46.33 12.88
N THR D 47 0.28 46.94 12.81
CA THR D 47 0.84 47.57 14.00
C THR D 47 0.06 48.79 14.44
N ASP D 48 -0.78 49.35 13.58
CA ASP D 48 -1.57 50.53 13.89
C ASP D 48 -2.98 50.20 14.34
N GLY D 49 -3.31 48.91 14.51
CA GLY D 49 -4.51 48.49 15.19
C GLY D 49 -5.60 47.85 14.37
N VAL D 50 -5.37 47.58 13.08
CA VAL D 50 -6.41 47.03 12.22
C VAL D 50 -6.33 45.50 12.17
N LEU D 51 -7.38 44.85 12.66
CA LEU D 51 -7.44 43.40 12.64
C LEU D 51 -7.73 42.91 11.23
N LEU D 52 -7.19 41.74 10.90
CA LEU D 52 -7.26 41.17 9.57
C LEU D 52 -7.81 39.75 9.64
N GLY D 53 -8.31 39.27 8.51
CA GLY D 53 -8.80 37.90 8.44
C GLY D 53 -9.90 37.62 9.45
N THR D 54 -9.77 36.48 10.12
CA THR D 54 -10.75 36.05 11.12
C THR D 54 -10.30 36.37 12.54
N THR D 55 -9.51 37.43 12.71
CA THR D 55 -8.91 37.73 13.99
C THR D 55 -9.83 38.50 14.91
N GLN D 56 -9.92 38.06 16.16
CA GLN D 56 -10.58 38.83 17.20
C GLN D 56 -9.67 38.95 18.42
N LEU D 57 -10.18 39.47 19.53
CA LEU D 57 -9.29 39.88 20.61
C LEU D 57 -9.14 38.86 21.72
N SER D 58 -10.17 38.08 22.02
CA SER D 58 -9.90 37.18 23.14
C SER D 58 -9.29 35.87 22.66
N PRO D 59 -8.27 35.35 23.36
CA PRO D 59 -7.67 34.07 22.96
C PRO D 59 -8.50 32.86 23.36
N VAL D 60 -9.61 33.02 24.08
CA VAL D 60 -10.45 31.88 24.43
C VAL D 60 -11.57 31.67 23.44
N ASN D 61 -11.74 32.55 22.46
CA ASN D 61 -12.76 32.40 21.45
C ASN D 61 -12.22 31.83 20.15
N ILE D 62 -11.00 31.35 20.16
CA ILE D 62 -10.39 30.74 19.00
C ILE D 62 -10.76 29.26 18.98
N CYS D 63 -11.21 28.78 17.82
CA CYS D 63 -11.60 27.38 17.58
C CYS D 63 -12.79 26.93 18.42
N THR D 64 -13.66 27.85 18.84
CA THR D 64 -14.89 27.49 19.51
C THR D 64 -16.08 27.76 18.58
N PHE D 65 -17.21 27.11 18.89
CA PHE D 65 -18.42 27.26 18.10
C PHE D 65 -19.65 27.27 19.01
N ARG D 66 -20.66 28.05 18.60
CA ARG D 66 -21.88 28.15 19.36
C ARG D 66 -23.05 28.01 18.39
N GLY D 67 -24.14 27.48 18.90
CA GLY D 67 -25.35 27.34 18.12
C GLY D 67 -26.18 26.22 18.69
N ASP D 68 -27.03 25.67 17.83
CA ASP D 68 -27.89 24.55 18.17
C ASP D 68 -27.53 23.39 17.26
N VAL D 69 -27.86 22.18 17.70
CA VAL D 69 -27.44 21.04 16.90
C VAL D 69 -28.64 20.27 16.38
N THR D 70 -28.36 19.23 15.59
CA THR D 70 -29.36 18.41 14.93
C THR D 70 -28.72 17.07 14.64
N HIS D 71 -29.36 15.99 15.07
CA HIS D 71 -28.78 14.68 14.85
C HIS D 71 -28.87 14.29 13.38
N ILE D 72 -27.84 13.63 12.91
CA ILE D 72 -27.80 13.10 11.56
C ILE D 72 -28.26 11.64 11.65
N ALA D 73 -29.38 11.31 11.01
CA ALA D 73 -30.00 9.99 11.10
C ALA D 73 -28.97 8.86 11.04
N GLY D 74 -29.10 7.91 11.98
CA GLY D 74 -28.30 6.69 11.93
C GLY D 74 -26.79 6.87 12.05
N THR D 75 -26.32 8.00 12.54
CA THR D 75 -24.90 8.24 12.71
C THR D 75 -24.61 8.63 14.16
N HIS D 76 -23.34 8.84 14.46
CA HIS D 76 -22.94 9.53 15.68
C HIS D 76 -22.59 10.98 15.40
N ASN D 77 -23.09 11.53 14.30
CA ASN D 77 -22.76 12.87 13.87
C ASN D 77 -23.89 13.83 14.16
N TYR D 78 -23.51 15.09 14.37
CA TYR D 78 -24.45 16.16 14.64
C TYR D 78 -24.08 17.35 13.76
N THR D 79 -25.09 18.05 13.27
CA THR D 79 -24.86 19.26 12.50
C THR D 79 -25.18 20.47 13.36
N MET D 80 -24.25 21.41 13.43
CA MET D 80 -24.42 22.61 14.23
C MET D 80 -24.77 23.78 13.31
N ASN D 81 -25.79 24.54 13.69
CA ASN D 81 -26.11 25.78 12.99
C ASN D 81 -25.52 26.92 13.82
N LEU D 82 -24.59 27.67 13.21
CA LEU D 82 -23.72 28.54 13.97
C LEU D 82 -24.40 29.85 14.38
N ALA D 83 -24.15 30.26 15.62
CA ALA D 83 -24.48 31.58 16.10
C ALA D 83 -23.20 32.36 16.37
N SER D 84 -23.35 33.60 16.82
CA SER D 84 -22.21 34.41 17.21
C SER D 84 -21.90 34.18 18.69
N GLN D 85 -20.82 34.80 19.17
CA GLN D 85 -20.38 34.61 20.55
C GLN D 85 -21.47 35.02 21.55
N ASN D 86 -22.19 36.09 21.23
CA ASN D 86 -23.24 36.62 22.10
C ASN D 86 -24.58 35.93 21.85
N TRP D 87 -24.59 34.81 21.14
CA TRP D 87 -25.77 34.01 20.79
C TRP D 87 -26.72 34.68 19.81
N ASN D 88 -26.36 35.84 19.25
CA ASN D 88 -27.18 36.42 18.21
C ASN D 88 -27.08 35.60 16.91
N ASN D 89 -27.92 35.96 15.95
CA ASN D 89 -27.90 35.29 14.65
C ASN D 89 -26.60 35.61 13.93
N TYR D 90 -26.12 34.65 13.16
CA TYR D 90 -24.92 34.84 12.35
C TYR D 90 -25.32 35.44 11.01
N ASP D 91 -24.57 36.46 10.57
CA ASP D 91 -24.84 37.13 9.30
C ASP D 91 -23.78 36.75 8.27
N PRO D 92 -24.04 35.79 7.38
CA PRO D 92 -23.00 35.34 6.44
C PRO D 92 -22.65 36.34 5.35
N THR D 93 -23.07 37.59 5.49
CA THR D 93 -22.84 38.63 4.48
C THR D 93 -21.91 39.71 4.98
N GLU D 94 -21.09 39.41 5.98
CA GLU D 94 -20.04 40.31 6.43
C GLU D 94 -18.77 40.06 5.62
N GLU D 95 -17.96 41.10 5.46
CA GLU D 95 -16.76 41.02 4.63
C GLU D 95 -15.61 40.40 5.43
N ILE D 96 -15.80 39.13 5.78
CA ILE D 96 -14.79 38.35 6.51
C ILE D 96 -14.73 36.95 5.94
N PRO D 97 -13.58 36.27 6.08
CA PRO D 97 -13.45 34.93 5.49
C PRO D 97 -14.40 33.93 6.09
N ALA D 98 -14.72 34.12 7.37
CA ALA D 98 -15.45 33.19 8.21
C ALA D 98 -15.74 33.91 9.53
N PRO D 99 -16.59 33.37 10.40
CA PRO D 99 -16.81 34.03 11.70
C PRO D 99 -15.49 34.20 12.45
N LEU D 100 -15.40 35.28 13.23
CA LEU D 100 -14.15 35.53 13.92
C LEU D 100 -13.79 34.38 14.85
N GLY D 101 -12.49 34.05 14.88
CA GLY D 101 -11.96 32.95 15.66
C GLY D 101 -12.01 31.61 15.00
N THR D 102 -12.62 31.50 13.82
CA THR D 102 -12.70 30.23 13.11
C THR D 102 -11.30 29.69 12.81
N PRO D 103 -11.10 28.36 12.89
CA PRO D 103 -9.79 27.77 12.54
C PRO D 103 -9.24 28.18 11.18
N ASP D 104 -7.92 28.12 11.04
CA ASP D 104 -7.25 28.49 9.80
C ASP D 104 -6.27 27.40 9.38
N PHE D 105 -6.61 26.15 9.67
CA PHE D 105 -5.77 25.04 9.22
C PHE D 105 -6.63 23.80 9.05
N VAL D 106 -6.16 22.93 8.17
CA VAL D 106 -6.86 21.70 7.83
C VAL D 106 -6.42 20.61 8.81
N GLY D 107 -7.38 20.04 9.51
CA GLY D 107 -7.08 19.03 10.51
C GLY D 107 -8.32 18.68 11.29
N ARG D 108 -8.14 17.78 12.24
CA ARG D 108 -9.25 17.26 13.01
C ARG D 108 -9.07 17.69 14.46
N ILE D 109 -10.03 18.46 14.96
CA ILE D 109 -9.95 19.09 16.27
C ILE D 109 -10.91 18.39 17.20
N GLN D 110 -10.38 17.92 18.32
CA GLN D 110 -11.18 17.24 19.32
C GLN D 110 -11.42 18.22 20.46
N GLY D 111 -12.62 18.18 21.00
CA GLY D 111 -12.99 18.99 22.14
C GLY D 111 -14.16 18.35 22.81
N MET D 112 -15.00 19.16 23.44
CA MET D 112 -16.25 18.66 24.01
C MET D 112 -17.41 19.51 23.54
N LEU D 113 -18.50 18.84 23.15
CA LEU D 113 -19.76 19.52 22.93
C LEU D 113 -20.50 19.58 24.25
N THR D 114 -20.89 20.78 24.65
CA THR D 114 -21.65 20.97 25.87
C THR D 114 -22.95 21.68 25.53
N GLN D 115 -24.01 21.30 26.25
CA GLN D 115 -25.34 21.82 25.99
C GLN D 115 -26.10 21.97 27.31
N THR D 116 -26.94 23.00 27.37
CA THR D 116 -27.75 23.29 28.55
C THR D 116 -29.19 23.51 28.12
N THR D 117 -30.12 22.95 28.87
CA THR D 117 -31.54 23.06 28.56
C THR D 117 -32.15 24.22 29.37
N ARG D 118 -32.64 25.24 28.65
CA ARG D 118 -33.14 26.44 29.32
C ARG D 118 -34.32 26.16 30.25
N GLY D 119 -35.04 25.06 30.01
CA GLY D 119 -36.19 24.72 30.82
C GLY D 119 -35.85 24.41 32.26
N ASP D 120 -35.21 23.26 32.51
CA ASP D 120 -34.91 22.80 33.86
C ASP D 120 -33.48 23.06 34.29
N GLY D 121 -32.66 23.68 33.44
CA GLY D 121 -31.28 23.92 33.81
C GLY D 121 -30.42 22.68 33.87
N SER D 122 -30.69 21.69 33.02
CA SER D 122 -29.92 20.46 32.93
C SER D 122 -28.85 20.61 31.86
N THR D 123 -27.74 19.90 32.04
CA THR D 123 -26.56 20.04 31.21
C THR D 123 -26.06 18.66 30.76
N ARG D 124 -25.46 18.63 29.58
CA ARG D 124 -24.81 17.41 29.08
C ARG D 124 -23.58 17.77 28.26
N GLY D 125 -22.55 16.94 28.38
CA GLY D 125 -21.33 17.14 27.62
C GLY D 125 -20.80 15.82 27.10
N HIS D 126 -20.41 15.80 25.83
CA HIS D 126 -19.87 14.62 25.18
C HIS D 126 -18.65 14.99 24.35
N LYS D 127 -17.68 14.10 24.32
CA LYS D 127 -16.52 14.33 23.46
C LYS D 127 -16.97 14.41 22.01
N ALA D 128 -16.33 15.26 21.23
CA ALA D 128 -16.71 15.42 19.85
C ALA D 128 -15.53 15.93 19.04
N THR D 129 -15.61 15.69 17.73
CA THR D 129 -14.50 15.93 16.84
C THR D 129 -15.02 16.69 15.64
N VAL D 130 -14.29 17.70 15.20
CA VAL D 130 -14.63 18.49 14.02
C VAL D 130 -13.45 18.44 13.07
N SER D 131 -13.74 18.21 11.79
CA SER D 131 -12.73 18.07 10.76
C SER D 131 -12.83 19.29 9.85
N THR D 132 -11.85 20.18 9.93
CA THR D 132 -11.92 21.41 9.14
C THR D 132 -11.67 21.17 7.66
N GLY D 133 -11.28 19.97 7.26
CA GLY D 133 -10.91 19.79 5.87
C GLY D 133 -11.89 18.97 5.05
N ASP D 134 -13.12 18.81 5.53
CA ASP D 134 -14.10 18.03 4.79
C ASP D 134 -15.20 18.93 4.24
N VAL D 135 -16.12 18.31 3.51
CA VAL D 135 -17.13 19.06 2.78
C VAL D 135 -18.15 19.69 3.70
N HIS D 136 -18.30 19.18 4.92
CA HIS D 136 -19.28 19.67 5.87
C HIS D 136 -18.76 20.81 6.74
N PHE D 137 -17.55 21.30 6.48
CA PHE D 137 -16.99 22.44 7.21
C PHE D 137 -17.26 23.70 6.40
N THR D 138 -18.43 24.30 6.62
CA THR D 138 -18.85 25.50 5.90
C THR D 138 -19.28 26.58 6.88
N PRO D 139 -18.34 27.12 7.66
CA PRO D 139 -18.74 28.14 8.66
C PRO D 139 -19.16 29.45 8.03
N LYS D 140 -18.55 29.83 6.91
CA LYS D 140 -19.03 31.02 6.22
C LYS D 140 -20.48 30.87 5.80
N LEU D 141 -20.94 29.64 5.50
CA LEU D 141 -22.34 29.39 5.23
C LEU D 141 -23.18 29.19 6.48
N GLY D 142 -22.56 29.09 7.65
CA GLY D 142 -23.27 29.05 8.91
C GLY D 142 -23.42 27.69 9.58
N SER D 143 -22.79 26.64 9.05
CA SER D 143 -23.00 25.28 9.55
C SER D 143 -21.71 24.49 9.52
N ILE D 144 -21.49 23.67 10.54
CA ILE D 144 -20.40 22.71 10.61
C ILE D 144 -20.95 21.39 11.14
N GLN D 145 -20.10 20.36 11.14
CA GLN D 145 -20.53 19.01 11.49
C GLN D 145 -19.64 18.46 12.58
N PHE D 146 -20.21 17.72 13.51
CA PHE D 146 -19.45 17.13 14.59
C PHE D 146 -19.64 15.64 14.58
N ASN D 147 -18.56 14.92 14.85
CA ASN D 147 -18.62 13.49 15.13
C ASN D 147 -18.46 13.32 16.63
N THR D 148 -19.42 12.64 17.26
CA THR D 148 -19.46 12.51 18.70
C THR D 148 -19.43 11.03 19.09
N ASP D 149 -19.64 10.80 20.38
CA ASP D 149 -19.70 9.47 20.99
C ASP D 149 -21.11 9.02 21.34
N THR D 150 -22.10 9.92 21.25
CA THR D 150 -23.50 9.62 21.54
C THR D 150 -24.34 9.72 20.27
N ASN D 151 -25.43 8.96 20.23
CA ASN D 151 -26.36 9.02 19.10
C ASN D 151 -27.75 9.48 19.53
N ASN D 152 -27.92 9.98 20.76
CA ASN D 152 -29.29 10.22 21.22
C ASN D 152 -29.40 11.17 22.41
N ASP D 153 -28.40 12.00 22.73
CA ASP D 153 -28.47 12.78 23.96
C ASP D 153 -28.64 14.28 23.73
N PHE D 154 -28.01 14.84 22.72
CA PHE D 154 -28.15 16.27 22.48
C PHE D 154 -29.54 16.58 21.97
N GLU D 155 -30.18 17.57 22.59
CA GLU D 155 -31.52 17.99 22.24
C GLU D 155 -31.47 18.99 21.09
N THR D 156 -32.63 19.45 20.66
CA THR D 156 -32.67 20.44 19.59
C THR D 156 -33.09 21.79 20.16
N GLY D 157 -32.80 22.84 19.39
CA GLY D 157 -33.18 24.18 19.79
C GLY D 157 -32.51 24.69 21.06
N GLN D 158 -31.52 23.96 21.55
CA GLN D 158 -30.83 24.35 22.77
C GLN D 158 -29.45 24.90 22.43
N ASN D 159 -28.97 25.81 23.27
CA ASN D 159 -27.66 26.41 23.06
C ASN D 159 -26.56 25.38 23.27
N THR D 160 -25.68 25.27 22.29
CA THR D 160 -24.59 24.32 22.33
C THR D 160 -23.27 25.01 22.06
N LYS D 161 -22.23 24.57 22.78
CA LYS D 161 -20.91 25.17 22.68
C LYS D 161 -19.85 24.10 22.48
N PHE D 162 -18.96 24.31 21.53
CA PHE D 162 -17.83 23.42 21.35
C PHE D 162 -16.57 24.05 21.95
N THR D 163 -15.85 23.29 22.76
CA THR D 163 -14.64 23.80 23.39
C THR D 163 -13.46 22.98 22.89
N PRO D 164 -12.55 23.56 22.12
CA PRO D 164 -11.43 22.77 21.59
C PRO D 164 -10.49 22.35 22.70
N VAL D 165 -9.88 21.19 22.51
CA VAL D 165 -8.88 20.65 23.43
C VAL D 165 -7.57 20.33 22.71
N GLY D 166 -7.64 19.59 21.61
CA GLY D 166 -6.44 19.18 20.90
C GLY D 166 -6.75 18.73 19.49
N VAL D 167 -5.73 18.08 18.88
CA VAL D 167 -5.81 17.59 17.51
C VAL D 167 -5.67 16.07 17.55
N VAL D 168 -6.24 15.41 16.53
CA VAL D 168 -6.20 13.96 16.41
C VAL D 168 -5.71 13.60 15.02
N GLN D 169 -5.02 12.47 14.95
CA GLN D 169 -4.61 11.85 13.68
C GLN D 169 -5.14 10.43 13.73
N ASP D 170 -6.11 10.12 12.91
CA ASP D 170 -6.66 8.77 12.82
C ASP D 170 -6.19 8.16 11.51
N GLY D 171 -5.73 6.92 11.57
CA GLY D 171 -5.35 6.27 10.33
C GLY D 171 -4.57 4.99 10.47
N ASN D 172 -4.80 4.07 9.54
CA ASN D 172 -3.98 2.88 9.38
C ASN D 172 -3.01 3.12 8.22
N GLY D 173 -2.24 4.19 8.36
CA GLY D 173 -1.41 4.68 7.27
C GLY D 173 -0.26 5.54 7.74
N ALA D 174 0.07 6.56 6.94
CA ALA D 174 1.23 7.40 7.23
C ALA D 174 0.98 8.27 8.46
N HIS D 175 2.02 8.41 9.28
CA HIS D 175 2.02 9.21 10.49
C HIS D 175 2.27 10.68 10.18
N GLN D 176 1.84 11.55 11.08
CA GLN D 176 2.11 12.98 11.03
C GLN D 176 1.66 13.63 9.73
N ASN D 177 0.60 13.10 9.13
CA ASN D 177 0.08 13.66 7.89
C ASN D 177 -1.00 14.70 8.14
N GLU D 178 -1.33 15.00 9.40
CA GLU D 178 -2.27 16.05 9.74
C GLU D 178 -2.09 16.38 11.21
N PRO D 179 -2.41 17.61 11.64
CA PRO D 179 -2.91 18.75 10.88
C PRO D 179 -1.86 19.38 9.99
N GLN D 180 -2.27 20.28 9.10
CA GLN D 180 -1.36 20.96 8.18
C GLN D 180 -1.57 22.46 8.37
N GLN D 181 -0.79 23.06 9.26
CA GLN D 181 -1.12 24.41 9.73
C GLN D 181 -1.05 25.46 8.61
N TRP D 182 -0.42 25.17 7.48
CA TRP D 182 -0.30 26.15 6.41
C TRP D 182 -1.20 25.83 5.23
N VAL D 183 -2.26 25.06 5.46
CA VAL D 183 -3.26 24.82 4.43
C VAL D 183 -4.58 25.41 4.93
N LEU D 184 -5.09 26.42 4.22
CA LEU D 184 -6.34 27.04 4.61
C LEU D 184 -7.52 26.13 4.29
N PRO D 185 -8.54 26.10 5.14
CA PRO D 185 -9.74 25.31 4.83
C PRO D 185 -10.58 26.07 3.82
N SER D 186 -11.64 25.41 3.35
CA SER D 186 -12.57 26.03 2.43
C SER D 186 -13.78 26.44 3.25
N TYR D 187 -13.80 27.70 3.65
CA TYR D 187 -14.79 28.15 4.63
C TYR D 187 -16.21 28.09 4.12
N SER D 188 -16.43 27.86 2.83
CA SER D 188 -17.77 27.71 2.28
C SER D 188 -17.92 26.38 1.55
N GLY D 189 -17.08 25.39 1.89
CA GLY D 189 -17.20 24.08 1.29
C GLY D 189 -16.87 24.08 -0.19
N ARG D 190 -17.62 23.28 -0.94
CA ARG D 190 -17.51 23.27 -2.38
C ARG D 190 -18.31 24.39 -3.02
N THR D 191 -18.89 25.29 -2.23
CA THR D 191 -19.82 26.28 -2.74
C THR D 191 -19.21 27.68 -2.80
N GLY D 192 -17.92 27.77 -3.04
CA GLY D 192 -17.30 29.06 -3.13
C GLY D 192 -15.83 28.99 -2.83
N HIS D 193 -15.12 30.00 -3.32
CA HIS D 193 -13.73 30.19 -2.97
C HIS D 193 -13.68 31.11 -1.77
N ASN D 194 -12.61 30.98 -0.98
CA ASN D 194 -12.46 31.86 0.16
C ASN D 194 -12.36 33.31 -0.29
N VAL D 195 -12.92 34.20 0.53
CA VAL D 195 -12.98 35.62 0.21
C VAL D 195 -12.52 36.46 1.38
N HIS D 196 -12.08 37.68 1.06
CA HIS D 196 -11.65 38.65 2.05
C HIS D 196 -10.49 38.13 2.90
N LEU D 197 -9.60 37.34 2.30
CA LEU D 197 -8.51 36.72 3.06
C LEU D 197 -7.45 37.75 3.48
N ALA D 198 -6.75 37.42 4.56
CA ALA D 198 -5.56 38.19 4.91
C ALA D 198 -4.43 37.87 3.95
N PRO D 199 -3.60 38.85 3.62
CA PRO D 199 -2.55 38.63 2.62
C PRO D 199 -1.56 37.58 3.09
N ALA D 200 -0.99 36.85 2.12
CA ALA D 200 0.13 35.97 2.42
C ALA D 200 1.35 36.80 2.79
N VAL D 201 2.21 36.24 3.63
CA VAL D 201 3.39 36.97 4.08
C VAL D 201 4.63 36.18 3.69
N ALA D 202 5.70 36.92 3.36
CA ALA D 202 6.99 36.32 3.04
C ALA D 202 8.04 37.41 3.16
N PRO D 203 9.26 37.05 3.51
CA PRO D 203 10.33 38.07 3.58
C PRO D 203 10.66 38.60 2.19
N THR D 204 10.87 39.90 2.11
CA THR D 204 11.24 40.57 0.86
C THR D 204 12.71 40.99 0.83
N PHE D 205 13.59 40.21 1.44
CA PHE D 205 14.98 40.61 1.66
C PHE D 205 15.88 39.38 1.82
N PRO D 206 17.01 39.36 1.12
CA PRO D 206 17.88 38.19 1.15
C PRO D 206 18.48 37.93 2.53
N GLY D 207 18.52 36.65 2.91
CA GLY D 207 19.02 36.30 4.22
C GLY D 207 18.03 36.48 5.34
N GLU D 208 16.85 37.02 5.06
CA GLU D 208 15.81 37.17 6.06
C GLU D 208 14.88 35.95 6.02
N GLN D 209 14.47 35.49 7.19
CA GLN D 209 13.45 34.47 7.34
C GLN D 209 12.39 34.96 8.32
N LEU D 210 11.21 34.34 8.27
CA LEU D 210 10.16 34.70 9.22
C LEU D 210 10.49 34.17 10.60
N LEU D 211 10.04 34.89 11.62
CA LEU D 211 10.15 34.43 13.00
C LEU D 211 8.75 34.02 13.47
N PHE D 212 8.61 32.77 13.89
CA PHE D 212 7.32 32.24 14.28
C PHE D 212 7.27 32.09 15.80
N PHE D 213 6.11 32.36 16.36
CA PHE D 213 5.86 32.16 17.77
C PHE D 213 5.18 30.81 17.90
N ARG D 214 5.88 29.85 18.48
CA ARG D 214 5.57 28.43 18.33
C ARG D 214 5.00 27.87 19.62
N SER D 215 3.91 27.11 19.49
CA SER D 215 3.32 26.36 20.59
C SER D 215 3.20 24.91 20.18
N THR D 216 2.95 24.06 21.16
CA THR D 216 2.69 22.65 20.90
C THR D 216 1.22 22.37 21.22
N MET D 217 0.48 21.99 20.18
CA MET D 217 -0.91 21.62 20.36
C MET D 217 -0.99 20.31 21.13
N PRO D 218 -1.99 20.16 21.98
CA PRO D 218 -2.19 18.86 22.62
C PRO D 218 -2.65 17.84 21.60
N GLY D 219 -2.23 16.60 21.81
CA GLY D 219 -2.66 15.49 20.94
C GLY D 219 -3.67 14.64 21.68
N CYS D 220 -4.69 14.19 20.96
CA CYS D 220 -5.78 13.47 21.60
C CYS D 220 -5.92 12.04 21.12
N SER D 221 -5.31 11.68 19.99
CA SER D 221 -5.40 10.34 19.46
C SER D 221 -4.48 10.18 18.25
N GLY D 222 -3.63 9.16 18.26
CA GLY D 222 -2.86 8.81 17.09
C GLY D 222 -1.47 9.42 17.05
N TYR D 223 -1.00 9.76 15.86
CA TYR D 223 0.33 10.35 15.64
C TYR D 223 0.18 11.67 14.89
N PRO D 224 -0.33 12.71 15.53
CA PRO D 224 -0.54 13.97 14.83
C PRO D 224 0.70 14.84 14.89
N ASN D 225 0.65 15.91 14.11
CA ASN D 225 1.70 16.92 14.02
C ASN D 225 1.30 18.12 14.89
N MET D 226 2.01 18.32 15.99
CA MET D 226 1.51 19.18 17.05
C MET D 226 2.20 20.55 17.13
N ASN D 227 3.04 20.91 16.17
CA ASN D 227 3.62 22.25 16.17
C ASN D 227 2.65 23.23 15.53
N LEU D 228 2.46 24.36 16.20
CA LEU D 228 1.56 25.40 15.71
C LEU D 228 2.28 26.73 15.83
N ASP D 229 2.56 27.34 14.67
CA ASP D 229 3.27 28.60 14.58
C ASP D 229 2.31 29.74 14.27
N CYS D 230 2.52 30.88 14.92
CA CYS D 230 1.76 32.07 14.61
C CYS D 230 2.71 33.24 14.38
N LEU D 231 2.22 34.24 13.65
CA LEU D 231 3.04 35.36 13.21
C LEU D 231 3.20 36.43 14.29
N LEU D 232 2.21 36.55 15.17
CA LEU D 232 2.16 37.51 16.25
C LEU D 232 1.53 36.82 17.45
N PRO D 233 2.04 37.02 18.65
CA PRO D 233 1.32 36.53 19.84
C PRO D 233 0.00 37.26 19.99
N GLN D 234 -0.95 36.59 20.67
CA GLN D 234 -2.26 37.22 20.86
C GLN D 234 -2.18 38.49 21.68
N GLU D 235 -1.15 38.61 22.51
CA GLU D 235 -1.01 39.80 23.36
C GLU D 235 -0.55 41.00 22.56
N TRP D 236 0.19 40.79 21.47
CA TRP D 236 0.56 41.91 20.60
C TRP D 236 -0.61 42.38 19.76
N VAL D 237 -1.44 41.45 19.28
CA VAL D 237 -2.69 41.86 18.64
C VAL D 237 -3.52 42.68 19.60
N GLN D 238 -3.61 42.24 20.85
CA GLN D 238 -4.39 42.96 21.84
C GLN D 238 -3.80 44.34 22.09
N HIS D 239 -2.47 44.42 22.10
CA HIS D 239 -1.79 45.68 22.36
C HIS D 239 -1.90 46.65 21.20
N PHE D 240 -1.59 46.18 19.99
CA PHE D 240 -1.65 47.06 18.83
C PHE D 240 -3.06 47.60 18.66
N TYR D 241 -4.07 46.79 19.00
CA TYR D 241 -5.43 47.25 18.86
C TYR D 241 -5.74 48.40 19.81
N GLN D 242 -5.24 48.33 21.04
CA GLN D 242 -5.57 49.36 22.02
C GLN D 242 -4.84 50.66 21.75
N GLU D 243 -3.59 50.57 21.30
CA GLU D 243 -2.77 51.77 21.16
C GLU D 243 -3.01 52.48 19.83
N ALA D 244 -3.11 51.72 18.74
CA ALA D 244 -3.32 52.31 17.41
C ALA D 244 -2.27 53.38 17.13
N ALA D 245 -1.04 53.12 17.54
CA ALA D 245 0.03 54.06 17.30
C ALA D 245 0.38 54.09 15.82
N PRO D 246 0.45 55.26 15.20
CA PRO D 246 0.77 55.32 13.77
C PRO D 246 2.19 54.85 13.51
N ALA D 247 2.38 54.23 12.34
CA ALA D 247 3.67 53.74 11.87
C ALA D 247 4.39 54.84 11.10
N GLN D 248 5.63 55.14 11.52
CA GLN D 248 6.46 56.14 10.84
C GLN D 248 7.15 55.61 9.58
N SER D 249 7.02 54.31 9.31
CA SER D 249 7.63 53.67 8.16
C SER D 249 7.04 52.27 8.08
N ASP D 250 7.51 51.49 7.11
CA ASP D 250 6.92 50.18 6.92
C ASP D 250 7.52 49.12 7.82
N VAL D 251 8.58 49.44 8.56
CA VAL D 251 9.27 48.41 9.34
C VAL D 251 9.72 49.02 10.64
N ALA D 252 9.34 48.40 11.76
CA ALA D 252 9.88 48.77 13.05
C ALA D 252 10.94 47.77 13.45
N LEU D 253 11.99 48.26 14.08
CA LEU D 253 13.12 47.44 14.49
C LEU D 253 12.97 47.09 15.97
N LEU D 254 12.91 45.80 16.26
CA LEU D 254 12.80 45.33 17.63
C LEU D 254 14.12 44.73 18.08
N ARG D 255 14.36 44.79 19.38
CA ARG D 255 15.57 44.26 19.98
C ARG D 255 15.14 43.31 21.08
N PHE D 256 15.77 42.14 21.13
CA PHE D 256 15.50 41.16 22.17
C PHE D 256 16.52 41.33 23.29
N VAL D 257 16.05 41.67 24.48
CA VAL D 257 16.88 42.11 25.59
C VAL D 257 16.83 41.10 26.72
N ASN D 258 17.98 40.84 27.33
CA ASN D 258 18.05 40.09 28.57
C ASN D 258 18.20 41.08 29.70
N PRO D 259 17.15 41.35 30.49
CA PRO D 259 17.23 42.42 31.49
C PRO D 259 18.19 42.13 32.64
N ASP D 260 18.63 40.89 32.83
CA ASP D 260 19.62 40.60 33.86
C ASP D 260 20.93 41.33 33.56
N THR D 261 21.28 41.43 32.28
CA THR D 261 22.52 42.07 31.83
C THR D 261 22.29 43.35 31.04
N GLY D 262 21.17 43.46 30.36
CA GLY D 262 20.97 44.58 29.48
C GLY D 262 21.45 44.35 28.06
N ARG D 263 21.88 43.13 27.74
CA ARG D 263 22.51 42.85 26.46
C ARG D 263 21.46 42.38 25.44
N VAL D 264 21.66 42.78 24.19
CA VAL D 264 20.75 42.46 23.10
C VAL D 264 21.18 41.13 22.49
N LEU D 265 20.28 40.14 22.49
CA LEU D 265 20.61 38.83 21.94
C LEU D 265 20.41 38.79 20.43
N PHE D 266 19.34 39.38 19.93
CA PHE D 266 19.15 39.51 18.50
C PHE D 266 18.19 40.66 18.24
N GLU D 267 18.16 41.08 16.98
CA GLU D 267 17.25 42.12 16.51
C GLU D 267 16.44 41.55 15.34
N CYS D 268 15.26 42.13 15.11
CA CYS D 268 14.36 41.63 14.09
C CYS D 268 13.51 42.80 13.56
N LYS D 269 12.87 42.58 12.43
CA LYS D 269 12.02 43.57 11.81
C LYS D 269 10.56 43.22 12.06
N LEU D 270 9.83 44.15 12.64
CA LEU D 270 8.38 44.05 12.75
C LEU D 270 7.75 44.83 11.61
N HIS D 271 7.21 44.11 10.63
CA HIS D 271 6.64 44.76 9.45
C HIS D 271 5.27 45.31 9.80
N LYS D 272 4.98 46.50 9.26
CA LYS D 272 3.73 47.17 9.55
C LYS D 272 2.54 46.25 9.27
N SER D 273 2.65 45.43 8.22
CA SER D 273 1.58 44.51 7.84
C SER D 273 1.31 43.47 8.91
N GLY D 274 2.22 43.27 9.87
CA GLY D 274 1.98 42.40 11.00
C GLY D 274 2.68 41.05 11.01
N TYR D 275 4.01 41.05 10.90
CA TYR D 275 4.80 39.82 11.01
C TYR D 275 6.26 40.21 11.25
N VAL D 276 7.08 39.23 11.66
CA VAL D 276 8.44 39.49 12.14
C VAL D 276 9.45 38.73 11.29
N THR D 277 10.55 39.39 10.92
CA THR D 277 11.61 38.73 10.16
C THR D 277 12.94 38.86 10.88
N VAL D 278 13.76 37.82 10.76
CA VAL D 278 15.10 37.79 11.33
C VAL D 278 16.09 37.47 10.21
N ALA D 279 17.37 37.79 10.47
CA ALA D 279 18.46 37.50 9.54
C ALA D 279 19.08 36.17 9.92
N HIS D 280 18.69 35.11 9.20
CA HIS D 280 19.20 33.77 9.45
C HIS D 280 18.91 32.89 8.25
N THR D 281 19.61 31.76 8.19
CA THR D 281 19.44 30.79 7.10
C THR D 281 19.39 29.38 7.65
N GLY D 282 18.25 28.73 7.44
CA GLY D 282 18.00 27.40 7.93
C GLY D 282 17.07 27.40 9.12
N GLN D 283 16.59 26.21 9.46
CA GLN D 283 15.72 26.07 10.62
C GLN D 283 16.55 26.27 11.87
N HIS D 284 16.02 27.06 12.80
CA HIS D 284 16.72 27.33 14.05
C HIS D 284 15.72 27.39 15.19
N ASP D 285 15.88 26.49 16.14
CA ASP D 285 15.19 26.55 17.42
C ASP D 285 15.96 27.53 18.30
N LEU D 286 15.41 28.74 18.48
CA LEU D 286 16.10 29.77 19.22
C LEU D 286 16.24 29.39 20.68
N VAL D 287 17.38 29.74 21.26
CA VAL D 287 17.65 29.51 22.67
C VAL D 287 17.68 30.86 23.37
N ILE D 288 16.71 31.12 24.23
CA ILE D 288 16.58 32.46 24.80
C ILE D 288 16.55 32.38 26.32
N PRO D 289 17.05 33.40 27.01
CA PRO D 289 16.82 33.51 28.46
C PRO D 289 15.33 33.66 28.72
N PRO D 290 14.83 33.05 29.80
CA PRO D 290 13.39 33.13 30.07
C PRO D 290 12.91 34.55 30.43
N ASN D 291 13.81 35.47 30.77
CA ASN D 291 13.46 36.84 31.10
C ASN D 291 13.39 37.73 29.87
N GLY D 292 13.75 37.21 28.70
CA GLY D 292 13.90 38.05 27.53
C GLY D 292 12.58 38.63 27.06
N TYR D 293 12.65 39.87 26.58
CA TYR D 293 11.46 40.50 26.04
C TYR D 293 11.84 41.39 24.86
N PHE D 294 10.87 41.62 24.00
CA PHE D 294 11.11 42.48 22.86
C PHE D 294 11.03 43.96 23.28
N ARG D 295 11.69 44.80 22.49
CA ARG D 295 11.78 46.22 22.78
C ARG D 295 11.81 46.98 21.47
N PHE D 296 10.94 47.96 21.31
CA PHE D 296 10.95 48.77 20.09
C PHE D 296 12.00 49.83 20.26
N ASP D 297 12.83 50.02 19.24
CA ASP D 297 13.90 51.01 19.28
C ASP D 297 13.66 52.14 18.30
N SER D 298 13.62 51.84 16.99
CA SER D 298 13.48 52.90 16.00
C SER D 298 12.72 52.38 14.79
N TRP D 299 12.09 53.32 14.07
CA TRP D 299 11.56 53.01 12.75
C TRP D 299 12.67 53.06 11.71
N VAL D 300 12.70 52.07 10.83
CA VAL D 300 13.74 51.88 9.84
C VAL D 300 13.07 51.67 8.49
N ASN D 301 13.87 51.48 7.44
CA ASN D 301 13.30 51.35 6.12
C ASN D 301 13.10 49.87 5.77
N GLN D 302 12.59 49.61 4.57
CA GLN D 302 12.27 48.24 4.15
C GLN D 302 13.51 47.41 3.87
N PHE D 303 14.63 48.06 3.58
CA PHE D 303 15.85 47.40 3.15
C PHE D 303 16.96 47.53 4.17
N TYR D 304 16.59 47.83 5.42
CA TYR D 304 17.53 47.77 6.52
C TYR D 304 18.11 46.36 6.63
N THR D 305 19.42 46.27 6.87
CA THR D 305 20.08 44.99 6.96
C THR D 305 20.32 44.65 8.42
N LEU D 306 19.85 43.48 8.83
CA LEU D 306 19.86 43.07 10.22
C LEU D 306 21.18 42.43 10.60
N ALA D 307 21.56 42.62 11.84
CA ALA D 307 22.67 41.86 12.40
C ALA D 307 22.30 40.38 12.45
N PRO D 308 23.21 39.49 12.10
CA PRO D 308 22.86 38.05 12.08
C PRO D 308 22.36 37.58 13.43
N MET D 309 21.26 36.84 13.41
CA MET D 309 20.66 36.28 14.61
C MET D 309 21.55 35.20 15.22
N GLU E 1 28.24 27.35 2.09
CA GLU E 1 27.54 26.16 2.59
C GLU E 1 28.22 25.62 3.85
N ILE E 2 27.48 24.87 4.65
CA ILE E 2 28.01 24.29 5.88
C ILE E 2 28.53 22.90 5.57
N VAL E 3 29.69 22.56 6.14
CA VAL E 3 30.31 21.27 5.89
C VAL E 3 30.07 20.38 7.11
N LEU E 4 29.91 19.09 6.85
CA LEU E 4 29.55 18.10 7.86
C LEU E 4 30.63 17.03 7.88
N THR E 5 31.43 16.99 8.94
CA THR E 5 32.51 16.00 9.07
C THR E 5 32.13 14.95 10.09
N GLN E 6 32.17 13.69 9.68
CA GLN E 6 32.04 12.56 10.59
C GLN E 6 33.42 12.06 10.98
N SER E 7 33.50 11.45 12.17
CA SER E 7 34.78 10.96 12.65
C SER E 7 34.52 9.88 13.66
N PRO E 8 35.25 8.76 13.63
CA PRO E 8 36.23 8.53 12.56
C PRO E 8 35.57 7.96 11.31
N ALA E 9 36.35 7.73 10.25
CA ALA E 9 35.79 7.14 9.04
C ALA E 9 35.57 5.63 9.18
N SER E 10 36.13 5.01 10.21
CA SER E 10 36.01 3.57 10.41
C SER E 10 36.05 3.28 11.90
N LEU E 11 35.24 2.32 12.33
CA LEU E 11 35.08 1.96 13.74
C LEU E 11 34.92 0.46 13.84
N SER E 12 35.66 -0.16 14.75
CA SER E 12 35.64 -1.61 14.92
C SER E 12 35.31 -2.00 16.36
N LEU E 13 34.22 -2.75 16.54
CA LEU E 13 33.79 -3.19 17.86
C LEU E 13 33.14 -4.56 17.74
N SER E 14 33.16 -5.30 18.85
CA SER E 14 32.54 -6.62 18.87
C SER E 14 31.04 -6.49 19.17
N PRO E 15 30.23 -7.33 18.52
CA PRO E 15 28.77 -7.29 18.76
C PRO E 15 28.42 -7.41 20.24
N GLY E 16 27.47 -6.58 20.67
CA GLY E 16 27.06 -6.44 22.05
C GLY E 16 27.57 -5.20 22.75
N GLU E 17 28.62 -4.56 22.23
CA GLU E 17 29.19 -3.39 22.88
C GLU E 17 28.37 -2.15 22.49
N ARG E 18 28.91 -0.95 22.77
CA ARG E 18 28.21 0.32 22.58
C ARG E 18 29.05 1.21 21.67
N ALA E 19 28.43 1.67 20.58
CA ALA E 19 29.13 2.46 19.56
C ALA E 19 28.76 3.94 19.67
N THR E 20 29.77 4.81 19.53
CA THR E 20 29.59 6.26 19.66
C THR E 20 30.23 6.94 18.45
N LEU E 21 29.39 7.44 17.55
CA LEU E 21 29.84 8.13 16.35
C LEU E 21 29.68 9.63 16.53
N SER E 22 30.52 10.41 15.84
CA SER E 22 30.51 11.86 15.97
C SER E 22 30.31 12.51 14.61
N CYS E 23 29.46 13.53 14.60
CA CYS E 23 29.27 14.44 13.48
C CYS E 23 29.47 15.86 13.98
N LYS E 24 30.24 16.65 13.23
CA LYS E 24 30.50 18.03 13.63
C LYS E 24 30.38 18.94 12.41
N ALA E 25 29.72 20.08 12.62
CA ALA E 25 29.34 21.00 11.55
C ALA E 25 30.17 22.28 11.63
N SER E 26 30.35 22.93 10.47
CA SER E 26 31.19 24.13 10.39
C SER E 26 30.68 25.25 11.30
N ARG E 27 29.37 25.50 11.28
CA ARG E 27 28.73 26.40 12.25
C ARG E 27 27.43 25.77 12.71
N SER E 28 26.71 26.45 13.60
CA SER E 28 25.53 25.88 14.24
C SER E 28 24.43 25.55 13.24
N ILE E 29 23.75 24.43 13.47
CA ILE E 29 22.58 24.07 12.69
C ILE E 29 21.47 23.63 13.64
N SER E 30 21.57 24.05 14.90
CA SER E 30 20.51 23.83 15.90
C SER E 30 20.37 22.32 16.12
N ILE E 31 19.17 21.77 16.13
CA ILE E 31 18.95 20.35 16.35
C ILE E 31 18.52 19.64 15.08
N TYR E 32 18.70 20.27 13.93
CA TYR E 32 18.17 19.71 12.70
C TYR E 32 19.29 18.98 11.98
N LEU E 33 19.57 17.77 12.50
CA LEU E 33 20.58 16.85 11.99
C LEU E 33 19.96 15.47 12.00
N ALA E 34 20.06 14.74 10.88
CA ALA E 34 19.47 13.41 10.76
C ALA E 34 20.55 12.36 10.50
N TRP E 35 20.31 11.15 11.00
CA TRP E 35 21.23 10.03 10.82
C TRP E 35 20.62 8.97 9.90
N TYR E 36 21.43 8.43 8.99
CA TYR E 36 20.95 7.43 8.06
C TYR E 36 21.85 6.20 8.10
N GLN E 37 21.25 5.05 7.82
CA GLN E 37 21.97 3.78 7.76
C GLN E 37 21.88 3.19 6.36
N GLN E 38 23.00 2.76 5.81
CA GLN E 38 23.01 2.20 4.46
C GLN E 38 23.68 0.84 4.50
N LYS E 39 22.91 -0.19 4.39
CA LYS E 39 23.52 -1.46 4.12
C LYS E 39 23.77 -1.60 2.61
N PRO E 40 24.90 -2.15 2.21
CA PRO E 40 25.24 -2.21 0.77
C PRO E 40 24.21 -3.02 -0.01
N GLY E 41 23.94 -2.57 -1.24
CA GLY E 41 22.93 -3.14 -2.09
C GLY E 41 21.52 -2.69 -1.81
N GLN E 42 21.32 -1.84 -0.80
CA GLN E 42 20.01 -1.34 -0.43
C GLN E 42 20.07 0.17 -0.31
N ALA E 43 18.90 0.78 -0.13
CA ALA E 43 18.79 2.22 0.02
C ALA E 43 19.03 2.62 1.47
N PRO E 44 19.35 3.89 1.71
CA PRO E 44 19.58 4.34 3.09
C PRO E 44 18.33 4.17 3.97
N ARG E 45 18.59 4.03 5.26
CA ARG E 45 17.56 3.83 6.27
C ARG E 45 17.63 4.99 7.24
N LEU E 46 16.53 5.73 7.36
CA LEU E 46 16.46 6.85 8.27
C LEU E 46 16.31 6.32 9.68
N LEU E 47 17.24 6.68 10.57
CA LEU E 47 17.21 6.26 11.95
C LEU E 47 16.75 7.35 12.89
N ILE E 48 17.31 8.56 12.75
CA ILE E 48 17.09 9.67 13.67
C ILE E 48 16.74 10.92 12.86
N TYR E 49 15.70 11.63 13.29
CA TYR E 49 15.40 12.98 12.82
C TYR E 49 15.44 13.92 14.01
N ASP E 50 15.61 15.22 13.70
CA ASP E 50 15.68 16.26 14.73
C ASP E 50 16.63 15.88 15.85
N ALA E 51 17.76 15.27 15.49
CA ALA E 51 18.92 15.04 16.36
C ALA E 51 18.72 13.99 17.45
N SER E 52 17.48 13.67 17.82
CA SER E 52 17.29 12.78 18.97
C SER E 52 15.96 12.02 18.96
N TYR E 53 15.24 12.04 17.85
CA TYR E 53 13.95 11.37 17.76
C TYR E 53 14.06 10.12 16.89
N ARG E 54 13.74 8.97 17.47
CA ARG E 54 13.77 7.71 16.74
C ARG E 54 12.66 7.71 15.69
N ALA E 55 13.03 7.39 14.45
CA ALA E 55 12.03 7.23 13.39
C ALA E 55 11.12 6.05 13.71
N ILE E 56 10.06 5.91 12.92
CA ILE E 56 9.08 4.87 13.18
C ILE E 56 9.66 3.51 12.82
N GLY E 57 9.49 2.54 13.71
CA GLY E 57 9.97 1.20 13.48
C GLY E 57 11.44 0.99 13.75
N ILE E 58 12.08 1.91 14.45
CA ILE E 58 13.50 1.82 14.79
C ILE E 58 13.62 1.25 16.20
N PRO E 59 14.47 0.24 16.42
CA PRO E 59 14.61 -0.30 17.78
C PRO E 59 15.17 0.74 18.74
N ALA E 60 14.83 0.58 20.02
CA ALA E 60 15.25 1.52 21.05
C ALA E 60 16.76 1.49 21.29
N ARG E 61 17.49 0.57 20.65
CA ARG E 61 18.94 0.55 20.78
C ARG E 61 19.62 1.75 20.14
N PHE E 62 18.89 2.57 19.38
CA PHE E 62 19.45 3.74 18.70
C PHE E 62 19.13 5.01 19.49
N SER E 63 20.17 5.78 19.78
CA SER E 63 20.06 7.01 20.56
C SER E 63 20.91 8.10 19.93
N GLY E 64 20.28 9.24 19.63
CA GLY E 64 20.98 10.37 19.09
C GLY E 64 20.89 11.54 20.05
N SER E 65 21.95 12.36 20.07
CA SER E 65 21.99 13.53 20.91
C SER E 65 22.85 14.60 20.25
N GLY E 66 22.73 15.82 20.76
CA GLY E 66 23.55 16.92 20.31
C GLY E 66 22.73 18.11 19.84
N SER E 67 23.44 19.21 19.67
CA SER E 67 22.86 20.46 19.19
C SER E 67 24.00 21.41 18.83
N GLY E 68 23.67 22.41 18.03
CA GLY E 68 24.64 23.36 17.56
C GLY E 68 25.58 22.76 16.55
N THR E 69 26.69 22.17 17.01
CA THR E 69 27.73 21.70 16.11
C THR E 69 28.10 20.24 16.36
N ASP E 70 28.06 19.80 17.63
CA ASP E 70 28.50 18.47 18.01
C ASP E 70 27.30 17.54 18.19
N PHE E 71 27.22 16.51 17.36
CA PHE E 71 26.14 15.53 17.41
C PHE E 71 26.72 14.13 17.65
N THR E 72 25.90 13.29 18.29
CA THR E 72 26.34 11.99 18.77
C THR E 72 25.23 10.98 18.55
N LEU E 73 25.51 9.94 17.77
CA LEU E 73 24.64 8.78 17.64
C LEU E 73 25.25 7.62 18.44
N THR E 74 24.42 6.96 19.25
CA THR E 74 24.89 5.89 20.12
C THR E 74 24.03 4.64 19.95
N ILE E 75 24.67 3.51 19.73
CA ILE E 75 23.99 2.21 19.69
C ILE E 75 24.34 1.49 20.99
N SER E 76 23.33 1.32 21.86
CA SER E 76 23.58 0.80 23.21
C SER E 76 24.19 -0.60 23.15
N ASN E 77 23.45 -1.57 22.60
CA ASN E 77 23.92 -2.95 22.50
C ASN E 77 23.91 -3.36 21.03
N LEU E 78 25.09 -3.39 20.42
CA LEU E 78 25.19 -3.72 18.99
C LEU E 78 24.67 -5.12 18.71
N GLU E 79 23.74 -5.22 17.76
CA GLU E 79 23.27 -6.49 17.24
C GLU E 79 23.93 -6.79 15.90
N PRO E 80 23.88 -8.05 15.44
CA PRO E 80 24.50 -8.37 14.13
C PRO E 80 23.89 -7.60 12.99
N GLU E 81 22.68 -7.08 13.18
CA GLU E 81 21.95 -6.34 12.16
C GLU E 81 22.40 -4.89 12.04
N ASP E 82 23.11 -4.36 13.03
CA ASP E 82 23.46 -2.94 13.08
C ASP E 82 24.86 -2.66 12.50
N PHE E 83 25.39 -3.53 11.65
CA PHE E 83 26.70 -3.32 11.04
C PHE E 83 26.51 -2.84 9.60
N ALA E 84 26.67 -1.52 9.39
CA ALA E 84 26.48 -0.89 8.09
C ALA E 84 27.30 0.40 7.95
N VAL E 85 26.82 1.30 7.10
CA VAL E 85 27.43 2.63 6.97
C VAL E 85 26.44 3.66 7.51
N TYR E 86 26.98 4.73 8.08
CA TYR E 86 26.19 5.70 8.84
C TYR E 86 26.49 7.11 8.35
N TYR E 87 25.46 7.81 7.88
CA TYR E 87 25.57 9.19 7.41
C TYR E 87 24.78 10.14 8.30
N CYS E 88 25.41 11.26 8.66
CA CYS E 88 24.67 12.38 9.21
C CYS E 88 24.36 13.35 8.06
N GLN E 89 23.22 14.03 8.18
CA GLN E 89 22.71 14.87 7.11
C GLN E 89 21.98 16.08 7.69
N HIS E 90 22.25 17.26 7.13
CA HIS E 90 21.55 18.48 7.49
C HIS E 90 20.96 19.14 6.26
N ARG E 91 20.14 20.17 6.49
CA ARG E 91 19.40 20.79 5.40
C ARG E 91 19.30 22.30 5.59
N SER E 92 20.40 22.92 6.06
CA SER E 92 20.38 24.36 6.34
C SER E 92 20.36 25.22 5.08
N SER E 93 20.78 24.70 3.94
CA SER E 93 20.69 25.43 2.67
C SER E 93 19.48 24.94 1.86
N TRP E 94 18.29 25.15 2.44
CA TRP E 94 17.06 24.64 1.85
C TRP E 94 16.99 25.04 0.38
N PRO E 95 16.61 24.11 -0.51
CA PRO E 95 16.20 22.75 -0.18
C PRO E 95 17.34 21.74 -0.15
N ALA E 96 18.54 22.19 -0.50
CA ALA E 96 19.64 21.27 -0.76
C ALA E 96 19.91 20.37 0.44
N LEU E 97 20.25 19.12 0.15
CA LEU E 97 20.67 18.16 1.15
C LEU E 97 22.20 18.11 1.17
N THR E 98 22.78 17.99 2.37
CA THR E 98 24.22 17.81 2.51
C THR E 98 24.47 16.67 3.49
N PHE E 99 25.40 15.78 3.13
CA PHE E 99 25.75 14.62 3.94
C PHE E 99 27.17 14.72 4.46
N GLY E 100 27.49 13.83 5.40
CA GLY E 100 28.85 13.66 5.86
C GLY E 100 29.60 12.58 5.08
N GLY E 101 30.87 12.39 5.46
CA GLY E 101 31.71 11.40 4.82
C GLY E 101 31.46 9.96 5.22
N GLY E 102 30.55 9.71 6.15
CA GLY E 102 30.25 8.36 6.58
C GLY E 102 31.20 7.78 7.60
N THR E 103 30.68 6.88 8.43
CA THR E 103 31.47 6.14 9.41
C THR E 103 31.06 4.68 9.32
N LYS E 104 32.03 3.81 9.06
CA LYS E 104 31.77 2.39 8.87
C LYS E 104 31.96 1.66 10.19
N VAL E 105 31.02 0.78 10.52
CA VAL E 105 31.06 0.00 11.76
C VAL E 105 31.46 -1.43 11.41
N GLU E 106 32.72 -1.78 11.71
CA GLU E 106 33.30 -3.08 11.40
C GLU E 106 33.10 -4.07 12.55
N ILE E 107 33.01 -5.35 12.21
CA ILE E 107 32.99 -6.42 13.21
C ILE E 107 34.43 -6.69 13.66
N LYS E 108 34.64 -6.70 14.96
CA LYS E 108 35.98 -6.88 15.51
C LYS E 108 36.19 -8.34 15.89
N ARG E 109 37.31 -8.90 15.44
CA ARG E 109 37.67 -10.28 15.73
C ARG E 109 39.17 -10.35 16.00
N THR E 110 39.60 -11.51 16.46
CA THR E 110 41.00 -11.82 16.55
C THR E 110 41.57 -12.16 15.16
N VAL E 111 42.89 -12.21 15.09
CA VAL E 111 43.59 -12.56 13.85
C VAL E 111 43.43 -14.06 13.58
N ALA E 112 43.12 -14.44 12.31
CA ALA E 112 42.88 -15.85 11.95
C ALA E 112 43.34 -16.21 10.53
N ALA E 113 44.48 -16.91 10.45
CA ALA E 113 45.35 -16.95 9.26
C ALA E 113 44.59 -17.27 7.97
N PRO E 114 45.07 -16.73 6.82
CA PRO E 114 44.43 -17.01 5.52
C PRO E 114 44.91 -18.28 4.84
N SER E 115 44.02 -19.27 4.69
CA SER E 115 44.35 -20.47 3.93
C SER E 115 44.42 -20.11 2.44
N VAL E 116 45.59 -19.62 2.02
CA VAL E 116 45.76 -19.02 0.70
C VAL E 116 45.90 -20.11 -0.36
N PHE E 117 45.08 -20.03 -1.41
CA PHE E 117 45.25 -20.84 -2.60
C PHE E 117 45.41 -19.93 -3.81
N ILE E 118 46.32 -20.27 -4.72
CA ILE E 118 46.39 -19.56 -6.00
C ILE E 118 47.16 -20.44 -6.99
N PHE E 119 46.73 -20.41 -8.25
CA PHE E 119 47.27 -21.25 -9.30
C PHE E 119 47.30 -20.52 -10.65
N PRO E 120 48.33 -20.77 -11.46
CA PRO E 120 48.45 -20.08 -12.74
C PRO E 120 47.19 -20.33 -13.62
N PRO E 121 46.92 -19.41 -14.53
CA PRO E 121 45.80 -19.60 -15.47
C PRO E 121 46.05 -20.71 -16.47
N SER E 122 44.95 -21.11 -17.13
CA SER E 122 45.00 -22.07 -18.22
C SER E 122 45.57 -21.40 -19.48
N ASP E 123 46.15 -22.23 -20.35
CA ASP E 123 46.95 -21.79 -21.49
C ASP E 123 46.15 -21.53 -22.77
N GLU E 124 44.82 -21.68 -22.76
CA GLU E 124 44.04 -21.06 -23.84
C GLU E 124 44.21 -19.55 -23.87
N GLN E 125 44.59 -18.96 -22.74
CA GLN E 125 44.85 -17.54 -22.60
C GLN E 125 46.29 -17.16 -22.89
N LEU E 126 47.23 -18.11 -22.83
CA LEU E 126 48.66 -17.81 -22.88
C LEU E 126 49.21 -17.68 -24.30
N LYS E 127 48.39 -17.24 -25.25
CA LYS E 127 48.93 -16.88 -26.56
C LYS E 127 48.07 -15.83 -27.26
N SER E 128 47.16 -15.15 -26.55
CA SER E 128 46.38 -14.05 -27.11
C SER E 128 46.89 -12.70 -26.64
N GLY E 129 47.95 -12.67 -25.84
CA GLY E 129 48.45 -11.42 -25.31
C GLY E 129 48.15 -11.20 -23.85
N THR E 130 47.64 -12.22 -23.14
CA THR E 130 47.04 -11.98 -21.83
C THR E 130 47.41 -13.09 -20.85
N ALA E 131 47.65 -12.68 -19.60
CA ALA E 131 47.85 -13.56 -18.46
C ALA E 131 47.00 -13.04 -17.30
N SER E 132 46.71 -13.93 -16.35
CA SER E 132 45.87 -13.54 -15.21
C SER E 132 46.27 -14.40 -14.01
N VAL E 133 47.03 -13.82 -13.08
CA VAL E 133 47.49 -14.52 -11.89
C VAL E 133 47.22 -13.65 -10.68
N VAL E 134 47.10 -14.30 -9.52
CA VAL E 134 46.72 -13.70 -8.24
C VAL E 134 47.78 -13.99 -7.19
N CYS E 135 47.81 -13.15 -6.16
CA CYS E 135 48.50 -13.45 -4.90
C CYS E 135 47.35 -13.33 -3.89
N LEU E 136 46.63 -14.45 -3.71
CA LEU E 136 45.33 -14.47 -3.05
C LEU E 136 45.48 -14.62 -1.55
N LEU E 137 44.53 -14.03 -0.82
CA LEU E 137 44.37 -14.23 0.62
C LEU E 137 42.91 -14.56 0.87
N ASN E 138 42.65 -15.60 1.66
CA ASN E 138 41.30 -16.15 1.82
C ASN E 138 40.94 -16.21 3.30
N ASN E 139 39.75 -15.69 3.61
CA ASN E 139 39.11 -15.76 4.92
C ASN E 139 40.08 -15.35 6.04
N PHE E 140 40.41 -14.07 5.98
CA PHE E 140 41.23 -13.44 7.01
C PHE E 140 41.51 -11.97 6.77
N TYR E 141 41.38 -11.12 7.80
CA TYR E 141 41.91 -9.80 7.51
C TYR E 141 42.20 -9.11 8.83
N PRO E 142 43.45 -8.52 9.06
CA PRO E 142 43.54 -7.37 9.97
C PRO E 142 43.52 -5.99 9.33
N ARG E 143 42.43 -5.61 8.64
CA ARG E 143 42.26 -4.34 7.88
C ARG E 143 43.20 -4.18 6.69
N GLU E 144 44.50 -4.41 6.89
CA GLU E 144 45.49 -4.17 5.85
C GLU E 144 46.12 -5.46 5.40
N ALA E 145 46.34 -5.56 4.09
CA ALA E 145 47.09 -6.69 3.58
C ALA E 145 47.80 -6.20 2.32
N LYS E 146 49.12 -6.27 2.39
CA LYS E 146 50.02 -5.80 1.36
C LYS E 146 50.15 -6.77 0.20
N VAL E 147 50.10 -6.23 -1.02
CA VAL E 147 50.51 -6.93 -2.22
C VAL E 147 51.49 -6.01 -2.93
N GLN E 148 52.72 -6.48 -3.10
CA GLN E 148 53.76 -5.67 -3.72
C GLN E 148 54.65 -6.61 -4.53
N TRP E 149 54.84 -6.30 -5.79
CA TRP E 149 55.63 -7.13 -6.67
C TRP E 149 57.08 -6.67 -6.77
N LYS E 150 57.92 -7.57 -7.31
CA LYS E 150 59.33 -7.32 -7.56
C LYS E 150 59.63 -8.01 -8.90
N VAL E 151 59.75 -7.23 -9.96
CA VAL E 151 60.05 -7.75 -11.30
C VAL E 151 61.56 -7.66 -11.52
N ASP E 152 62.22 -8.80 -11.58
CA ASP E 152 63.69 -8.90 -11.58
C ASP E 152 64.30 -8.08 -10.44
N ASN E 153 63.71 -8.23 -9.26
CA ASN E 153 64.14 -7.52 -8.05
C ASN E 153 64.07 -6.00 -8.23
N ALA E 154 62.92 -5.54 -8.73
CA ALA E 154 62.63 -4.11 -8.91
C ALA E 154 61.21 -3.83 -8.45
N LEU E 155 61.06 -2.95 -7.46
CA LEU E 155 59.73 -2.59 -6.97
C LEU E 155 58.89 -2.04 -8.11
N GLN E 156 57.64 -2.46 -8.17
CA GLN E 156 56.79 -2.22 -9.32
C GLN E 156 55.57 -1.41 -8.89
N SER E 157 55.78 -0.15 -8.50
CA SER E 157 54.67 0.71 -8.14
C SER E 157 53.91 1.17 -9.38
N GLY E 158 53.28 0.23 -10.11
CA GLY E 158 52.56 0.59 -11.32
C GLY E 158 51.33 -0.21 -11.69
N ASN E 159 51.39 -1.53 -11.54
CA ASN E 159 50.31 -2.42 -11.95
C ASN E 159 50.12 -3.48 -10.87
N SER E 160 48.86 -3.63 -10.43
CA SER E 160 48.43 -4.58 -9.41
C SER E 160 46.92 -4.47 -9.26
N GLN E 161 46.16 -5.47 -9.75
CA GLN E 161 44.72 -5.51 -9.63
C GLN E 161 44.29 -6.10 -8.28
N GLU E 162 43.05 -5.79 -7.89
CA GLU E 162 42.59 -6.16 -6.56
C GLU E 162 41.08 -6.26 -6.52
N SER E 163 40.57 -7.25 -5.76
CA SER E 163 39.13 -7.34 -5.51
C SER E 163 38.90 -7.96 -4.14
N VAL E 164 38.11 -7.29 -3.31
CA VAL E 164 37.84 -7.69 -1.94
C VAL E 164 36.37 -8.02 -1.79
N THR E 165 36.06 -9.02 -0.96
CA THR E 165 34.69 -9.31 -0.57
C THR E 165 34.23 -8.34 0.52
N GLU E 166 33.12 -8.66 1.17
CA GLU E 166 32.65 -7.94 2.35
C GLU E 166 32.71 -8.89 3.54
N GLN E 167 32.53 -8.33 4.74
CA GLN E 167 32.62 -9.14 5.95
C GLN E 167 31.57 -10.24 5.94
N ASP E 168 32.01 -11.46 6.23
CA ASP E 168 31.12 -12.61 6.19
C ASP E 168 30.03 -12.52 7.25
N SER E 169 28.83 -12.99 6.89
CA SER E 169 27.74 -13.15 7.84
C SER E 169 28.00 -14.27 8.85
N LYS E 170 29.00 -15.12 8.62
CA LYS E 170 29.33 -16.21 9.53
C LYS E 170 30.70 -16.03 10.16
N ASP E 171 31.79 -15.97 9.38
CA ASP E 171 33.12 -15.87 9.95
C ASP E 171 33.55 -14.43 10.23
N SER E 172 32.96 -13.45 9.53
CA SER E 172 33.32 -12.03 9.67
C SER E 172 34.78 -11.78 9.32
N THR E 173 35.21 -12.29 8.16
CA THR E 173 36.51 -11.99 7.59
C THR E 173 36.36 -11.78 6.09
N TYR E 174 37.37 -11.18 5.48
CA TYR E 174 37.37 -10.88 4.05
C TYR E 174 38.14 -11.93 3.27
N SER E 175 38.22 -11.72 1.95
CA SER E 175 39.01 -12.55 1.06
C SER E 175 39.38 -11.73 -0.16
N LEU E 176 40.57 -11.95 -0.67
CA LEU E 176 41.19 -11.05 -1.63
C LEU E 176 41.59 -11.77 -2.90
N SER E 177 41.71 -10.98 -3.98
CA SER E 177 42.30 -11.44 -5.22
C SER E 177 43.16 -10.31 -5.76
N SER E 178 44.48 -10.46 -5.65
CA SER E 178 45.40 -9.55 -6.29
C SER E 178 45.58 -9.98 -7.74
N THR E 179 46.28 -9.16 -8.52
CA THR E 179 46.54 -9.52 -9.92
C THR E 179 47.61 -8.61 -10.51
N LEU E 180 48.62 -9.22 -11.14
CA LEU E 180 49.61 -8.48 -11.91
C LEU E 180 49.28 -8.73 -13.39
N THR E 181 48.79 -7.69 -14.07
CA THR E 181 48.33 -7.81 -15.45
C THR E 181 49.17 -6.93 -16.38
N LEU E 182 49.87 -7.58 -17.30
CA LEU E 182 50.47 -6.93 -18.46
C LEU E 182 50.13 -7.79 -19.67
N SER E 183 50.86 -7.62 -20.77
CA SER E 183 50.65 -8.42 -21.97
C SER E 183 51.85 -9.34 -22.23
N LYS E 184 51.72 -10.18 -23.26
CA LYS E 184 52.76 -11.12 -23.65
C LYS E 184 54.03 -10.45 -24.15
N ALA E 185 54.00 -9.15 -24.40
CA ALA E 185 55.24 -8.45 -24.77
C ALA E 185 56.29 -8.60 -23.69
N ASP E 186 55.90 -8.41 -22.43
CA ASP E 186 56.79 -8.51 -21.28
C ASP E 186 56.66 -9.83 -20.53
N TYR E 187 55.79 -10.74 -20.96
CA TYR E 187 55.50 -11.95 -20.20
C TYR E 187 56.72 -12.87 -20.12
N GLU E 188 57.25 -13.28 -21.27
CA GLU E 188 58.39 -14.18 -21.30
C GLU E 188 59.73 -13.48 -21.50
N LYS E 189 59.76 -12.19 -21.81
CA LYS E 189 61.03 -11.49 -21.87
C LYS E 189 61.58 -11.23 -20.47
N HIS E 190 60.72 -11.28 -19.45
CA HIS E 190 61.09 -11.40 -18.05
C HIS E 190 60.64 -12.78 -17.58
N LYS E 191 61.24 -13.27 -16.49
CA LYS E 191 60.85 -14.57 -15.98
C LYS E 191 60.97 -14.63 -14.47
N VAL E 192 61.73 -13.71 -13.88
CA VAL E 192 61.81 -13.60 -12.43
C VAL E 192 60.73 -12.63 -11.97
N TYR E 193 59.78 -13.13 -11.19
CA TYR E 193 58.69 -12.33 -10.64
C TYR E 193 58.36 -12.89 -9.27
N ALA E 194 58.27 -12.02 -8.27
CA ALA E 194 58.04 -12.47 -6.89
C ALA E 194 56.99 -11.57 -6.24
N CYS E 195 55.93 -12.18 -5.74
CA CYS E 195 54.90 -11.49 -4.99
C CYS E 195 55.11 -11.75 -3.50
N GLU E 196 55.38 -10.69 -2.74
CA GLU E 196 55.54 -10.79 -1.30
C GLU E 196 54.19 -10.55 -0.62
N VAL E 197 53.78 -11.48 0.22
CA VAL E 197 52.48 -11.42 0.89
C VAL E 197 52.74 -11.54 2.39
N THR E 198 52.85 -10.41 3.06
CA THR E 198 52.94 -10.32 4.51
C THR E 198 51.68 -9.66 5.03
N HIS E 199 51.11 -10.25 6.07
CA HIS E 199 49.95 -9.72 6.77
C HIS E 199 50.22 -9.63 8.26
N GLN E 200 49.90 -8.48 8.84
CA GLN E 200 49.93 -8.32 10.29
C GLN E 200 49.14 -9.44 10.98
N GLY E 201 49.81 -10.19 11.83
CA GLY E 201 49.22 -11.35 12.45
C GLY E 201 49.69 -12.69 11.91
N LEU E 202 50.76 -12.71 11.10
CA LEU E 202 51.29 -13.95 10.54
C LEU E 202 52.55 -14.38 11.30
N SER E 203 53.44 -15.06 10.62
CA SER E 203 54.77 -15.41 11.08
C SER E 203 55.85 -15.14 10.03
N SER E 204 55.55 -15.39 8.76
CA SER E 204 56.48 -15.15 7.65
C SER E 204 55.72 -15.26 6.33
N PRO E 205 56.08 -14.44 5.33
CA PRO E 205 55.30 -14.40 4.08
C PRO E 205 55.33 -15.69 3.26
N VAL E 206 54.32 -16.55 3.41
CA VAL E 206 54.21 -17.70 2.53
C VAL E 206 53.85 -17.18 1.15
N THR E 207 54.83 -17.11 0.25
CA THR E 207 54.65 -16.58 -1.09
C THR E 207 54.65 -17.76 -2.06
N LYS E 208 53.49 -18.05 -2.64
CA LYS E 208 53.38 -19.05 -3.69
C LYS E 208 53.13 -18.41 -5.04
N SER E 209 53.81 -18.96 -6.04
CA SER E 209 53.75 -18.56 -7.45
C SER E 209 54.18 -19.78 -8.24
N PHE E 210 54.67 -19.59 -9.47
CA PHE E 210 54.81 -20.71 -10.38
C PHE E 210 56.20 -20.72 -11.01
N ASN E 211 56.54 -21.88 -11.58
CA ASN E 211 57.73 -22.08 -12.40
C ASN E 211 57.79 -21.14 -13.59
N ARG E 212 58.77 -21.34 -14.45
CA ARG E 212 58.86 -20.59 -15.70
C ARG E 212 58.93 -19.08 -15.47
N GLN F 1 2.81 0.99 3.38
CA GLN F 1 2.65 0.67 1.98
C GLN F 1 3.14 1.82 1.09
N VAL F 2 3.95 2.70 1.67
CA VAL F 2 4.63 3.72 0.87
C VAL F 2 5.76 3.05 0.09
N GLN F 3 5.78 3.27 -1.22
CA GLN F 3 6.79 2.67 -2.08
C GLN F 3 7.23 3.63 -3.17
N LEU F 4 8.53 3.61 -3.45
CA LEU F 4 9.15 4.35 -4.54
C LEU F 4 9.80 3.36 -5.49
N VAL F 5 9.33 3.32 -6.73
CA VAL F 5 9.76 2.35 -7.72
C VAL F 5 10.42 3.08 -8.89
N GLN F 6 11.71 2.82 -9.10
CA GLN F 6 12.48 3.54 -10.10
C GLN F 6 12.53 2.75 -11.41
N SER F 7 12.71 3.48 -12.51
CA SER F 7 12.79 2.89 -13.83
C SER F 7 13.54 3.85 -14.74
N GLY F 8 14.15 3.30 -15.79
CA GLY F 8 14.82 4.10 -16.79
C GLY F 8 16.34 4.12 -16.75
N GLY F 9 16.98 3.15 -16.10
CA GLY F 9 18.43 3.10 -16.08
C GLY F 9 19.05 2.65 -17.40
N GLY F 10 20.09 1.85 -17.31
CA GLY F 10 20.77 1.31 -18.48
C GLY F 10 22.07 2.01 -18.83
N LEU F 11 22.46 1.84 -20.09
CA LEU F 11 23.74 2.34 -20.58
C LEU F 11 23.58 3.53 -21.50
N VAL F 12 24.54 4.45 -21.43
CA VAL F 12 24.63 5.59 -22.33
C VAL F 12 26.11 5.90 -22.53
N GLN F 13 26.47 6.32 -23.74
CA GLN F 13 27.83 6.69 -24.12
C GLN F 13 28.06 8.18 -23.87
N PRO F 14 29.28 8.54 -23.45
CA PRO F 14 29.56 9.93 -23.09
C PRO F 14 29.07 10.91 -24.14
N GLY F 15 28.33 11.92 -23.68
CA GLY F 15 27.65 12.86 -24.54
C GLY F 15 26.18 12.61 -24.69
N GLY F 16 25.72 11.38 -24.47
CA GLY F 16 24.33 11.01 -24.69
C GLY F 16 23.36 11.60 -23.69
N SER F 17 22.17 11.02 -23.60
CA SER F 17 21.12 11.51 -22.72
C SER F 17 20.37 10.33 -22.12
N LEU F 18 19.74 10.56 -20.97
CA LEU F 18 18.92 9.56 -20.30
C LEU F 18 17.74 10.21 -19.62
N ARG F 19 16.72 9.39 -19.32
CA ARG F 19 15.57 9.84 -18.55
C ARG F 19 15.26 8.79 -17.48
N LEU F 20 15.20 9.22 -16.23
CA LEU F 20 14.87 8.36 -15.11
C LEU F 20 13.43 8.61 -14.66
N SER F 21 12.89 7.65 -13.92
CA SER F 21 11.51 7.75 -13.47
C SER F 21 11.38 7.11 -12.10
N CYS F 22 10.54 7.73 -11.26
CA CYS F 22 10.21 7.21 -9.94
C CYS F 22 8.69 7.21 -9.81
N ALA F 23 8.12 6.05 -9.52
CA ALA F 23 6.68 5.90 -9.32
C ALA F 23 6.41 5.69 -7.84
N ALA F 24 5.44 6.43 -7.32
CA ALA F 24 5.12 6.43 -5.90
C ALA F 24 3.73 5.84 -5.70
N SER F 25 3.54 5.20 -4.55
CA SER F 25 2.25 4.66 -4.19
C SER F 25 2.15 4.57 -2.67
N GLY F 26 0.98 4.93 -2.14
CA GLY F 26 0.73 4.82 -0.71
C GLY F 26 0.63 6.13 0.04
N PHE F 27 0.53 7.26 -0.65
CA PHE F 27 0.49 8.55 0.02
C PHE F 27 0.09 9.62 -0.99
N ALA F 28 -0.26 10.79 -0.46
CA ALA F 28 -0.63 11.93 -1.29
C ALA F 28 0.62 12.52 -1.93
N PHE F 29 0.75 12.35 -3.25
CA PHE F 29 1.99 12.70 -3.91
C PHE F 29 2.22 14.21 -3.88
N SER F 30 1.17 14.98 -4.10
CA SER F 30 1.34 16.43 -4.12
C SER F 30 1.74 17.01 -2.75
N ASN F 31 1.65 16.23 -1.68
CA ASN F 31 1.92 16.74 -0.34
C ASN F 31 3.39 16.64 0.04
N HIS F 32 4.23 15.98 -0.75
CA HIS F 32 5.60 15.76 -0.36
C HIS F 32 6.54 16.16 -1.48
N GLY F 33 7.64 16.78 -1.10
CA GLY F 33 8.66 17.08 -2.07
C GLY F 33 9.55 15.87 -2.32
N MET F 34 10.18 15.87 -3.49
CA MET F 34 10.99 14.75 -3.93
C MET F 34 12.39 15.24 -4.27
N HIS F 35 13.38 14.40 -3.98
CA HIS F 35 14.77 14.66 -4.24
C HIS F 35 15.32 13.65 -5.23
N TRP F 36 16.43 14.03 -5.86
CA TRP F 36 17.28 13.10 -6.58
C TRP F 36 18.64 13.12 -5.91
N VAL F 37 19.14 11.93 -5.60
CA VAL F 37 20.41 11.74 -4.91
C VAL F 37 21.19 10.66 -5.65
N ARG F 38 22.50 10.87 -5.81
CA ARG F 38 23.35 9.89 -6.46
C ARG F 38 24.50 9.51 -5.54
N GLN F 39 24.99 8.28 -5.72
CA GLN F 39 26.07 7.73 -4.90
C GLN F 39 27.09 7.11 -5.85
N ALA F 40 28.19 7.82 -6.08
CA ALA F 40 29.28 7.28 -6.87
C ALA F 40 29.77 5.97 -6.26
N PRO F 41 30.22 5.01 -7.07
CA PRO F 41 30.52 3.68 -6.53
C PRO F 41 31.59 3.74 -5.46
N GLY F 42 31.20 3.43 -4.22
CA GLY F 42 32.11 3.41 -3.09
C GLY F 42 32.24 4.73 -2.34
N LYS F 43 31.82 5.84 -2.94
CA LYS F 43 31.96 7.15 -2.32
C LYS F 43 30.69 7.46 -1.51
N GLY F 44 30.47 8.72 -1.17
CA GLY F 44 29.33 9.12 -0.37
C GLY F 44 28.16 9.62 -1.21
N LEU F 45 27.11 10.03 -0.51
CA LEU F 45 25.89 10.53 -1.15
C LEU F 45 26.08 11.97 -1.64
N GLU F 46 25.39 12.30 -2.73
CA GLU F 46 25.45 13.64 -3.31
C GLU F 46 24.06 14.11 -3.74
N TRP F 47 23.67 15.29 -3.26
CA TRP F 47 22.39 15.88 -3.66
C TRP F 47 22.47 16.44 -5.08
N LEU F 48 21.37 16.29 -5.83
CA LEU F 48 21.33 16.69 -7.23
C LEU F 48 20.25 17.73 -7.48
N SER F 49 19.01 17.43 -7.13
CA SER F 49 17.91 18.32 -7.44
C SER F 49 16.74 18.04 -6.51
N TYR F 50 15.87 19.02 -6.41
CA TYR F 50 14.67 18.97 -5.57
C TYR F 50 13.55 19.64 -6.32
N ILE F 51 12.36 19.08 -6.18
CA ILE F 51 11.16 19.69 -6.72
C ILE F 51 10.10 19.53 -5.67
N SER F 52 9.35 20.59 -5.40
CA SER F 52 8.38 20.60 -4.34
C SER F 52 7.02 20.14 -4.86
N GLY F 53 6.23 19.55 -3.96
CA GLY F 53 4.95 18.96 -4.30
C GLY F 53 4.02 19.83 -5.14
N SER F 54 3.55 20.94 -4.59
CA SER F 54 2.56 21.77 -5.26
C SER F 54 3.10 23.13 -5.69
N THR F 55 4.08 23.68 -4.97
CA THR F 55 4.53 25.05 -5.27
C THR F 55 5.35 25.13 -6.55
N GLY F 56 5.75 23.99 -7.12
CA GLY F 56 6.57 24.00 -8.32
C GLY F 56 7.89 24.70 -8.15
N ALA F 57 8.46 24.70 -6.94
CA ALA F 57 9.78 25.26 -6.71
C ALA F 57 10.85 24.24 -7.07
N ILE F 58 11.82 24.64 -7.88
CA ILE F 58 12.79 23.73 -8.46
C ILE F 58 14.19 24.26 -8.17
N HIS F 59 15.09 23.37 -7.73
CA HIS F 59 16.46 23.74 -7.39
C HIS F 59 17.42 22.65 -7.80
N TYR F 60 18.59 23.04 -8.28
CA TYR F 60 19.58 22.09 -8.74
C TYR F 60 20.92 22.33 -8.06
N ALA F 61 21.72 21.28 -7.97
CA ALA F 61 23.10 21.40 -7.54
C ALA F 61 23.93 22.17 -8.57
N ASN F 62 25.00 22.81 -8.09
CA ASN F 62 25.89 23.52 -9.00
C ASN F 62 26.55 22.56 -9.99
N SER F 63 26.76 21.30 -9.59
CA SER F 63 27.46 20.36 -10.45
C SER F 63 26.64 19.92 -11.66
N VAL F 64 25.31 20.03 -11.60
CA VAL F 64 24.50 19.50 -12.71
C VAL F 64 23.55 20.57 -13.25
N LYS F 65 23.66 21.81 -12.75
CA LYS F 65 22.78 22.88 -13.21
C LYS F 65 23.02 23.19 -14.70
N GLY F 66 21.93 23.42 -15.42
CA GLY F 66 22.01 23.64 -16.85
C GLY F 66 21.94 22.39 -17.69
N ARG F 67 22.31 21.24 -17.12
CA ARG F 67 22.32 19.94 -17.79
C ARG F 67 21.13 19.05 -17.45
N PHE F 68 20.64 19.10 -16.20
CA PHE F 68 19.56 18.25 -15.72
C PHE F 68 18.25 19.03 -15.58
N THR F 69 17.13 18.31 -15.70
CA THR F 69 15.79 18.88 -15.57
C THR F 69 14.94 17.94 -14.74
N ILE F 70 14.35 18.45 -13.66
CA ILE F 70 13.48 17.66 -12.81
C ILE F 70 12.04 18.06 -13.09
N SER F 71 11.12 17.12 -12.86
CA SER F 71 9.74 17.35 -13.21
C SER F 71 8.88 16.29 -12.55
N ARG F 72 7.61 16.64 -12.35
CA ARG F 72 6.67 15.69 -11.76
C ARG F 72 5.29 15.88 -12.38
N ASP F 73 4.55 14.78 -12.50
CA ASP F 73 3.14 14.81 -12.87
C ASP F 73 2.36 14.26 -11.68
N ASN F 74 1.75 15.15 -10.90
CA ASN F 74 1.05 14.73 -9.70
C ASN F 74 -0.15 13.86 -10.01
N ALA F 75 -0.68 13.92 -11.24
CA ALA F 75 -1.82 13.09 -11.59
C ALA F 75 -1.42 11.62 -11.74
N ARG F 76 -0.24 11.36 -12.33
CA ARG F 76 0.23 10.00 -12.58
C ARG F 76 1.20 9.50 -11.51
N ASN F 77 1.41 10.29 -10.46
CA ASN F 77 2.24 9.90 -9.30
C ASN F 77 3.67 9.55 -9.72
N SER F 78 4.18 10.26 -10.71
CA SER F 78 5.49 9.94 -11.26
C SER F 78 6.41 11.13 -11.10
N LEU F 79 7.71 10.82 -11.16
CA LEU F 79 8.79 11.80 -11.04
C LEU F 79 9.91 11.38 -11.98
N ASP F 80 10.34 12.29 -12.84
CA ASP F 80 11.30 11.98 -13.89
C ASP F 80 12.55 12.85 -13.75
N LEU F 81 13.69 12.28 -14.15
CA LEU F 81 14.96 13.00 -14.15
C LEU F 81 15.57 12.91 -15.55
N GLN F 82 15.66 14.05 -16.23
CA GLN F 82 16.29 14.14 -17.53
C GLN F 82 17.77 14.45 -17.36
N MET F 83 18.63 13.54 -17.82
CA MET F 83 20.08 13.68 -17.71
C MET F 83 20.69 13.78 -19.10
N ASN F 84 21.27 14.95 -19.40
CA ASN F 84 21.92 15.20 -20.68
C ASN F 84 23.42 15.42 -20.47
N SER F 85 24.17 15.30 -21.56
CA SER F 85 25.59 15.66 -21.56
C SER F 85 26.35 14.93 -20.46
N LEU F 86 26.13 13.63 -20.37
CA LEU F 86 26.72 12.86 -19.29
C LEU F 86 28.22 12.65 -19.52
N GLY F 87 28.90 12.21 -18.47
CA GLY F 87 30.29 11.82 -18.51
C GLY F 87 30.49 10.72 -17.50
N ASP F 88 31.71 10.17 -17.45
CA ASP F 88 31.95 9.06 -16.53
C ASP F 88 31.95 9.51 -15.07
N GLU F 89 32.13 10.82 -14.82
CA GLU F 89 31.96 11.37 -13.48
C GLU F 89 30.52 11.26 -12.99
N ASP F 90 29.55 11.08 -13.90
CA ASP F 90 28.15 10.94 -13.54
C ASP F 90 27.74 9.48 -13.38
N THR F 91 28.66 8.54 -13.52
CA THR F 91 28.38 7.12 -13.29
C THR F 91 28.18 6.87 -11.80
N ALA F 92 26.96 6.52 -11.41
CA ALA F 92 26.64 6.29 -10.01
C ALA F 92 25.29 5.60 -9.90
N VAL F 93 24.95 5.16 -8.69
CA VAL F 93 23.60 4.72 -8.39
C VAL F 93 22.74 5.94 -8.07
N TYR F 94 21.58 6.04 -8.71
CA TYR F 94 20.69 7.17 -8.55
C TYR F 94 19.43 6.75 -7.81
N TYR F 95 19.09 7.49 -6.76
CA TYR F 95 17.90 7.24 -5.96
C TYR F 95 16.95 8.43 -6.06
N CYS F 96 15.65 8.15 -6.10
CA CYS F 96 14.64 9.16 -5.80
C CYS F 96 14.31 9.07 -4.33
N ALA F 97 14.29 10.22 -3.65
CA ALA F 97 13.99 10.28 -2.23
C ALA F 97 12.92 11.33 -1.99
N ARG F 98 11.98 11.00 -1.11
CA ARG F 98 10.89 11.90 -0.76
C ARG F 98 11.17 12.56 0.58
N ASP F 99 10.60 13.74 0.76
CA ASP F 99 10.58 14.44 2.03
C ASP F 99 9.45 13.87 2.89
N GLY F 100 9.79 13.18 3.97
CA GLY F 100 8.79 12.57 4.82
C GLY F 100 9.26 12.35 6.25
N PRO F 101 8.34 11.98 7.14
CA PRO F 101 6.92 11.67 6.88
C PRO F 101 5.98 12.88 6.80
N ARG F 102 6.48 14.09 7.20
CA ARG F 102 5.63 15.26 7.36
C ARG F 102 5.48 16.00 6.04
N PRO F 103 4.25 16.34 5.64
CA PRO F 103 4.03 16.97 4.33
C PRO F 103 4.50 18.42 4.31
N ASP F 104 4.54 18.98 3.09
CA ASP F 104 5.00 20.36 2.91
C ASP F 104 4.14 21.35 3.70
N GLY F 105 2.83 21.12 3.74
CA GLY F 105 1.94 22.05 4.38
C GLY F 105 2.06 22.11 5.89
N THR F 106 3.05 21.43 6.47
CA THR F 106 3.25 21.53 7.91
C THR F 106 4.40 22.46 8.25
N GLY F 107 5.06 23.03 7.26
CA GLY F 107 6.13 23.96 7.51
C GLY F 107 7.47 23.33 7.88
N TYR F 108 7.54 22.02 8.07
CA TYR F 108 8.81 21.35 8.38
C TYR F 108 9.72 21.38 7.16
N ALA F 109 10.81 22.15 7.26
CA ALA F 109 11.77 22.30 6.17
C ALA F 109 13.12 21.77 6.60
N GLY F 110 13.09 20.66 7.33
CA GLY F 110 14.28 20.06 7.85
C GLY F 110 14.65 18.78 7.14
N PRO F 111 15.73 18.17 7.60
CA PRO F 111 16.25 16.97 6.96
C PRO F 111 15.52 15.74 7.46
N SER F 112 14.75 15.11 6.58
CA SER F 112 14.12 13.84 6.89
C SER F 112 13.58 13.23 5.61
N ASN F 113 14.25 12.20 5.13
CA ASN F 113 13.77 11.38 4.02
C ASN F 113 13.62 9.96 4.55
N ASP F 114 12.38 9.52 4.70
CA ASP F 114 12.09 8.23 5.32
C ASP F 114 11.93 7.10 4.32
N TYR F 115 11.65 7.42 3.05
CA TYR F 115 11.42 6.42 2.01
C TYR F 115 12.24 6.76 0.77
N TRP F 116 13.14 5.87 0.39
CA TRP F 116 13.97 6.02 -0.80
C TRP F 116 13.49 5.06 -1.89
N GLY F 117 14.11 5.17 -3.05
CA GLY F 117 13.94 4.18 -4.08
C GLY F 117 14.88 3.01 -3.86
N GLN F 118 14.83 2.06 -4.79
CA GLN F 118 15.69 0.89 -4.67
C GLN F 118 17.08 1.13 -5.24
N GLY F 119 17.24 2.11 -6.10
CA GLY F 119 18.53 2.34 -6.72
C GLY F 119 18.45 2.05 -8.20
N THR F 120 19.17 2.84 -8.99
CA THR F 120 19.18 2.66 -10.44
C THR F 120 20.56 3.03 -10.97
N LEU F 121 21.25 2.05 -11.53
CA LEU F 121 22.62 2.25 -11.99
C LEU F 121 22.64 2.98 -13.33
N VAL F 122 23.60 3.89 -13.48
CA VAL F 122 23.84 4.59 -14.74
C VAL F 122 25.34 4.51 -15.02
N SER F 123 25.69 3.96 -16.18
CA SER F 123 27.08 3.81 -16.57
C SER F 123 27.32 4.62 -17.84
N VAL F 124 28.42 5.37 -17.86
CA VAL F 124 28.76 6.23 -18.99
C VAL F 124 30.10 5.73 -19.54
N SER F 125 30.02 4.79 -20.49
CA SER F 125 31.19 4.26 -21.18
C SER F 125 30.85 4.12 -22.66
N SER F 126 31.88 4.13 -23.49
CA SER F 126 31.66 3.96 -24.92
C SER F 126 31.53 2.50 -25.32
N ALA F 127 31.90 1.57 -24.45
CA ALA F 127 31.76 0.15 -24.74
C ALA F 127 30.29 -0.24 -24.95
N SER F 128 30.09 -1.42 -25.53
CA SER F 128 28.77 -1.96 -25.81
C SER F 128 28.55 -3.23 -24.98
N THR F 129 27.29 -3.64 -24.88
CA THR F 129 26.95 -4.79 -24.04
C THR F 129 27.50 -6.09 -24.62
N LYS F 130 27.99 -6.96 -23.74
CA LYS F 130 28.59 -8.23 -24.14
C LYS F 130 28.59 -9.17 -22.95
N GLY F 131 28.71 -10.46 -23.23
CA GLY F 131 28.61 -11.47 -22.21
C GLY F 131 29.96 -11.91 -21.66
N PRO F 132 29.96 -12.62 -20.54
CA PRO F 132 31.20 -13.01 -19.88
C PRO F 132 31.85 -14.21 -20.57
N SER F 133 33.02 -14.58 -20.08
CA SER F 133 33.80 -15.69 -20.62
C SER F 133 34.62 -16.33 -19.51
N VAL F 134 34.59 -17.66 -19.43
CA VAL F 134 35.24 -18.41 -18.36
C VAL F 134 36.47 -19.11 -18.93
N PHE F 135 37.56 -19.10 -18.15
CA PHE F 135 38.78 -19.80 -18.47
C PHE F 135 39.05 -20.90 -17.44
N PRO F 136 39.44 -22.10 -17.88
CA PRO F 136 39.73 -23.19 -16.93
C PRO F 136 40.93 -22.88 -16.06
N LEU F 137 41.28 -23.77 -15.14
CA LEU F 137 42.30 -23.51 -14.13
C LEU F 137 43.44 -24.52 -14.21
N ALA F 138 44.65 -24.04 -13.96
CA ALA F 138 45.85 -24.86 -14.04
C ALA F 138 46.85 -24.50 -12.95
N THR F 148 46.59 -28.01 0.87
CA THR F 148 45.26 -27.85 0.27
C THR F 148 45.33 -26.97 -0.97
N ALA F 149 44.63 -27.37 -2.02
CA ALA F 149 44.70 -26.71 -3.33
C ALA F 149 43.30 -26.63 -3.95
N ALA F 150 42.61 -25.51 -3.77
CA ALA F 150 41.27 -25.35 -4.31
C ALA F 150 41.08 -23.99 -4.97
N LEU F 151 40.45 -23.99 -6.15
CA LEU F 151 40.06 -22.80 -6.89
C LEU F 151 38.85 -23.15 -7.76
N GLY F 152 38.12 -22.12 -8.19
CA GLY F 152 36.90 -22.34 -8.95
C GLY F 152 36.79 -21.45 -10.19
N CYS F 153 35.55 -21.19 -10.59
CA CYS F 153 35.27 -20.49 -11.84
C CYS F 153 35.75 -19.05 -11.81
N LEU F 154 36.15 -18.54 -12.99
CA LEU F 154 36.65 -17.17 -13.17
C LEU F 154 36.03 -16.60 -14.45
N VAL F 155 35.66 -15.33 -14.40
CA VAL F 155 35.00 -14.64 -15.50
C VAL F 155 35.76 -13.36 -15.85
N LYS F 156 35.86 -13.06 -17.14
CA LYS F 156 36.51 -11.84 -17.62
C LYS F 156 35.80 -11.40 -18.90
N ASP F 157 36.23 -10.26 -19.46
CA ASP F 157 35.80 -9.80 -20.78
C ASP F 157 34.28 -9.53 -20.81
N TYR F 158 33.76 -8.99 -19.72
CA TYR F 158 32.32 -8.82 -19.56
C TYR F 158 31.97 -7.38 -19.21
N PHE F 159 30.80 -6.93 -19.71
CA PHE F 159 30.27 -5.58 -19.55
C PHE F 159 28.81 -5.52 -20.02
N PRO F 160 27.91 -4.81 -19.31
CA PRO F 160 28.04 -4.09 -18.04
C PRO F 160 27.79 -4.97 -16.81
N GLU F 161 26.77 -4.65 -16.03
CA GLU F 161 26.30 -5.41 -14.88
C GLU F 161 24.82 -5.72 -15.06
N PRO F 162 24.25 -6.65 -14.27
CA PRO F 162 24.78 -7.53 -13.20
C PRO F 162 25.13 -8.95 -13.66
N VAL F 163 25.44 -9.83 -12.71
CA VAL F 163 25.67 -11.25 -12.97
C VAL F 163 25.21 -12.10 -11.78
N THR F 164 24.28 -13.02 -12.02
CA THR F 164 23.83 -14.00 -11.03
C THR F 164 24.67 -15.27 -11.14
N VAL F 165 25.08 -15.82 -9.99
CA VAL F 165 26.02 -16.94 -9.93
C VAL F 165 25.40 -18.06 -9.09
N SER F 166 25.43 -19.29 -9.62
CA SER F 166 25.02 -20.49 -8.89
C SER F 166 26.01 -21.60 -9.19
N TRP F 167 25.89 -22.72 -8.48
CA TRP F 167 26.86 -23.81 -8.68
C TRP F 167 26.24 -25.19 -8.86
N ASN F 168 26.96 -26.21 -8.38
CA ASN F 168 26.52 -27.60 -8.49
C ASN F 168 25.18 -27.77 -7.79
N SER F 169 24.16 -28.16 -8.57
CA SER F 169 22.84 -28.46 -8.02
C SER F 169 22.22 -27.30 -7.24
N GLY F 170 22.96 -26.73 -6.30
CA GLY F 170 22.46 -25.68 -5.43
C GLY F 170 22.48 -26.09 -3.96
N ALA F 171 23.40 -26.99 -3.64
CA ALA F 171 23.63 -27.48 -2.27
C ALA F 171 25.06 -27.18 -1.81
N LEU F 172 25.69 -26.14 -2.35
CA LEU F 172 27.09 -25.82 -2.03
C LEU F 172 27.29 -24.31 -1.94
N THR F 173 27.05 -23.76 -0.74
CA THR F 173 27.34 -22.37 -0.43
C THR F 173 28.48 -22.21 0.58
N SER F 174 28.75 -23.22 1.40
CA SER F 174 29.82 -23.16 2.40
C SER F 174 31.17 -23.17 1.68
N GLY F 175 31.74 -21.99 1.50
CA GLY F 175 33.00 -21.81 0.82
C GLY F 175 32.94 -20.91 -0.39
N VAL F 176 31.74 -20.57 -0.88
CA VAL F 176 31.61 -19.71 -2.05
C VAL F 176 31.97 -18.29 -1.65
N HIS F 177 32.97 -17.72 -2.32
CA HIS F 177 33.43 -16.36 -2.05
C HIS F 177 33.37 -15.62 -3.39
N THR F 178 32.17 -15.20 -3.78
CA THR F 178 32.02 -14.45 -5.02
C THR F 178 32.50 -13.02 -4.80
N PHE F 179 33.45 -12.59 -5.61
CA PHE F 179 34.01 -11.25 -5.42
C PHE F 179 33.20 -10.25 -6.22
N PRO F 180 32.84 -9.11 -5.64
CA PRO F 180 32.14 -8.08 -6.42
C PRO F 180 32.98 -7.64 -7.61
N ALA F 181 32.29 -7.24 -8.67
CA ALA F 181 32.96 -6.91 -9.92
C ALA F 181 33.93 -5.74 -9.72
N VAL F 182 34.85 -5.62 -10.67
CA VAL F 182 35.81 -4.52 -10.71
C VAL F 182 35.93 -4.05 -12.15
N LEU F 183 36.09 -2.74 -12.33
CA LEU F 183 36.26 -2.15 -13.65
C LEU F 183 37.74 -2.18 -14.05
N GLN F 184 37.99 -2.12 -15.35
CA GLN F 184 39.34 -2.26 -15.90
C GLN F 184 39.63 -1.16 -16.92
N SER F 185 40.85 -1.18 -17.45
CA SER F 185 41.22 -0.22 -18.48
C SER F 185 40.65 -0.58 -19.85
N SER F 186 39.89 -1.67 -19.96
CA SER F 186 39.21 -2.04 -21.19
C SER F 186 37.75 -1.63 -21.18
N GLY F 187 37.26 -1.03 -20.10
CA GLY F 187 35.86 -0.71 -19.95
C GLY F 187 34.98 -1.87 -19.53
N LEU F 188 35.53 -3.07 -19.44
CA LEU F 188 34.78 -4.28 -19.13
C LEU F 188 35.11 -4.75 -17.72
N TYR F 189 34.13 -5.37 -17.07
CA TYR F 189 34.28 -5.84 -15.70
C TYR F 189 34.72 -7.30 -15.67
N SER F 190 34.84 -7.86 -14.47
CA SER F 190 35.24 -9.24 -14.27
C SER F 190 34.83 -9.66 -12.87
N LEU F 191 34.79 -10.98 -12.66
CA LEU F 191 34.25 -11.54 -11.42
C LEU F 191 35.02 -12.81 -11.07
N SER F 192 34.66 -13.39 -9.92
CA SER F 192 35.24 -14.66 -9.49
C SER F 192 34.37 -15.27 -8.39
N SER F 193 34.45 -16.59 -8.27
CA SER F 193 33.74 -17.35 -7.24
C SER F 193 34.56 -18.60 -6.95
N VAL F 194 34.92 -18.80 -5.68
CA VAL F 194 35.91 -19.82 -5.29
C VAL F 194 35.28 -20.80 -4.32
N VAL F 195 35.85 -22.01 -4.28
CA VAL F 195 35.47 -23.05 -3.33
C VAL F 195 36.74 -23.61 -2.70
N THR F 196 36.66 -23.90 -1.40
CA THR F 196 37.78 -24.48 -0.65
C THR F 196 37.52 -25.94 -0.34
N VAL F 197 38.53 -26.79 -0.53
CA VAL F 197 38.42 -28.21 -0.20
C VAL F 197 39.81 -28.71 0.19
N PRO F 198 39.90 -29.72 1.06
CA PRO F 198 41.22 -30.30 1.38
C PRO F 198 41.89 -30.94 0.16
N SER F 199 43.21 -31.07 0.25
CA SER F 199 44.03 -31.62 -0.84
C SER F 199 43.82 -33.12 -1.05
N SER F 200 42.92 -33.76 -0.30
CA SER F 200 42.60 -35.16 -0.58
C SER F 200 41.72 -35.28 -1.82
N SER F 201 40.92 -34.25 -2.12
CA SER F 201 40.03 -34.21 -3.27
C SER F 201 40.45 -33.12 -4.26
N LEU F 202 41.76 -32.93 -4.46
CA LEU F 202 42.25 -31.91 -5.39
C LEU F 202 41.97 -32.26 -6.83
N GLY F 203 41.59 -33.50 -7.11
CA GLY F 203 41.23 -33.94 -8.45
C GLY F 203 40.03 -34.86 -8.43
N THR F 204 39.59 -35.25 -7.24
CA THR F 204 38.56 -36.29 -7.09
C THR F 204 37.18 -35.80 -7.49
N GLN F 205 36.76 -34.64 -6.99
CA GLN F 205 35.41 -34.16 -7.24
C GLN F 205 35.39 -33.13 -8.36
N THR F 206 34.32 -33.14 -9.15
CA THR F 206 34.12 -32.24 -10.28
C THR F 206 33.45 -30.96 -9.83
N TYR F 207 33.60 -29.91 -10.65
CA TYR F 207 33.14 -28.56 -10.31
C TYR F 207 32.54 -27.90 -11.54
N ILE F 208 31.23 -27.65 -11.52
CA ILE F 208 30.50 -27.06 -12.66
C ILE F 208 29.80 -25.79 -12.17
N CYS F 209 30.24 -24.64 -12.68
CA CYS F 209 29.75 -23.34 -12.26
C CYS F 209 28.60 -22.86 -13.15
N ASN F 210 27.42 -22.64 -12.55
CA ASN F 210 26.22 -22.19 -13.26
C ASN F 210 26.04 -20.69 -13.04
N VAL F 211 26.44 -19.88 -14.03
CA VAL F 211 26.37 -18.41 -13.96
C VAL F 211 25.57 -17.75 -15.08
N ASN F 212 26.27 -16.97 -15.92
CA ASN F 212 25.72 -16.55 -17.19
C ASN F 212 24.91 -15.26 -16.99
N HIS F 213 25.23 -14.25 -17.80
CA HIS F 213 24.65 -12.93 -17.80
C HIS F 213 23.26 -13.05 -18.42
N LYS F 214 22.29 -12.30 -17.87
CA LYS F 214 20.94 -12.50 -18.40
C LYS F 214 20.30 -11.38 -19.22
N PRO F 215 20.47 -10.11 -18.89
CA PRO F 215 20.00 -9.07 -19.83
C PRO F 215 20.59 -9.23 -21.24
N SER F 216 21.70 -9.96 -21.44
CA SER F 216 22.10 -10.35 -22.79
C SER F 216 22.08 -11.87 -23.00
N ASN F 217 21.73 -12.63 -21.97
CA ASN F 217 21.59 -14.09 -22.05
C ASN F 217 22.81 -14.78 -22.66
N THR F 218 24.00 -14.40 -22.23
CA THR F 218 25.23 -15.02 -22.77
C THR F 218 25.61 -16.14 -21.80
N LYS F 219 25.23 -17.41 -22.03
CA LYS F 219 25.54 -18.45 -21.07
C LYS F 219 26.80 -19.22 -21.46
N VAL F 220 27.54 -19.62 -20.42
CA VAL F 220 28.79 -20.38 -20.48
C VAL F 220 29.02 -21.18 -19.19
N ASP F 221 29.15 -22.49 -19.32
CA ASP F 221 29.52 -23.43 -18.26
C ASP F 221 30.86 -24.08 -18.56
N LYS F 222 31.63 -24.37 -17.51
CA LYS F 222 32.92 -25.03 -17.67
C LYS F 222 33.32 -25.76 -16.39
N LYS F 223 33.89 -26.96 -16.55
CA LYS F 223 34.35 -27.82 -15.47
C LYS F 223 35.81 -27.55 -15.11
N VAL F 224 36.19 -27.98 -13.90
CA VAL F 224 37.53 -27.77 -13.35
C VAL F 224 38.16 -29.13 -13.09
N GLU F 225 39.44 -29.26 -13.44
CA GLU F 225 40.21 -30.46 -13.15
C GLU F 225 40.24 -30.79 -11.66
#